data_7YUU
#
_entry.id   7YUU
#
_cell.length_a   1.00
_cell.length_b   1.00
_cell.length_c   1.00
_cell.angle_alpha   90.00
_cell.angle_beta   90.00
_cell.angle_gamma   90.00
#
_symmetry.space_group_name_H-M   'P 1'
#
_entity_poly.entity_id   1
_entity_poly.type   'polypeptide(L)'
_entity_poly.pdbx_seq_one_letter_code
;MRLELPVIPLRNTVILPHTTTPVDVGRAKSKRAVEEAMGADRLIFLVAQRDPEVDDPAPDDLYTWGVQAVVKQAMRLPDG
TLQVMVEARARAQVTDYIPGPYLRARGEVFSEIFPIDEAVVRVLVEELKEAFEKYVANHKSLRLDRYQLEAVKGTSDPAM
LADTIAYHATWTVAEKQEILELTDLEARLKKVLGLLSRDLERFELDKRVAQRVKEQMDTNQREYYLREQMKAIQKELGGE
DGLSDLEALRKKIEEVGMPEAVKTKALKELDRLERMQQGSPEATVARTYLDWLTEVPWSKADPEVLDINHTRQVLDEDHY
GLKDVKERILEYLAVRQLTQGLDVRNKAPILVLVGPPGVGKTSLGRSIARSMNRKFHRISLGGVRDEAEIRGHRRTYIGA
MPGKLIHAMKQVGVINPVILLDEIDKMSSDWRGDPASAMLEVLDPEQNNTFTDHYLDVPYDLSKVFFITTANTLQTIPRP
LLDRMEVIEIPGYTNMEKQAIARQYLWPKQVRESGMEGRIEVTDAAILRVISEYTREAGVRGLERELGKIARKGAKFWLE
GAWEGLRTIDASDIPTYLGIPRYRPDKAETEPQVGTAQGLAWTPVGGTLLTIEVAAVPGSGKLSLTGQLGEVMKESAQAA
LTYLRAHTQDYGLPEDFYNKVDLHVHVPDGATPKDGPSAGITMATAIASALSRRPARMDIAMTGEVSLRGKVMPIGGVKE
KLLAAHQAGIHKIVLPKDNEAQLEELPKEVLEGLEIKLVEDVGEVLEYLLLPEPTMPPVVQPSDNRQQPGAGA
;
_entity_poly.pdbx_strand_id   A,B,C
#
# COMPACT_ATOMS: atom_id res chain seq x y z
N LEU A 243 -30.52 32.13 -4.34
CA LEU A 243 -29.26 31.60 -4.79
C LEU A 243 -29.46 30.75 -6.05
N SER A 244 -28.40 30.55 -6.83
CA SER A 244 -28.51 29.72 -8.02
C SER A 244 -28.69 28.25 -7.66
N ASP A 245 -27.96 27.77 -6.65
CA ASP A 245 -28.17 26.43 -6.13
C ASP A 245 -29.55 26.32 -5.50
N LEU A 246 -30.07 27.43 -4.97
CA LEU A 246 -31.42 27.42 -4.40
C LEU A 246 -32.47 27.13 -5.45
N GLU A 247 -32.41 27.82 -6.61
CA GLU A 247 -33.31 27.52 -7.73
C GLU A 247 -33.11 26.09 -8.23
N ALA A 248 -31.86 25.71 -8.48
CA ALA A 248 -31.53 24.44 -9.13
C ALA A 248 -31.95 23.26 -8.27
N LEU A 249 -31.54 23.25 -7.01
CA LEU A 249 -31.92 22.19 -6.11
C LEU A 249 -33.35 22.31 -5.64
N ARG A 250 -33.98 23.47 -5.81
CA ARG A 250 -35.32 23.69 -5.30
C ARG A 250 -36.40 23.14 -6.22
N LYS A 251 -36.35 23.50 -7.51
CA LYS A 251 -37.45 23.13 -8.41
C LYS A 251 -37.46 21.63 -8.71
N LYS A 252 -36.41 20.92 -8.29
CA LYS A 252 -36.36 19.46 -8.36
C LYS A 252 -37.45 18.79 -7.56
N ILE A 253 -37.97 19.46 -6.53
CA ILE A 253 -39.17 18.96 -5.87
C ILE A 253 -40.35 19.04 -6.81
N GLU A 254 -40.40 20.08 -7.64
CA GLU A 254 -41.61 20.45 -8.38
C GLU A 254 -41.48 20.19 -9.87
N GLU A 255 -40.39 19.58 -10.30
CA GLU A 255 -40.26 19.18 -11.69
C GLU A 255 -39.97 17.69 -11.82
N VAL A 256 -39.66 17.02 -10.72
CA VAL A 256 -39.56 15.56 -10.69
C VAL A 256 -40.80 15.04 -9.97
N GLY A 257 -41.52 14.13 -10.62
CA GLY A 257 -42.77 13.64 -10.07
C GLY A 257 -42.51 12.78 -8.86
N MET A 258 -42.79 13.32 -7.68
CA MET A 258 -42.59 12.64 -6.43
C MET A 258 -43.92 12.13 -5.91
N PRO A 259 -43.94 11.07 -5.15
CA PRO A 259 -45.13 10.76 -4.37
C PRO A 259 -45.36 11.75 -3.25
N GLU A 260 -46.50 11.61 -2.58
CA GLU A 260 -46.99 12.70 -1.74
C GLU A 260 -46.20 12.80 -0.46
N ALA A 261 -45.91 11.67 0.19
CA ALA A 261 -45.03 11.71 1.35
C ALA A 261 -43.61 12.05 0.94
N VAL A 262 -43.22 11.64 -0.27
CA VAL A 262 -41.89 11.96 -0.79
C VAL A 262 -41.75 13.45 -1.00
N LYS A 263 -42.68 14.06 -1.75
CA LYS A 263 -42.63 15.49 -2.01
C LYS A 263 -42.91 16.29 -0.75
N THR A 264 -43.67 15.67 0.17
CA THR A 264 -43.91 16.25 1.50
C THR A 264 -42.61 16.42 2.25
N LYS A 265 -41.85 15.34 2.42
CA LYS A 265 -40.58 15.49 3.12
C LYS A 265 -39.55 16.21 2.27
N ALA A 266 -39.75 16.30 0.95
CA ALA A 266 -38.86 17.08 0.10
C ALA A 266 -39.02 18.58 0.36
N LEU A 267 -40.26 19.03 0.43
CA LEU A 267 -40.52 20.40 0.84
C LEU A 267 -40.16 20.63 2.30
N LYS A 268 -40.18 19.57 3.13
CA LYS A 268 -39.69 19.70 4.51
C LYS A 268 -38.19 19.89 4.55
N GLU A 269 -37.46 19.21 3.67
CA GLU A 269 -36.05 19.52 3.48
C GLU A 269 -35.88 20.94 3.01
N LEU A 270 -36.74 21.38 2.09
CA LEU A 270 -36.69 22.73 1.56
C LEU A 270 -36.93 23.79 2.63
N ASP A 271 -37.80 23.49 3.60
CA ASP A 271 -38.19 24.52 4.55
C ASP A 271 -37.37 24.45 5.83
N ARG A 272 -36.87 23.26 6.19
CA ARG A 272 -35.79 23.17 7.16
C ARG A 272 -34.56 23.92 6.69
N LEU A 273 -34.24 23.82 5.41
CA LEU A 273 -33.23 24.62 4.75
C LEU A 273 -33.85 25.96 4.33
N GLU A 274 -33.27 26.59 3.31
CA GLU A 274 -33.44 27.99 2.90
C GLU A 274 -32.90 28.88 4.01
N ARG A 275 -31.65 28.61 4.34
CA ARG A 275 -30.83 29.33 5.31
C ARG A 275 -29.49 29.57 4.62
N MET A 276 -28.47 30.01 5.34
CA MET A 276 -27.13 30.00 4.76
C MET A 276 -26.63 28.57 4.65
N GLN A 277 -26.63 28.06 3.42
CA GLN A 277 -26.32 26.67 3.15
C GLN A 277 -24.84 26.40 3.07
N GLN A 278 -24.06 27.27 2.46
CA GLN A 278 -22.65 27.01 2.26
C GLN A 278 -21.89 27.72 3.36
N GLY A 279 -21.05 26.97 4.05
CA GLY A 279 -20.51 27.35 5.33
C GLY A 279 -20.97 26.48 6.48
N SER A 280 -21.83 25.51 6.21
CA SER A 280 -22.35 24.58 7.22
C SER A 280 -22.37 23.19 6.61
N PRO A 281 -21.77 22.19 7.26
CA PRO A 281 -21.74 20.84 6.66
C PRO A 281 -23.08 20.13 6.69
N GLU A 282 -23.93 20.45 7.67
CA GLU A 282 -25.26 19.87 7.81
C GLU A 282 -26.17 20.23 6.63
N ALA A 283 -25.94 21.37 6.00
CA ALA A 283 -26.67 21.74 4.79
C ALA A 283 -26.07 21.12 3.53
N THR A 284 -24.79 20.78 3.53
CA THR A 284 -24.22 20.08 2.38
C THR A 284 -24.68 18.63 2.34
N VAL A 285 -24.71 17.97 3.50
CA VAL A 285 -25.26 16.63 3.53
C VAL A 285 -26.77 16.67 3.29
N ALA A 286 -27.41 17.80 3.60
CA ALA A 286 -28.81 17.98 3.22
C ALA A 286 -28.96 18.21 1.73
N ARG A 287 -27.95 18.83 1.10
CA ARG A 287 -27.94 18.97 -0.35
C ARG A 287 -27.86 17.62 -1.03
N THR A 288 -26.98 16.76 -0.53
CA THR A 288 -26.97 15.37 -0.98
C THR A 288 -28.31 14.70 -0.73
N TYR A 289 -28.89 14.97 0.44
CA TYR A 289 -30.14 14.37 0.88
C TYR A 289 -31.29 14.75 -0.04
N LEU A 290 -31.24 15.95 -0.60
CA LEU A 290 -32.02 16.27 -1.78
C LEU A 290 -31.62 15.39 -2.94
N ASP A 291 -30.31 15.32 -3.21
CA ASP A 291 -29.82 14.78 -4.47
C ASP A 291 -30.02 13.27 -4.58
N TRP A 292 -30.40 12.62 -3.49
CA TRP A 292 -30.82 11.25 -3.63
C TRP A 292 -32.28 11.15 -4.02
N LEU A 293 -33.15 11.93 -3.40
CA LEU A 293 -34.56 11.94 -3.73
C LEU A 293 -34.85 12.55 -5.08
N THR A 294 -34.14 13.60 -5.43
CA THR A 294 -34.39 14.35 -6.66
C THR A 294 -33.72 13.72 -7.85
N GLU A 295 -33.00 12.61 -7.64
CA GLU A 295 -32.32 11.89 -8.69
C GLU A 295 -32.54 10.39 -8.60
N VAL A 296 -33.58 9.95 -7.90
CA VAL A 296 -34.02 8.56 -7.92
C VAL A 296 -35.23 8.48 -8.84
N PRO A 297 -35.37 7.43 -9.65
CA PRO A 297 -36.53 7.34 -10.53
C PRO A 297 -37.85 7.20 -9.79
N TRP A 298 -38.92 7.43 -10.53
CA TRP A 298 -40.26 7.30 -9.97
C TRP A 298 -41.11 6.59 -11.03
N SER A 299 -41.13 5.26 -10.93
CA SER A 299 -42.01 4.37 -11.69
C SER A 299 -41.82 4.41 -13.20
N LYS A 300 -40.78 5.08 -13.70
CA LYS A 300 -40.41 4.96 -15.10
C LYS A 300 -39.91 3.55 -15.32
N ALA A 301 -40.12 3.02 -16.51
CA ALA A 301 -39.93 1.60 -16.72
C ALA A 301 -39.45 1.32 -18.15
N ASP A 302 -39.18 0.04 -18.39
CA ASP A 302 -38.83 -0.57 -19.66
C ASP A 302 -40.10 -1.09 -20.34
N PRO A 303 -40.03 -1.38 -21.65
CA PRO A 303 -41.15 -2.09 -22.29
C PRO A 303 -41.35 -3.47 -21.71
N GLU A 304 -42.56 -3.75 -21.25
CA GLU A 304 -42.95 -5.07 -20.78
C GLU A 304 -43.39 -5.91 -21.97
N VAL A 305 -42.54 -6.82 -22.41
CA VAL A 305 -42.87 -7.80 -23.43
C VAL A 305 -42.43 -9.16 -22.89
N LEU A 306 -43.39 -10.06 -22.69
CA LEU A 306 -43.10 -11.39 -22.19
C LEU A 306 -43.35 -12.39 -23.30
N ASP A 307 -42.29 -12.72 -24.03
CA ASP A 307 -42.33 -13.68 -25.10
C ASP A 307 -41.56 -14.91 -24.63
N ILE A 308 -41.88 -16.06 -25.22
CA ILE A 308 -41.03 -17.22 -25.08
C ILE A 308 -40.27 -17.53 -26.34
N ASN A 309 -40.76 -17.11 -27.51
CA ASN A 309 -40.27 -17.70 -28.74
C ASN A 309 -39.04 -16.96 -29.26
N HIS A 310 -39.18 -15.66 -29.52
CA HIS A 310 -38.00 -14.90 -29.91
C HIS A 310 -37.12 -14.64 -28.70
N THR A 311 -37.71 -14.71 -27.50
CA THR A 311 -36.91 -14.81 -26.29
C THR A 311 -35.98 -16.02 -26.35
N ARG A 312 -36.51 -17.16 -26.76
CA ARG A 312 -35.68 -18.34 -27.00
C ARG A 312 -34.71 -18.13 -28.14
N GLN A 313 -35.08 -17.32 -29.13
CA GLN A 313 -34.16 -17.08 -30.23
C GLN A 313 -32.97 -16.24 -29.78
N VAL A 314 -33.19 -15.34 -28.84
CA VAL A 314 -32.07 -14.62 -28.24
C VAL A 314 -31.36 -15.54 -27.25
N LEU A 315 -32.07 -16.51 -26.69
CA LEU A 315 -31.43 -17.55 -25.89
C LEU A 315 -30.58 -18.49 -26.73
N ASP A 316 -30.80 -18.54 -28.04
CA ASP A 316 -30.00 -19.37 -28.93
C ASP A 316 -28.57 -18.85 -29.09
N GLU A 317 -28.30 -17.63 -28.60
CA GLU A 317 -27.00 -16.98 -28.70
C GLU A 317 -26.05 -17.44 -27.61
N ASP A 318 -26.48 -18.39 -26.77
CA ASP A 318 -25.78 -18.88 -25.60
C ASP A 318 -24.45 -19.53 -25.95
N HIS A 319 -23.64 -19.77 -24.92
CA HIS A 319 -22.43 -20.56 -25.07
C HIS A 319 -22.76 -21.98 -25.50
N TYR A 320 -22.33 -22.31 -26.72
CA TYR A 320 -22.40 -23.59 -27.42
C TYR A 320 -23.80 -23.93 -27.90
N GLY A 321 -24.80 -23.19 -27.46
CA GLY A 321 -26.13 -23.68 -27.68
C GLY A 321 -26.43 -24.82 -26.73
N LEU A 322 -26.52 -24.54 -25.43
CA LEU A 322 -26.67 -25.62 -24.48
C LEU A 322 -28.10 -26.16 -24.43
N LYS A 323 -29.09 -25.26 -24.60
CA LYS A 323 -30.45 -25.62 -25.00
C LYS A 323 -31.20 -26.50 -23.99
N ASP A 324 -30.78 -26.43 -22.73
CA ASP A 324 -31.48 -27.14 -21.67
C ASP A 324 -32.01 -26.19 -20.62
N VAL A 325 -31.21 -25.22 -20.19
CA VAL A 325 -31.65 -24.30 -19.16
C VAL A 325 -32.37 -23.11 -19.75
N LYS A 326 -32.34 -22.95 -21.07
CA LYS A 326 -33.22 -21.97 -21.70
C LYS A 326 -34.67 -22.39 -21.57
N GLU A 327 -34.89 -23.70 -21.43
CA GLU A 327 -36.19 -24.18 -21.02
C GLU A 327 -36.54 -23.72 -19.62
N ARG A 328 -35.54 -23.65 -18.72
CA ARG A 328 -35.79 -23.08 -17.39
C ARG A 328 -36.09 -21.60 -17.49
N ILE A 329 -35.46 -20.92 -18.45
CA ILE A 329 -35.73 -19.51 -18.69
C ILE A 329 -37.15 -19.29 -19.19
N LEU A 330 -37.62 -20.13 -20.10
CA LEU A 330 -38.98 -19.92 -20.61
C LEU A 330 -40.03 -20.44 -19.63
N GLU A 331 -39.67 -21.40 -18.77
CA GLU A 331 -40.53 -21.74 -17.64
C GLU A 331 -40.63 -20.58 -16.68
N TYR A 332 -39.55 -19.83 -16.54
CA TYR A 332 -39.63 -18.61 -15.76
C TYR A 332 -40.40 -17.54 -16.51
N LEU A 333 -40.35 -17.57 -17.83
CA LEU A 333 -41.29 -16.81 -18.65
C LEU A 333 -42.69 -17.39 -18.59
N ALA A 334 -42.83 -18.70 -18.40
CA ALA A 334 -44.15 -19.24 -18.14
C ALA A 334 -44.68 -18.77 -16.79
N VAL A 335 -43.80 -18.59 -15.80
CA VAL A 335 -44.15 -17.85 -14.61
C VAL A 335 -44.54 -16.43 -14.98
N ARG A 336 -43.76 -15.80 -15.86
CA ARG A 336 -44.13 -14.49 -16.37
C ARG A 336 -45.38 -14.55 -17.21
N GLN A 337 -45.64 -15.68 -17.85
CA GLN A 337 -46.95 -15.88 -18.46
C GLN A 337 -48.02 -16.25 -17.45
N LEU A 338 -47.68 -16.93 -16.36
CA LEU A 338 -48.68 -17.21 -15.34
C LEU A 338 -48.71 -16.15 -14.26
N THR A 339 -48.04 -15.03 -14.45
CA THR A 339 -48.03 -13.95 -13.46
C THR A 339 -49.34 -13.17 -13.54
N GLN A 340 -50.31 -13.54 -12.71
CA GLN A 340 -51.55 -12.79 -12.62
C GLN A 340 -51.83 -12.29 -11.21
N GLY A 341 -51.81 -13.21 -10.24
CA GLY A 341 -52.14 -12.84 -8.87
C GLY A 341 -51.15 -11.89 -8.24
N LEU A 342 -49.93 -11.88 -8.75
CA LEU A 342 -49.03 -10.77 -8.59
C LEU A 342 -48.80 -10.12 -9.95
N ASP A 343 -48.11 -8.98 -9.93
CA ASP A 343 -47.63 -8.38 -11.17
C ASP A 343 -46.21 -8.79 -11.51
N VAL A 344 -45.41 -9.15 -10.51
CA VAL A 344 -44.25 -10.03 -10.72
C VAL A 344 -44.41 -11.18 -9.73
N ARG A 345 -44.49 -12.39 -10.27
CA ARG A 345 -44.93 -13.55 -9.51
C ARG A 345 -43.77 -14.07 -8.67
N ASN A 346 -43.76 -13.67 -7.40
CA ASN A 346 -43.06 -14.44 -6.40
C ASN A 346 -44.09 -15.39 -5.77
N LYS A 347 -43.77 -15.96 -4.61
CA LYS A 347 -44.32 -17.24 -4.15
C LYS A 347 -44.21 -18.25 -5.28
N ALA A 348 -43.03 -18.30 -5.85
CA ALA A 348 -42.67 -18.87 -7.12
C ALA A 348 -41.16 -18.77 -7.20
N PRO A 349 -40.49 -19.70 -7.87
CA PRO A 349 -39.02 -19.65 -7.92
C PRO A 349 -38.50 -18.50 -8.76
N ILE A 350 -37.81 -17.56 -8.10
CA ILE A 350 -37.14 -16.48 -8.82
C ILE A 350 -35.64 -16.73 -8.98
N LEU A 351 -35.22 -18.00 -9.00
CA LEU A 351 -34.04 -18.47 -9.72
C LEU A 351 -32.67 -17.96 -9.29
N VAL A 352 -32.15 -18.48 -8.18
CA VAL A 352 -30.71 -18.42 -7.94
C VAL A 352 -29.97 -19.26 -8.97
N LEU A 353 -28.80 -18.78 -9.40
CA LEU A 353 -27.97 -19.49 -10.36
C LEU A 353 -26.66 -19.88 -9.70
N VAL A 354 -26.48 -21.17 -9.48
CA VAL A 354 -25.30 -21.67 -8.79
C VAL A 354 -24.51 -22.52 -9.76
N GLY A 355 -23.28 -22.12 -10.04
CA GLY A 355 -22.44 -22.87 -10.95
C GLY A 355 -21.08 -22.23 -11.18
N PRO A 356 -20.37 -22.68 -12.21
CA PRO A 356 -19.07 -22.10 -12.54
C PRO A 356 -19.23 -20.66 -13.02
N PRO A 357 -18.73 -19.70 -12.27
CA PRO A 357 -19.13 -18.30 -12.47
C PRO A 357 -18.53 -17.70 -13.74
N GLY A 358 -19.36 -16.98 -14.48
CA GLY A 358 -18.92 -16.26 -15.66
C GLY A 358 -18.53 -17.19 -16.78
N VAL A 359 -19.35 -18.22 -17.01
CA VAL A 359 -19.18 -19.08 -18.17
C VAL A 359 -20.18 -18.61 -19.22
N GLY A 360 -20.56 -17.35 -19.12
CA GLY A 360 -21.65 -16.84 -19.89
C GLY A 360 -22.87 -16.55 -19.07
N LYS A 361 -22.80 -16.75 -17.76
CA LYS A 361 -23.96 -16.54 -16.89
C LYS A 361 -24.38 -15.08 -16.90
N THR A 362 -23.41 -14.20 -16.78
CA THR A 362 -23.63 -12.78 -17.04
C THR A 362 -24.13 -12.56 -18.44
N SER A 363 -23.58 -13.28 -19.41
CA SER A 363 -24.03 -13.11 -20.78
C SER A 363 -25.38 -13.77 -20.99
N LEU A 364 -25.71 -14.77 -20.18
CA LEU A 364 -27.09 -15.23 -20.13
C LEU A 364 -27.99 -14.10 -19.71
N GLY A 365 -27.56 -13.32 -18.71
CA GLY A 365 -28.33 -12.14 -18.34
C GLY A 365 -28.33 -11.07 -19.42
N ARG A 366 -27.26 -11.01 -20.20
CA ARG A 366 -27.21 -10.09 -21.33
C ARG A 366 -28.22 -10.47 -22.39
N SER A 367 -28.30 -11.77 -22.69
CA SER A 367 -29.32 -12.28 -23.59
C SER A 367 -30.71 -12.13 -23.00
N ILE A 368 -30.81 -12.10 -21.68
CA ILE A 368 -32.10 -11.85 -21.05
C ILE A 368 -32.54 -10.42 -21.27
N ALA A 369 -31.65 -9.47 -20.98
CA ALA A 369 -31.97 -8.06 -21.14
C ALA A 369 -32.18 -7.72 -22.61
N ARG A 370 -31.50 -8.45 -23.49
CA ARG A 370 -31.83 -8.38 -24.90
C ARG A 370 -33.19 -8.98 -25.18
N SER A 371 -33.48 -10.13 -24.59
CA SER A 371 -34.71 -10.84 -24.87
C SER A 371 -35.87 -10.39 -23.99
N MET A 372 -35.65 -9.37 -23.17
CA MET A 372 -36.75 -8.71 -22.50
C MET A 372 -36.71 -7.20 -22.68
N ASN A 373 -35.80 -6.70 -23.53
CA ASN A 373 -35.70 -5.29 -23.94
C ASN A 373 -35.53 -4.38 -22.73
N ARG A 374 -34.66 -4.82 -21.82
CA ARG A 374 -34.54 -4.14 -20.57
C ARG A 374 -33.28 -3.29 -20.55
N LYS A 375 -33.12 -2.52 -19.49
CA LYS A 375 -31.82 -2.10 -19.02
C LYS A 375 -31.24 -3.26 -18.23
N PHE A 376 -29.92 -3.26 -18.10
CA PHE A 376 -29.26 -4.29 -17.30
C PHE A 376 -28.18 -3.68 -16.43
N HIS A 377 -28.09 -4.19 -15.21
CA HIS A 377 -26.84 -4.01 -14.50
C HIS A 377 -26.59 -5.24 -13.66
N ARG A 378 -25.31 -5.52 -13.45
CA ARG A 378 -24.85 -6.42 -12.40
C ARG A 378 -24.91 -5.69 -11.06
N ILE A 379 -24.71 -6.48 -10.01
CA ILE A 379 -24.25 -6.01 -8.71
C ILE A 379 -23.69 -7.23 -8.00
N SER A 380 -22.59 -7.05 -7.28
CA SER A 380 -21.86 -8.18 -6.70
C SER A 380 -21.76 -8.07 -5.20
N LEU A 381 -21.62 -9.20 -4.51
CA LEU A 381 -21.78 -9.26 -3.06
C LEU A 381 -20.71 -10.07 -2.34
N GLY A 382 -19.47 -10.08 -2.83
CA GLY A 382 -18.41 -10.81 -2.15
C GLY A 382 -18.01 -10.11 -0.86
N GLY A 383 -17.96 -10.86 0.23
CA GLY A 383 -17.53 -10.35 1.52
C GLY A 383 -18.50 -9.42 2.21
N VAL A 384 -19.65 -9.19 1.60
CA VAL A 384 -20.61 -8.20 2.08
C VAL A 384 -21.32 -8.78 3.29
N ARG A 385 -21.37 -7.99 4.35
CA ARG A 385 -22.09 -8.36 5.56
C ARG A 385 -22.85 -7.18 6.15
N ASP A 386 -22.78 -6.01 5.53
CA ASP A 386 -23.42 -4.80 6.02
C ASP A 386 -24.82 -4.70 5.45
N GLU A 387 -25.69 -3.95 6.13
CA GLU A 387 -26.97 -3.58 5.57
C GLU A 387 -27.09 -2.09 5.24
N ALA A 388 -26.07 -1.28 5.52
CA ALA A 388 -26.06 0.06 4.98
C ALA A 388 -25.46 0.09 3.59
N GLU A 389 -24.89 -1.02 3.16
CA GLU A 389 -24.61 -1.32 1.76
C GLU A 389 -25.88 -1.85 1.10
N ILE A 390 -26.92 -2.02 1.89
CA ILE A 390 -28.21 -2.48 1.42
C ILE A 390 -29.23 -1.36 1.65
N ARG A 391 -29.46 -1.01 2.90
CA ARG A 391 -30.40 0.05 3.21
C ARG A 391 -29.69 1.39 3.20
N GLY A 392 -30.46 2.45 3.36
CA GLY A 392 -29.87 3.74 3.58
C GLY A 392 -29.26 3.83 4.95
N HIS A 393 -27.98 4.20 5.00
CA HIS A 393 -27.24 4.35 6.25
C HIS A 393 -27.91 5.39 7.13
N ARG A 394 -27.72 5.22 8.44
CA ARG A 394 -28.46 5.98 9.44
C ARG A 394 -28.13 7.46 9.34
N ARG A 395 -29.10 8.22 8.83
CA ARG A 395 -29.04 9.67 8.68
C ARG A 395 -28.67 10.39 9.97
N THR A 396 -28.99 9.81 11.14
CA THR A 396 -28.49 10.27 12.42
C THR A 396 -26.96 10.26 12.52
N TYR A 397 -26.27 9.51 11.68
CA TYR A 397 -24.87 9.76 11.39
C TYR A 397 -24.81 10.67 10.18
N ILE A 398 -24.08 11.77 10.30
CA ILE A 398 -23.90 12.70 9.19
C ILE A 398 -23.07 12.01 8.12
N GLY A 399 -23.33 12.35 6.86
CA GLY A 399 -22.64 11.68 5.77
C GLY A 399 -23.11 10.26 5.56
N ALA A 400 -24.34 9.96 5.96
CA ALA A 400 -24.92 8.65 5.74
C ALA A 400 -25.25 8.48 4.26
N MET A 401 -25.40 7.24 3.82
CA MET A 401 -25.55 6.98 2.39
C MET A 401 -26.61 5.93 2.17
N PRO A 402 -27.25 5.94 1.04
CA PRO A 402 -28.06 4.79 0.65
C PRO A 402 -27.21 3.57 0.34
N GLY A 403 -27.87 2.41 0.31
CA GLY A 403 -27.18 1.17 0.05
C GLY A 403 -26.63 1.07 -1.36
N LYS A 404 -25.83 0.03 -1.55
CA LYS A 404 -25.21 -0.19 -2.86
C LYS A 404 -26.26 -0.50 -3.91
N LEU A 405 -27.26 -1.28 -3.55
CA LEU A 405 -28.41 -1.50 -4.43
C LEU A 405 -29.19 -0.22 -4.63
N ILE A 406 -29.38 0.55 -3.55
CA ILE A 406 -30.19 1.75 -3.66
C ILE A 406 -29.45 2.82 -4.44
N HIS A 407 -28.15 2.94 -4.25
CA HIS A 407 -27.40 3.82 -5.12
C HIS A 407 -27.33 3.28 -6.54
N ALA A 408 -27.35 1.95 -6.68
CA ALA A 408 -27.38 1.36 -8.01
C ALA A 408 -28.70 1.65 -8.70
N MET A 409 -29.76 1.76 -7.93
CA MET A 409 -31.01 2.24 -8.47
C MET A 409 -31.04 3.75 -8.58
N LYS A 410 -30.11 4.42 -7.92
CA LYS A 410 -29.90 5.83 -8.21
C LYS A 410 -29.02 5.97 -9.45
N GLN A 411 -28.46 4.87 -9.93
CA GLN A 411 -27.78 4.85 -11.22
C GLN A 411 -28.72 4.50 -12.34
N VAL A 412 -29.51 3.43 -12.18
CA VAL A 412 -30.39 2.96 -13.25
C VAL A 412 -31.84 3.39 -12.98
N GLY A 413 -32.46 3.99 -13.99
CA GLY A 413 -33.71 4.71 -13.83
C GLY A 413 -35.01 4.08 -14.24
N VAL A 414 -35.06 2.75 -14.41
CA VAL A 414 -36.34 2.09 -14.68
C VAL A 414 -36.72 1.23 -13.49
N ILE A 415 -38.02 1.01 -13.32
CA ILE A 415 -38.47 0.15 -12.24
C ILE A 415 -38.69 -1.28 -12.71
N ASN A 416 -38.21 -1.61 -13.90
CA ASN A 416 -38.08 -3.00 -14.33
C ASN A 416 -36.74 -3.30 -15.02
N PRO A 417 -35.61 -3.18 -14.34
CA PRO A 417 -34.36 -3.61 -14.98
C PRO A 417 -33.97 -5.02 -14.59
N VAL A 418 -33.19 -5.65 -15.47
CA VAL A 418 -32.55 -6.91 -15.16
C VAL A 418 -31.35 -6.60 -14.29
N ILE A 419 -31.37 -7.12 -13.08
CA ILE A 419 -30.33 -6.86 -12.11
C ILE A 419 -29.73 -8.20 -11.72
N LEU A 420 -28.44 -8.35 -11.97
CA LEU A 420 -27.76 -9.60 -11.73
C LEU A 420 -27.26 -9.58 -10.30
N LEU A 421 -27.58 -10.62 -9.55
CA LEU A 421 -27.40 -10.60 -8.11
C LEU A 421 -26.25 -11.53 -7.78
N ASP A 422 -25.05 -10.97 -7.74
CA ASP A 422 -23.82 -11.72 -7.85
C ASP A 422 -23.16 -11.88 -6.50
N GLU A 423 -22.55 -13.05 -6.29
CA GLU A 423 -21.76 -13.38 -5.11
C GLU A 423 -22.57 -13.22 -3.84
N ILE A 424 -23.87 -13.48 -3.99
CA ILE A 424 -24.83 -13.38 -2.92
C ILE A 424 -24.60 -14.43 -1.85
N ASP A 425 -23.79 -15.44 -2.15
CA ASP A 425 -23.36 -16.48 -1.25
C ASP A 425 -22.28 -16.04 -0.28
N LYS A 426 -22.05 -14.74 -0.13
CA LYS A 426 -21.02 -14.25 0.75
C LYS A 426 -21.55 -13.38 1.87
N MET A 427 -22.78 -13.62 2.32
CA MET A 427 -23.39 -12.79 3.35
C MET A 427 -23.18 -13.37 4.73
N SER A 428 -23.11 -12.47 5.73
CA SER A 428 -23.04 -12.87 7.13
C SER A 428 -23.45 -11.69 7.99
N SER A 429 -23.41 -11.92 9.30
CA SER A 429 -23.68 -10.88 10.29
C SER A 429 -22.43 -10.61 11.11
N ASP A 430 -21.57 -9.75 10.58
CA ASP A 430 -20.38 -9.31 11.31
C ASP A 430 -20.54 -7.83 11.60
N TRP A 431 -20.90 -7.08 10.56
CA TRP A 431 -21.05 -5.65 10.61
C TRP A 431 -22.51 -5.33 10.36
N ARG A 432 -23.26 -5.13 11.44
CA ARG A 432 -24.67 -4.76 11.45
C ARG A 432 -25.58 -5.77 10.76
N GLY A 433 -25.72 -6.94 11.36
CA GLY A 433 -26.75 -7.88 10.95
C GLY A 433 -26.40 -8.60 9.67
N ASP A 434 -27.20 -9.62 9.36
CA ASP A 434 -27.02 -10.34 8.12
C ASP A 434 -27.96 -9.76 7.09
N PRO A 435 -27.45 -9.25 5.98
CA PRO A 435 -28.34 -8.79 4.91
C PRO A 435 -29.05 -9.90 4.12
N ALA A 436 -28.90 -11.16 4.54
CA ALA A 436 -29.74 -12.22 4.03
C ALA A 436 -31.20 -11.93 4.31
N SER A 437 -31.50 -11.44 5.50
CA SER A 437 -32.87 -11.06 5.82
C SER A 437 -33.24 -9.73 5.16
N ALA A 438 -32.26 -8.86 4.92
CA ALA A 438 -32.54 -7.65 4.18
C ALA A 438 -32.95 -7.96 2.75
N MET A 439 -32.31 -8.95 2.15
CA MET A 439 -32.66 -9.31 0.79
C MET A 439 -33.83 -10.26 0.75
N LEU A 440 -34.10 -10.95 1.85
CA LEU A 440 -35.42 -11.50 2.08
C LEU A 440 -36.49 -10.43 1.95
N GLU A 441 -36.28 -9.32 2.66
CA GLU A 441 -37.27 -8.25 2.66
C GLU A 441 -37.34 -7.53 1.32
N VAL A 442 -36.21 -7.42 0.62
CA VAL A 442 -36.22 -6.96 -0.76
C VAL A 442 -36.97 -7.94 -1.63
N LEU A 443 -36.80 -9.22 -1.37
CA LEU A 443 -37.44 -10.24 -2.16
C LEU A 443 -38.80 -10.66 -1.61
N ASP A 444 -39.34 -9.91 -0.66
CA ASP A 444 -40.72 -10.11 -0.30
C ASP A 444 -41.62 -9.44 -1.34
N PRO A 445 -42.63 -10.16 -1.84
CA PRO A 445 -43.41 -9.65 -2.96
C PRO A 445 -44.33 -8.49 -2.61
N GLU A 446 -44.76 -8.38 -1.36
CA GLU A 446 -45.60 -7.26 -0.94
C GLU A 446 -44.88 -6.26 -0.08
N GLN A 447 -43.57 -6.40 0.13
CA GLN A 447 -42.84 -5.46 0.95
C GLN A 447 -41.78 -4.71 0.17
N ASN A 448 -41.46 -5.19 -1.03
CA ASN A 448 -40.49 -4.53 -1.89
C ASN A 448 -41.00 -3.19 -2.41
N ASN A 449 -42.31 -3.08 -2.55
CA ASN A 449 -43.01 -1.85 -2.91
C ASN A 449 -42.84 -0.75 -1.89
N THR A 450 -42.49 -1.09 -0.65
CA THR A 450 -42.14 -0.13 0.38
C THR A 450 -40.93 -0.66 1.14
N PHE A 451 -39.84 -0.98 0.43
CA PHE A 451 -38.66 -1.41 1.16
C PHE A 451 -37.99 -0.21 1.84
N THR A 452 -37.89 -0.29 3.16
CA THR A 452 -37.44 0.84 3.96
C THR A 452 -35.94 1.02 3.85
N ASP A 453 -35.53 2.28 3.80
CA ASP A 453 -34.14 2.70 3.89
C ASP A 453 -34.07 3.77 4.96
N HIS A 454 -32.89 3.99 5.52
CA HIS A 454 -32.82 4.92 6.64
C HIS A 454 -31.82 6.03 6.44
N TYR A 455 -31.30 6.21 5.24
CA TYR A 455 -30.92 7.52 4.81
C TYR A 455 -32.10 8.25 4.21
N LEU A 456 -32.66 7.69 3.14
CA LEU A 456 -33.94 8.11 2.62
C LEU A 456 -35.03 7.36 3.35
N ASP A 457 -35.68 8.03 4.29
CA ASP A 457 -36.53 7.37 5.26
C ASP A 457 -37.87 6.95 4.69
N VAL A 458 -38.22 7.40 3.49
CA VAL A 458 -39.40 6.93 2.80
C VAL A 458 -39.06 5.59 2.18
N PRO A 459 -39.86 4.56 2.43
CA PRO A 459 -39.54 3.21 1.97
C PRO A 459 -39.62 3.10 0.46
N TYR A 460 -38.60 2.49 -0.12
CA TYR A 460 -38.48 2.55 -1.56
C TYR A 460 -39.31 1.45 -2.21
N ASP A 461 -39.78 1.74 -3.42
CA ASP A 461 -40.70 0.89 -4.15
C ASP A 461 -39.97 -0.07 -5.06
N LEU A 462 -40.34 -1.34 -4.99
CA LEU A 462 -40.00 -2.30 -6.02
C LEU A 462 -41.27 -3.07 -6.35
N SER A 463 -41.59 -3.16 -7.62
CA SER A 463 -42.71 -4.03 -7.96
C SER A 463 -42.39 -4.86 -9.18
N LYS A 464 -41.50 -4.34 -10.03
CA LYS A 464 -41.33 -4.95 -11.35
C LYS A 464 -39.88 -5.10 -11.76
N VAL A 465 -38.93 -4.73 -10.91
CA VAL A 465 -37.50 -4.86 -11.15
C VAL A 465 -37.12 -6.31 -11.39
N PHE A 466 -36.53 -6.61 -12.55
CA PHE A 466 -36.28 -8.00 -12.89
C PHE A 466 -35.00 -8.46 -12.20
N PHE A 467 -35.16 -9.04 -11.02
CA PHE A 467 -34.04 -9.66 -10.33
C PHE A 467 -33.63 -10.94 -11.03
N ILE A 468 -32.34 -11.28 -10.93
CA ILE A 468 -31.89 -12.62 -11.27
C ILE A 468 -30.71 -12.96 -10.37
N THR A 469 -30.93 -13.95 -9.54
CA THR A 469 -30.04 -14.26 -8.44
C THR A 469 -28.99 -15.24 -8.94
N THR A 470 -27.75 -15.09 -8.49
CA THR A 470 -26.63 -15.89 -8.96
C THR A 470 -25.67 -16.18 -7.83
N ALA A 471 -25.15 -17.40 -7.80
CA ALA A 471 -24.22 -17.73 -6.73
C ALA A 471 -23.24 -18.78 -7.21
N ASN A 472 -22.41 -19.22 -6.27
CA ASN A 472 -21.51 -20.33 -6.50
C ASN A 472 -21.71 -21.46 -5.51
N THR A 473 -22.48 -21.24 -4.45
CA THR A 473 -22.74 -22.27 -3.45
C THR A 473 -24.23 -22.54 -3.40
N LEU A 474 -24.59 -23.73 -2.93
CA LEU A 474 -25.99 -24.09 -2.83
C LEU A 474 -26.29 -24.63 -1.44
N GLN A 475 -25.26 -24.99 -0.69
CA GLN A 475 -25.46 -25.62 0.60
C GLN A 475 -25.02 -24.74 1.76
N THR A 476 -24.48 -23.56 1.48
CA THR A 476 -24.24 -22.59 2.52
C THR A 476 -25.18 -21.41 2.41
N ILE A 477 -26.20 -21.50 1.56
CA ILE A 477 -27.19 -20.43 1.49
C ILE A 477 -28.04 -20.44 2.75
N PRO A 478 -28.23 -19.31 3.40
CA PRO A 478 -29.13 -19.26 4.55
C PRO A 478 -30.56 -19.50 4.11
N ARG A 479 -31.38 -19.94 5.07
CA ARG A 479 -32.74 -20.39 4.79
C ARG A 479 -33.68 -19.38 4.11
N PRO A 480 -33.76 -18.09 4.51
CA PRO A 480 -34.68 -17.19 3.77
C PRO A 480 -34.24 -16.94 2.34
N LEU A 481 -32.96 -16.75 2.08
CA LEU A 481 -32.48 -16.73 0.71
C LEU A 481 -32.38 -18.12 0.09
N LEU A 482 -32.77 -19.16 0.83
CA LEU A 482 -32.97 -20.50 0.29
C LEU A 482 -34.43 -20.70 -0.09
N ASP A 483 -35.21 -19.62 -0.22
CA ASP A 483 -36.63 -19.71 -0.52
C ASP A 483 -36.92 -19.04 -1.85
N ARG A 484 -38.14 -19.29 -2.35
CA ARG A 484 -38.74 -18.68 -3.56
C ARG A 484 -37.81 -18.63 -4.77
N MET A 485 -36.93 -19.63 -4.88
CA MET A 485 -35.94 -19.74 -5.95
C MET A 485 -35.68 -21.22 -6.21
N GLU A 486 -34.86 -21.50 -7.22
CA GLU A 486 -34.32 -22.83 -7.44
C GLU A 486 -33.01 -22.73 -8.21
N VAL A 487 -32.10 -23.65 -7.93
CA VAL A 487 -30.79 -23.63 -8.58
C VAL A 487 -30.95 -24.15 -10.00
N ILE A 488 -30.45 -23.38 -10.96
CA ILE A 488 -30.30 -23.83 -12.33
C ILE A 488 -28.80 -23.83 -12.59
N GLU A 489 -28.24 -24.99 -12.94
CA GLU A 489 -26.79 -25.09 -13.11
C GLU A 489 -26.45 -25.55 -14.53
N ILE A 490 -25.42 -24.94 -15.12
CA ILE A 490 -24.89 -25.31 -16.42
C ILE A 490 -23.72 -26.27 -16.19
N PRO A 491 -23.68 -27.43 -16.86
CA PRO A 491 -22.53 -28.32 -16.74
C PRO A 491 -21.28 -27.80 -17.45
N GLY A 492 -20.22 -28.61 -17.44
CA GLY A 492 -18.98 -28.21 -18.05
C GLY A 492 -18.94 -28.46 -19.54
N TYR A 493 -18.65 -27.39 -20.29
CA TYR A 493 -18.49 -27.45 -21.73
C TYR A 493 -17.25 -28.28 -22.02
N THR A 494 -17.38 -29.30 -22.86
CA THR A 494 -16.20 -30.09 -23.15
C THR A 494 -15.29 -29.34 -24.10
N ASN A 495 -14.19 -29.98 -24.43
CA ASN A 495 -13.11 -29.32 -25.14
C ASN A 495 -13.53 -29.00 -26.56
N MET A 496 -14.24 -29.92 -27.19
CA MET A 496 -14.87 -29.60 -28.45
C MET A 496 -16.00 -28.63 -28.25
N GLU A 497 -16.67 -28.70 -27.11
CA GLU A 497 -17.75 -27.76 -26.87
C GLU A 497 -17.20 -26.38 -26.56
N LYS A 498 -16.16 -26.29 -25.72
CA LYS A 498 -15.47 -25.03 -25.52
C LYS A 498 -14.85 -24.53 -26.81
N GLN A 499 -14.40 -25.45 -27.64
CA GLN A 499 -13.75 -25.06 -28.88
C GLN A 499 -14.76 -24.56 -29.87
N ALA A 500 -15.98 -25.07 -29.79
CA ALA A 500 -17.06 -24.52 -30.58
C ALA A 500 -17.49 -23.18 -30.05
N ILE A 501 -17.43 -22.99 -28.74
CA ILE A 501 -17.70 -21.66 -28.19
C ILE A 501 -16.64 -20.69 -28.67
N ALA A 502 -15.41 -21.17 -28.80
CA ALA A 502 -14.35 -20.35 -29.35
C ALA A 502 -14.62 -20.01 -30.81
N ARG A 503 -14.67 -21.01 -31.67
CA ARG A 503 -14.73 -20.82 -33.11
C ARG A 503 -16.07 -20.29 -33.58
N GLN A 504 -17.17 -20.78 -33.04
CA GLN A 504 -18.47 -20.15 -33.16
C GLN A 504 -18.45 -18.72 -32.65
N TYR A 505 -18.07 -18.50 -31.41
CA TYR A 505 -18.17 -17.16 -30.87
C TYR A 505 -16.83 -16.53 -30.52
N LEU A 506 -16.07 -17.14 -29.61
CA LEU A 506 -15.11 -16.37 -28.82
C LEU A 506 -13.85 -16.07 -29.59
N TRP A 507 -13.45 -16.97 -30.47
CA TRP A 507 -12.29 -16.66 -31.27
C TRP A 507 -12.58 -15.64 -32.37
N PRO A 508 -13.73 -15.65 -33.07
CA PRO A 508 -14.05 -14.47 -33.88
C PRO A 508 -14.25 -13.20 -33.07
N LYS A 509 -14.64 -13.34 -31.79
CA LYS A 509 -14.66 -12.18 -30.90
C LYS A 509 -13.28 -11.55 -30.77
N GLN A 510 -12.26 -12.36 -30.52
CA GLN A 510 -10.92 -11.80 -30.43
C GLN A 510 -10.42 -11.34 -31.79
N VAL A 511 -10.79 -12.07 -32.84
CA VAL A 511 -10.42 -11.72 -34.22
C VAL A 511 -10.92 -10.34 -34.57
N ARG A 512 -12.17 -10.06 -34.25
CA ARG A 512 -12.63 -8.69 -34.24
C ARG A 512 -11.83 -7.83 -33.29
N GLU A 513 -11.86 -8.12 -32.00
CA GLU A 513 -11.27 -7.30 -30.95
C GLU A 513 -9.75 -7.33 -30.93
N SER A 514 -9.12 -7.94 -31.91
CA SER A 514 -7.74 -7.65 -32.25
C SER A 514 -7.63 -6.52 -33.26
N GLY A 515 -8.70 -6.18 -33.96
CA GLY A 515 -8.58 -5.39 -35.15
C GLY A 515 -8.02 -6.16 -36.32
N MET A 516 -7.99 -7.49 -36.24
CA MET A 516 -7.47 -8.35 -37.30
C MET A 516 -8.64 -9.21 -37.74
N GLU A 517 -9.55 -8.62 -38.50
CA GLU A 517 -10.81 -9.28 -38.81
C GLU A 517 -10.58 -10.14 -40.03
N GLY A 518 -10.42 -11.44 -39.80
CA GLY A 518 -10.01 -12.30 -40.89
C GLY A 518 -8.55 -12.16 -41.22
N ARG A 519 -7.73 -11.79 -40.25
CA ARG A 519 -6.30 -11.76 -40.46
C ARG A 519 -5.56 -12.79 -39.64
N ILE A 520 -6.26 -13.59 -38.86
CA ILE A 520 -5.66 -14.69 -38.13
C ILE A 520 -6.51 -15.91 -38.35
N GLU A 521 -5.93 -16.96 -38.90
CA GLU A 521 -6.55 -18.24 -38.69
C GLU A 521 -5.61 -19.01 -37.79
N VAL A 522 -6.20 -19.82 -36.93
CA VAL A 522 -5.47 -20.76 -36.11
C VAL A 522 -6.04 -22.12 -36.44
N THR A 523 -5.16 -23.10 -36.59
CA THR A 523 -5.61 -24.47 -36.67
C THR A 523 -6.30 -24.86 -35.36
N ASP A 524 -7.34 -25.67 -35.49
CA ASP A 524 -8.16 -26.00 -34.35
C ASP A 524 -7.48 -26.99 -33.40
N ALA A 525 -6.52 -27.78 -33.90
CA ALA A 525 -5.76 -28.63 -33.02
C ALA A 525 -4.86 -27.82 -32.11
N ALA A 526 -4.36 -26.69 -32.61
CA ALA A 526 -3.69 -25.72 -31.75
C ALA A 526 -4.63 -25.18 -30.70
N ILE A 527 -5.90 -24.98 -31.06
CA ILE A 527 -6.88 -24.50 -30.09
C ILE A 527 -7.10 -25.54 -28.99
N LEU A 528 -7.31 -26.79 -29.39
CA LEU A 528 -7.42 -27.90 -28.45
C LEU A 528 -6.16 -28.06 -27.63
N ARG A 529 -5.02 -27.79 -28.23
CA ARG A 529 -3.75 -27.85 -27.54
C ARG A 529 -3.66 -26.78 -26.47
N VAL A 530 -4.17 -25.58 -26.77
CA VAL A 530 -4.25 -24.52 -25.78
C VAL A 530 -5.16 -24.92 -24.63
N ILE A 531 -6.30 -25.52 -25.00
CA ILE A 531 -7.26 -26.04 -24.02
C ILE A 531 -6.58 -27.04 -23.10
N SER A 532 -5.72 -27.87 -23.66
CA SER A 532 -5.09 -28.94 -22.92
C SER A 532 -3.84 -28.51 -22.16
N GLU A 533 -3.25 -27.36 -22.49
CA GLU A 533 -1.91 -27.05 -21.99
C GLU A 533 -1.74 -25.71 -21.29
N TYR A 534 -2.64 -24.74 -21.46
CA TYR A 534 -2.41 -23.41 -20.87
C TYR A 534 -3.43 -22.99 -19.83
N THR A 535 -4.62 -23.56 -19.79
CA THR A 535 -5.50 -23.24 -18.69
C THR A 535 -6.27 -24.49 -18.28
N ARG A 536 -6.43 -24.65 -16.98
CA ARG A 536 -7.19 -25.77 -16.42
C ARG A 536 -8.39 -25.17 -15.71
N GLU A 537 -9.48 -25.00 -16.44
CA GLU A 537 -10.56 -24.19 -15.91
C GLU A 537 -11.93 -24.77 -16.20
N ALA A 538 -12.82 -24.71 -15.21
CA ALA A 538 -14.25 -24.83 -15.44
C ALA A 538 -14.79 -23.56 -16.07
N GLY A 539 -14.04 -22.47 -15.96
CA GLY A 539 -14.34 -21.24 -16.66
C GLY A 539 -13.98 -21.36 -18.13
N VAL A 540 -14.28 -20.30 -18.85
CA VAL A 540 -14.04 -20.25 -20.29
C VAL A 540 -13.37 -18.94 -20.66
N ARG A 541 -13.48 -17.94 -19.79
CA ARG A 541 -12.97 -16.60 -20.07
C ARG A 541 -11.46 -16.58 -20.13
N GLY A 542 -10.80 -17.37 -19.28
CA GLY A 542 -9.36 -17.45 -19.29
C GLY A 542 -8.83 -18.08 -20.56
N LEU A 543 -9.62 -18.95 -21.18
CA LEU A 543 -9.30 -19.43 -22.51
C LEU A 543 -9.36 -18.30 -23.52
N GLU A 544 -10.34 -17.41 -23.39
CA GLU A 544 -10.35 -16.29 -24.32
C GLU A 544 -9.34 -15.22 -23.90
N ARG A 545 -8.86 -15.29 -22.66
CA ARG A 545 -7.73 -14.45 -22.31
C ARG A 545 -6.45 -14.97 -22.95
N GLU A 546 -6.30 -16.30 -23.02
CA GLU A 546 -5.25 -16.91 -23.83
C GLU A 546 -5.34 -16.43 -25.26
N LEU A 547 -6.54 -16.47 -25.82
CA LEU A 547 -6.83 -15.91 -27.13
C LEU A 547 -6.46 -14.45 -27.22
N GLY A 548 -6.68 -13.70 -26.15
CA GLY A 548 -6.27 -12.31 -26.12
C GLY A 548 -4.77 -12.18 -26.27
N LYS A 549 -4.03 -13.02 -25.56
CA LYS A 549 -2.57 -12.99 -25.65
C LYS A 549 -2.12 -13.38 -27.04
N ILE A 550 -2.78 -14.38 -27.60
CA ILE A 550 -2.55 -14.82 -28.96
C ILE A 550 -2.76 -13.69 -29.95
N ALA A 551 -3.89 -12.99 -29.82
CA ALA A 551 -4.23 -11.94 -30.74
C ALA A 551 -3.28 -10.77 -30.63
N ARG A 552 -2.81 -10.49 -29.43
CA ARG A 552 -1.88 -9.39 -29.25
C ARG A 552 -0.52 -9.71 -29.85
N LYS A 553 -0.05 -10.95 -29.64
CA LYS A 553 1.17 -11.42 -30.30
C LYS A 553 1.05 -11.30 -31.81
N GLY A 554 -0.03 -11.84 -32.38
CA GLY A 554 -0.17 -11.85 -33.82
C GLY A 554 -0.39 -10.46 -34.39
N ALA A 555 -1.05 -9.59 -33.61
CA ALA A 555 -1.25 -8.22 -34.06
C ALA A 555 0.07 -7.48 -34.11
N LYS A 556 0.94 -7.76 -33.16
CA LYS A 556 2.31 -7.26 -33.24
C LYS A 556 3.03 -7.80 -34.46
N PHE A 557 2.96 -9.11 -34.66
CA PHE A 557 3.74 -9.74 -35.73
C PHE A 557 3.27 -9.32 -37.11
N TRP A 558 1.98 -9.09 -37.29
CA TRP A 558 1.51 -8.50 -38.52
C TRP A 558 1.92 -7.06 -38.64
N LEU A 559 1.93 -6.34 -37.53
CA LEU A 559 2.51 -5.01 -37.52
C LEU A 559 4.02 -5.07 -37.71
N GLU A 560 4.65 -6.16 -37.29
CA GLU A 560 6.07 -6.37 -37.55
C GLU A 560 6.30 -7.21 -38.78
N GLY A 561 5.48 -7.01 -39.81
CA GLY A 561 5.64 -7.67 -41.08
C GLY A 561 4.30 -8.21 -41.55
N ALA A 562 3.85 -7.72 -42.70
CA ALA A 562 2.56 -8.12 -43.25
C ALA A 562 2.82 -8.87 -44.55
N TRP A 563 3.16 -10.15 -44.42
CA TRP A 563 3.24 -11.03 -45.57
C TRP A 563 1.90 -11.55 -46.00
N GLU A 564 0.95 -11.66 -45.08
CA GLU A 564 -0.41 -12.00 -45.36
C GLU A 564 -1.29 -11.14 -44.50
N GLY A 565 -2.51 -10.89 -44.97
CA GLY A 565 -3.52 -10.42 -44.06
C GLY A 565 -3.84 -11.59 -43.18
N LEU A 566 -4.49 -12.60 -43.77
CA LEU A 566 -4.88 -13.81 -43.07
C LEU A 566 -3.68 -14.72 -42.92
N ARG A 567 -3.32 -15.02 -41.69
CA ARG A 567 -2.24 -15.95 -41.44
C ARG A 567 -2.78 -17.26 -40.89
N THR A 568 -1.98 -18.30 -41.05
CA THR A 568 -2.22 -19.61 -40.49
C THR A 568 -1.42 -19.77 -39.21
N ILE A 569 -2.07 -20.21 -38.16
CA ILE A 569 -1.38 -20.50 -36.92
C ILE A 569 -1.57 -21.99 -36.64
N ASP A 570 -0.48 -22.72 -36.70
CA ASP A 570 -0.48 -24.14 -36.42
C ASP A 570 -0.30 -24.37 -34.92
N ALA A 571 0.01 -25.61 -34.56
CA ALA A 571 0.34 -25.95 -33.18
C ALA A 571 1.80 -25.67 -32.86
N SER A 572 2.56 -25.14 -33.80
CA SER A 572 3.98 -24.92 -33.61
C SER A 572 4.28 -23.63 -32.91
N ASP A 573 3.70 -22.52 -33.34
CA ASP A 573 3.91 -21.21 -32.75
C ASP A 573 3.13 -21.01 -31.46
N ILE A 574 2.46 -22.05 -30.97
CA ILE A 574 1.69 -21.90 -29.74
C ILE A 574 2.59 -21.71 -28.53
N PRO A 575 3.69 -22.44 -28.34
CA PRO A 575 4.68 -22.01 -27.35
C PRO A 575 5.42 -20.74 -27.72
N THR A 576 5.31 -20.29 -28.97
CA THR A 576 5.86 -19.01 -29.34
C THR A 576 4.85 -17.90 -29.09
N TYR A 577 3.62 -18.07 -29.57
CA TYR A 577 2.66 -16.99 -29.50
C TYR A 577 1.87 -17.06 -28.21
N LEU A 578 2.21 -18.01 -27.36
CA LEU A 578 1.90 -17.99 -25.94
C LEU A 578 3.18 -18.33 -25.20
N GLY A 579 3.05 -18.61 -23.91
CA GLY A 579 4.19 -18.97 -23.09
C GLY A 579 4.61 -20.40 -23.35
N ILE A 580 5.35 -20.97 -22.41
CA ILE A 580 5.59 -22.40 -22.51
C ILE A 580 4.27 -23.03 -22.12
N PRO A 581 3.85 -24.13 -22.75
CA PRO A 581 2.65 -24.83 -22.31
C PRO A 581 2.69 -25.21 -20.84
N ARG A 582 1.84 -24.51 -20.09
CA ARG A 582 1.77 -24.60 -18.66
C ARG A 582 1.41 -25.96 -18.15
N TYR A 583 0.65 -26.72 -18.93
CA TYR A 583 0.12 -27.97 -18.45
C TYR A 583 0.51 -29.06 -19.41
N ARG A 584 0.84 -30.17 -18.87
CA ARG A 584 0.84 -31.29 -19.78
C ARG A 584 -0.60 -31.67 -20.09
N PRO A 585 -0.91 -31.90 -21.37
CA PRO A 585 -2.26 -32.34 -21.74
C PRO A 585 -2.61 -33.67 -21.09
N ASP A 586 -1.59 -34.51 -20.95
CA ASP A 586 -1.67 -35.74 -20.19
C ASP A 586 -1.15 -35.49 -18.79
N LYS A 587 -2.07 -35.45 -17.83
CA LYS A 587 -1.71 -35.42 -16.41
C LYS A 587 -2.08 -36.80 -15.88
N ALA A 588 -1.24 -37.79 -16.19
CA ALA A 588 -1.42 -39.15 -15.71
C ALA A 588 -0.06 -39.80 -15.52
N GLU A 589 0.95 -38.98 -15.22
CA GLU A 589 2.32 -39.45 -15.18
C GLU A 589 2.90 -39.37 -13.78
N THR A 590 2.07 -39.56 -12.75
CA THR A 590 2.43 -39.08 -11.44
C THR A 590 3.10 -40.15 -10.60
N GLU A 591 3.55 -41.25 -11.23
CA GLU A 591 4.35 -42.31 -10.63
C GLU A 591 3.69 -42.91 -9.40
N PRO A 592 2.69 -43.78 -9.58
CA PRO A 592 1.56 -43.92 -8.63
C PRO A 592 1.95 -44.16 -7.19
N GLN A 593 1.20 -43.51 -6.28
CA GLN A 593 1.65 -43.27 -4.93
C GLN A 593 1.52 -44.54 -4.10
N VAL A 594 2.03 -44.49 -2.87
CA VAL A 594 2.01 -45.66 -2.01
C VAL A 594 1.20 -45.34 -0.77
N GLY A 595 1.22 -44.07 -0.35
CA GLY A 595 0.66 -43.74 0.95
C GLY A 595 -0.23 -42.53 0.98
N THR A 596 -0.86 -42.19 -0.14
CA THR A 596 -1.58 -40.93 -0.33
C THR A 596 -2.42 -41.04 -1.60
N ALA A 597 -3.68 -40.60 -1.55
CA ALA A 597 -4.63 -40.96 -2.61
C ALA A 597 -5.21 -39.75 -3.33
N GLN A 598 -5.26 -39.82 -4.66
CA GLN A 598 -5.94 -38.81 -5.48
C GLN A 598 -7.41 -39.15 -5.66
N GLY A 599 -8.29 -38.17 -5.46
CA GLY A 599 -9.70 -38.35 -5.70
C GLY A 599 -10.43 -37.02 -5.86
N LEU A 600 -11.67 -37.13 -6.35
CA LEU A 600 -12.50 -36.00 -6.74
C LEU A 600 -12.87 -35.12 -5.55
N ALA A 601 -13.29 -33.91 -5.86
CA ALA A 601 -13.53 -32.88 -4.86
C ALA A 601 -14.47 -31.84 -5.43
N TRP A 602 -15.24 -31.20 -4.56
CA TRP A 602 -16.25 -30.23 -4.96
C TRP A 602 -15.84 -28.87 -4.40
N THR A 603 -15.98 -27.84 -5.22
CA THR A 603 -15.64 -26.44 -5.07
C THR A 603 -16.86 -25.59 -5.40
N PRO A 604 -16.90 -24.32 -4.98
CA PRO A 604 -17.97 -23.44 -5.47
C PRO A 604 -17.85 -23.13 -6.96
N VAL A 605 -16.70 -23.37 -7.57
CA VAL A 605 -16.58 -23.23 -9.00
C VAL A 605 -16.68 -24.60 -9.67
N GLY A 606 -17.07 -25.61 -8.90
CA GLY A 606 -17.40 -26.88 -9.51
C GLY A 606 -16.77 -28.14 -8.92
N GLY A 607 -15.98 -28.85 -9.71
CA GLY A 607 -15.36 -30.09 -9.27
C GLY A 607 -13.93 -30.16 -9.75
N THR A 608 -13.16 -31.02 -9.09
CA THR A 608 -11.72 -31.13 -9.32
C THR A 608 -11.20 -32.42 -8.73
N LEU A 609 -9.87 -32.51 -8.66
CA LEU A 609 -9.13 -33.65 -8.14
C LEU A 609 -8.08 -33.20 -7.14
N LEU A 610 -7.95 -33.97 -6.06
CA LEU A 610 -7.01 -33.63 -4.99
C LEU A 610 -6.39 -34.90 -4.43
N THR A 611 -5.07 -34.87 -4.27
CA THR A 611 -4.32 -35.94 -3.61
C THR A 611 -4.33 -35.66 -2.11
N ILE A 612 -5.26 -36.27 -1.41
CA ILE A 612 -5.34 -36.15 0.04
C ILE A 612 -4.25 -37.00 0.67
N GLU A 613 -3.48 -36.38 1.56
CA GLU A 613 -2.26 -36.97 2.13
C GLU A 613 -2.58 -37.55 3.50
N VAL A 614 -1.84 -38.58 3.88
CA VAL A 614 -1.93 -39.19 5.20
C VAL A 614 -0.51 -39.45 5.70
N ALA A 615 -0.24 -39.08 6.94
CA ALA A 615 0.96 -39.50 7.64
C ALA A 615 0.55 -40.43 8.78
N ALA A 616 0.75 -41.72 8.60
CA ALA A 616 0.52 -42.69 9.66
C ALA A 616 1.76 -42.65 10.54
N VAL A 617 1.77 -41.77 11.53
CA VAL A 617 2.98 -41.54 12.32
C VAL A 617 2.92 -42.42 13.56
N PRO A 618 4.06 -42.89 14.07
CA PRO A 618 4.02 -43.59 15.35
C PRO A 618 3.71 -42.60 16.45
N GLY A 619 3.02 -43.09 17.45
CA GLY A 619 2.61 -42.14 18.49
C GLY A 619 1.79 -42.83 19.55
N SER A 620 0.66 -42.20 19.87
CA SER A 620 -0.22 -42.70 20.91
C SER A 620 -1.48 -43.35 20.36
N GLY A 621 -1.67 -43.30 19.05
CA GLY A 621 -2.84 -43.89 18.46
C GLY A 621 -3.87 -42.78 18.43
N LYS A 622 -3.95 -42.06 17.32
CA LYS A 622 -4.76 -40.85 17.27
C LYS A 622 -5.24 -40.64 15.85
N LEU A 623 -5.93 -39.53 15.66
CA LEU A 623 -6.44 -39.17 14.36
C LEU A 623 -6.36 -37.67 14.24
N SER A 624 -5.83 -37.18 13.13
CA SER A 624 -5.59 -35.76 12.99
C SER A 624 -5.91 -35.32 11.57
N LEU A 625 -7.10 -34.75 11.40
CA LEU A 625 -7.57 -34.28 10.10
C LEU A 625 -7.25 -32.81 9.95
N THR A 626 -6.34 -32.51 9.03
CA THR A 626 -5.93 -31.15 8.78
C THR A 626 -6.43 -30.71 7.42
N GLY A 627 -6.34 -29.42 7.18
CA GLY A 627 -7.14 -28.77 6.19
C GLY A 627 -8.32 -28.04 6.77
N GLN A 628 -8.40 -27.98 8.11
CA GLN A 628 -9.48 -27.37 8.88
C GLN A 628 -10.81 -27.94 8.45
N LEU A 629 -10.98 -29.24 8.69
CA LEU A 629 -12.02 -30.00 8.04
C LEU A 629 -13.31 -30.00 8.83
N GLY A 630 -14.37 -30.42 8.16
CA GLY A 630 -15.59 -30.72 8.84
C GLY A 630 -15.46 -31.98 9.65
N GLU A 631 -16.26 -32.05 10.71
CA GLU A 631 -16.35 -33.26 11.49
C GLU A 631 -16.99 -34.39 10.68
N VAL A 632 -17.74 -34.05 9.62
CA VAL A 632 -18.25 -35.05 8.68
C VAL A 632 -17.10 -35.84 8.06
N MET A 633 -16.00 -35.15 7.75
CA MET A 633 -14.81 -35.81 7.28
C MET A 633 -14.22 -36.68 8.37
N LYS A 634 -14.31 -36.21 9.61
CA LYS A 634 -13.68 -36.90 10.72
C LYS A 634 -14.41 -38.19 11.05
N GLU A 635 -15.74 -38.16 10.99
CA GLU A 635 -16.50 -39.36 11.31
C GLU A 635 -16.53 -40.33 10.14
N SER A 636 -16.43 -39.84 8.90
CA SER A 636 -16.22 -40.77 7.80
C SER A 636 -14.82 -41.39 7.87
N ALA A 637 -13.84 -40.63 8.36
CA ALA A 637 -12.54 -41.21 8.65
C ALA A 637 -12.64 -42.23 9.78
N GLN A 638 -13.48 -41.95 10.77
CA GLN A 638 -13.75 -42.91 11.85
C GLN A 638 -14.42 -44.16 11.33
N ALA A 639 -15.27 -44.00 10.32
CA ALA A 639 -15.88 -45.16 9.67
C ALA A 639 -14.83 -45.99 8.95
N ALA A 640 -13.85 -45.32 8.35
CA ALA A 640 -12.73 -46.03 7.75
C ALA A 640 -11.92 -46.77 8.82
N LEU A 641 -11.70 -46.12 9.96
CA LEU A 641 -11.02 -46.74 11.10
C LEU A 641 -11.79 -47.94 11.59
N THR A 642 -13.12 -47.81 11.61
CA THR A 642 -14.01 -48.88 12.02
C THR A 642 -13.91 -50.06 11.09
N TYR A 643 -13.89 -49.79 9.79
CA TYR A 643 -13.74 -50.86 8.80
C TYR A 643 -12.41 -51.56 8.98
N LEU A 644 -11.35 -50.81 9.20
CA LEU A 644 -10.04 -51.43 9.29
C LEU A 644 -9.81 -52.11 10.62
N ARG A 645 -10.50 -51.67 11.68
CA ARG A 645 -10.57 -52.45 12.89
C ARG A 645 -11.34 -53.75 12.68
N ALA A 646 -12.34 -53.74 11.81
CA ALA A 646 -12.99 -54.99 11.44
C ALA A 646 -12.23 -55.76 10.37
N HIS A 647 -11.27 -55.13 9.71
CA HIS A 647 -10.56 -55.75 8.59
C HIS A 647 -9.07 -55.68 8.81
N THR A 648 -8.63 -56.10 9.99
CA THR A 648 -7.24 -55.94 10.36
C THR A 648 -6.34 -56.86 9.53
N GLN A 649 -6.55 -58.16 9.61
CA GLN A 649 -5.78 -59.10 8.80
C GLN A 649 -6.57 -59.54 7.59
N ASP A 650 -7.36 -58.64 7.03
CA ASP A 650 -8.08 -58.91 5.80
C ASP A 650 -7.34 -58.40 4.58
N TYR A 651 -6.85 -57.16 4.63
CA TYR A 651 -6.04 -56.61 3.57
C TYR A 651 -4.58 -56.41 3.96
N GLY A 652 -4.23 -56.71 5.22
CA GLY A 652 -2.86 -56.70 5.67
C GLY A 652 -2.56 -55.36 6.30
N LEU A 653 -2.60 -55.31 7.64
CA LEU A 653 -2.59 -54.04 8.34
C LEU A 653 -1.92 -54.24 9.70
N PRO A 654 -1.44 -53.16 10.31
CA PRO A 654 -1.06 -53.26 11.73
C PRO A 654 -2.27 -53.27 12.64
N GLU A 655 -2.09 -53.69 13.89
CA GLU A 655 -3.15 -53.63 14.87
C GLU A 655 -3.19 -52.31 15.64
N ASP A 656 -2.34 -51.34 15.26
CA ASP A 656 -2.37 -50.00 15.83
C ASP A 656 -2.42 -48.96 14.72
N PHE A 657 -3.52 -48.24 14.66
CA PHE A 657 -3.60 -46.96 13.99
C PHE A 657 -4.44 -46.12 14.93
N TYR A 658 -4.70 -46.72 16.08
CA TYR A 658 -5.65 -46.25 17.06
C TYR A 658 -5.09 -46.55 18.44
N ASN A 659 -3.97 -47.26 18.49
CA ASN A 659 -3.37 -47.65 19.76
C ASN A 659 -2.07 -46.93 20.04
N LYS A 660 -1.15 -46.95 19.08
CA LYS A 660 0.19 -46.40 19.24
C LYS A 660 0.64 -45.74 17.95
N VAL A 661 -0.27 -45.58 17.01
CA VAL A 661 0.04 -44.97 15.73
C VAL A 661 -0.96 -43.84 15.52
N ASP A 662 -0.48 -42.61 15.66
CA ASP A 662 -1.29 -41.46 15.38
C ASP A 662 -1.48 -41.34 13.88
N LEU A 663 -2.59 -40.76 13.47
CA LEU A 663 -2.89 -40.70 12.05
C LEU A 663 -3.13 -39.26 11.65
N HIS A 664 -2.22 -38.73 10.83
CA HIS A 664 -2.33 -37.38 10.34
C HIS A 664 -3.02 -37.44 9.01
N VAL A 665 -4.00 -36.57 8.81
CA VAL A 665 -4.83 -36.54 7.62
C VAL A 665 -4.79 -35.12 7.11
N HIS A 666 -4.56 -34.95 5.80
CA HIS A 666 -4.74 -33.64 5.19
C HIS A 666 -5.48 -33.70 3.87
N VAL A 667 -6.69 -33.16 3.91
CA VAL A 667 -7.43 -32.76 2.72
C VAL A 667 -6.94 -31.37 2.35
N PRO A 668 -6.68 -31.10 1.07
CA PRO A 668 -6.24 -29.77 0.64
C PRO A 668 -7.23 -28.64 0.86
N ASP A 669 -8.50 -28.94 1.06
CA ASP A 669 -9.48 -27.91 1.33
C ASP A 669 -10.15 -28.16 2.67
N GLY A 670 -11.12 -27.32 2.98
CA GLY A 670 -11.84 -27.41 4.23
C GLY A 670 -13.27 -27.86 4.04
N ALA A 671 -14.21 -27.04 4.50
CA ALA A 671 -15.62 -27.34 4.35
C ALA A 671 -16.04 -27.21 2.89
N THR A 672 -16.25 -28.37 2.27
CA THR A 672 -16.67 -28.51 0.88
C THR A 672 -18.07 -27.96 0.70
N PRO A 673 -18.40 -27.45 -0.48
CA PRO A 673 -19.79 -27.05 -0.72
C PRO A 673 -20.69 -28.25 -0.80
N LYS A 674 -20.16 -29.35 -1.30
CA LYS A 674 -20.81 -30.65 -1.17
C LYS A 674 -20.52 -31.12 0.25
N ASP A 675 -21.40 -30.76 1.16
CA ASP A 675 -21.22 -31.07 2.57
C ASP A 675 -21.34 -32.55 2.83
N GLY A 676 -20.91 -32.98 4.01
CA GLY A 676 -20.82 -34.38 4.31
C GLY A 676 -19.62 -34.98 3.62
N PRO A 677 -19.48 -36.30 3.70
CA PRO A 677 -18.37 -36.94 3.00
C PRO A 677 -18.62 -36.92 1.51
N SER A 678 -18.00 -35.96 0.85
CA SER A 678 -18.12 -35.93 -0.60
C SER A 678 -17.15 -36.92 -1.22
N ALA A 679 -16.05 -37.19 -0.53
CA ALA A 679 -14.98 -38.03 -1.09
C ALA A 679 -14.34 -38.95 -0.07
N GLY A 680 -15.13 -39.47 0.89
CA GLY A 680 -14.55 -40.13 2.05
C GLY A 680 -13.86 -41.45 1.71
N ILE A 681 -14.25 -42.06 0.60
CA ILE A 681 -13.62 -43.29 0.19
C ILE A 681 -12.20 -43.06 -0.29
N THR A 682 -11.92 -41.88 -0.87
CA THR A 682 -10.56 -41.54 -1.25
C THR A 682 -9.69 -41.40 -0.01
N MET A 683 -10.26 -40.80 1.04
CA MET A 683 -9.56 -40.72 2.32
C MET A 683 -9.23 -42.09 2.85
N ALA A 684 -10.23 -42.98 2.86
CA ALA A 684 -10.01 -44.35 3.33
C ALA A 684 -8.95 -45.07 2.49
N THR A 685 -8.89 -44.77 1.20
CA THR A 685 -7.84 -45.37 0.39
C THR A 685 -6.48 -44.80 0.72
N ALA A 686 -6.41 -43.49 1.01
CA ALA A 686 -5.14 -42.93 1.47
C ALA A 686 -4.75 -43.51 2.82
N ILE A 687 -5.75 -43.84 3.64
CA ILE A 687 -5.52 -44.44 4.94
C ILE A 687 -4.89 -45.81 4.79
N ALA A 688 -5.52 -46.67 3.99
CA ALA A 688 -4.96 -48.00 3.80
C ALA A 688 -3.72 -47.96 2.94
N SER A 689 -3.55 -46.88 2.18
CA SER A 689 -2.30 -46.63 1.48
C SER A 689 -1.17 -46.44 2.46
N ALA A 690 -1.40 -45.63 3.50
CA ALA A 690 -0.38 -45.45 4.51
C ALA A 690 -0.26 -46.64 5.43
N LEU A 691 -1.35 -47.38 5.63
CA LEU A 691 -1.30 -48.46 6.61
C LEU A 691 -0.84 -49.76 5.99
N SER A 692 -1.57 -50.26 5.00
CA SER A 692 -1.20 -51.48 4.28
C SER A 692 0.03 -51.30 3.43
N ARG A 693 0.46 -50.05 3.18
CA ARG A 693 1.74 -49.72 2.53
C ARG A 693 1.81 -50.22 1.09
N ARG A 694 0.64 -50.41 0.48
CA ARG A 694 0.67 -50.92 -0.86
C ARG A 694 0.58 -49.77 -1.84
N PRO A 695 1.27 -49.85 -2.98
CA PRO A 695 1.27 -48.72 -3.92
C PRO A 695 -0.07 -48.56 -4.62
N ALA A 696 -0.59 -47.34 -4.56
CA ALA A 696 -1.87 -47.00 -5.13
C ALA A 696 -1.76 -46.81 -6.64
N ARG A 697 -2.79 -46.22 -7.22
CA ARG A 697 -2.75 -45.86 -8.63
C ARG A 697 -3.28 -44.47 -8.85
N MET A 698 -2.61 -43.76 -9.74
CA MET A 698 -3.22 -42.63 -10.39
C MET A 698 -4.14 -43.10 -11.52
N ASP A 699 -4.80 -42.11 -12.14
CA ASP A 699 -5.80 -42.26 -13.20
C ASP A 699 -6.97 -43.13 -12.71
N ILE A 700 -7.21 -43.12 -11.40
CA ILE A 700 -8.40 -43.73 -10.84
C ILE A 700 -9.02 -42.73 -9.88
N ALA A 701 -10.06 -42.05 -10.31
CA ALA A 701 -10.71 -41.09 -9.43
C ALA A 701 -11.88 -41.74 -8.71
N MET A 702 -12.03 -41.36 -7.44
CA MET A 702 -13.11 -41.91 -6.62
C MET A 702 -13.48 -40.92 -5.53
N THR A 703 -14.73 -41.03 -5.08
CA THR A 703 -15.36 -40.05 -4.21
C THR A 703 -16.63 -40.65 -3.64
N GLY A 704 -17.03 -40.19 -2.46
CA GLY A 704 -18.27 -40.63 -1.87
C GLY A 704 -18.22 -40.66 -0.37
N GLU A 705 -19.16 -41.41 0.18
CA GLU A 705 -19.34 -41.60 1.61
C GLU A 705 -18.82 -42.97 2.05
N VAL A 706 -18.42 -43.05 3.31
CA VAL A 706 -18.06 -44.32 3.91
C VAL A 706 -19.10 -44.59 4.98
N SER A 707 -19.99 -45.52 4.71
CA SER A 707 -20.95 -45.91 5.72
C SER A 707 -20.26 -46.70 6.82
N LEU A 708 -20.71 -46.49 8.06
CA LEU A 708 -20.22 -47.25 9.21
C LEU A 708 -20.73 -48.68 9.22
N ARG A 709 -21.65 -49.02 8.31
CA ARG A 709 -21.92 -50.41 7.96
C ARG A 709 -20.66 -51.11 7.47
N GLY A 710 -19.76 -50.37 6.84
CA GLY A 710 -18.64 -50.94 6.12
C GLY A 710 -18.98 -50.87 4.65
N LYS A 711 -19.75 -49.84 4.28
CA LYS A 711 -20.30 -49.72 2.94
C LYS A 711 -20.05 -48.31 2.41
N VAL A 712 -20.39 -48.12 1.15
CA VAL A 712 -20.31 -46.81 0.52
C VAL A 712 -21.72 -46.35 0.20
N MET A 713 -22.03 -45.17 0.60
CA MET A 713 -23.37 -44.73 0.23
C MET A 713 -23.29 -43.58 -0.77
N PRO A 714 -24.18 -43.57 -1.76
CA PRO A 714 -24.05 -42.61 -2.86
C PRO A 714 -24.42 -41.18 -2.48
N ILE A 715 -23.93 -40.25 -3.29
CA ILE A 715 -24.29 -38.85 -3.17
C ILE A 715 -24.61 -38.33 -4.56
N GLY A 716 -25.20 -37.14 -4.60
CA GLY A 716 -25.30 -36.38 -5.83
C GLY A 716 -24.03 -35.59 -6.06
N GLY A 717 -24.08 -34.72 -7.07
CA GLY A 717 -23.00 -33.81 -7.37
C GLY A 717 -21.72 -34.44 -7.88
N VAL A 718 -21.69 -35.76 -8.07
CA VAL A 718 -20.50 -36.39 -8.60
C VAL A 718 -20.43 -36.21 -10.11
N LYS A 719 -21.54 -35.77 -10.71
CA LYS A 719 -21.62 -35.54 -12.15
C LYS A 719 -20.58 -34.53 -12.61
N GLU A 720 -20.51 -33.38 -11.94
CA GLU A 720 -19.66 -32.34 -12.49
C GLU A 720 -18.20 -32.59 -12.14
N LYS A 721 -17.97 -33.31 -11.04
CA LYS A 721 -16.63 -33.82 -10.79
C LYS A 721 -16.22 -34.83 -11.86
N LEU A 722 -17.17 -35.60 -12.38
CA LEU A 722 -16.87 -36.47 -13.52
C LEU A 722 -16.62 -35.66 -14.78
N LEU A 723 -17.29 -34.51 -14.91
CA LEU A 723 -16.98 -33.63 -16.03
C LEU A 723 -15.60 -33.04 -15.89
N ALA A 724 -15.17 -32.80 -14.66
CA ALA A 724 -13.81 -32.34 -14.41
C ALA A 724 -12.81 -33.43 -14.80
N ALA A 725 -13.02 -34.65 -14.31
CA ALA A 725 -12.11 -35.75 -14.58
C ALA A 725 -12.12 -36.15 -16.05
N HIS A 726 -13.27 -35.96 -16.71
CA HIS A 726 -13.34 -36.05 -18.17
C HIS A 726 -12.44 -35.03 -18.82
N GLN A 727 -12.58 -33.77 -18.41
CA GLN A 727 -11.73 -32.72 -18.91
C GLN A 727 -10.33 -32.78 -18.32
N ALA A 728 -10.13 -33.54 -17.24
CA ALA A 728 -8.80 -33.87 -16.77
C ALA A 728 -8.23 -35.10 -17.44
N GLY A 729 -9.00 -35.76 -18.30
CA GLY A 729 -8.52 -36.92 -19.02
C GLY A 729 -8.31 -38.12 -18.13
N ILE A 730 -9.13 -38.24 -17.10
CA ILE A 730 -9.09 -39.38 -16.21
C ILE A 730 -9.95 -40.45 -16.84
N HIS A 731 -9.72 -41.71 -16.49
CA HIS A 731 -10.40 -42.78 -17.20
C HIS A 731 -10.97 -43.90 -16.33
N LYS A 732 -10.56 -44.05 -15.07
CA LYS A 732 -11.13 -45.10 -14.23
C LYS A 732 -11.87 -44.45 -13.08
N ILE A 733 -13.15 -44.78 -12.92
CA ILE A 733 -13.95 -44.21 -11.84
C ILE A 733 -14.56 -45.36 -11.04
N VAL A 734 -14.49 -45.27 -9.72
CA VAL A 734 -15.26 -46.14 -8.84
C VAL A 734 -16.40 -45.32 -8.25
N LEU A 735 -17.62 -45.72 -8.55
CA LEU A 735 -18.81 -45.07 -8.02
C LEU A 735 -19.62 -46.11 -7.29
N PRO A 736 -20.45 -45.70 -6.33
CA PRO A 736 -21.39 -46.65 -5.73
C PRO A 736 -22.48 -47.04 -6.71
N LYS A 737 -23.12 -48.16 -6.38
CA LYS A 737 -23.98 -48.87 -7.30
C LYS A 737 -25.24 -48.11 -7.65
N ASP A 738 -25.76 -47.32 -6.72
CA ASP A 738 -26.97 -46.55 -6.94
C ASP A 738 -26.73 -45.31 -7.77
N ASN A 739 -25.47 -44.95 -8.02
CA ASN A 739 -25.18 -43.87 -8.93
C ASN A 739 -25.02 -44.37 -10.36
N GLU A 740 -25.35 -45.65 -10.60
CA GLU A 740 -25.54 -46.11 -11.97
C GLU A 740 -26.68 -45.40 -12.66
N ALA A 741 -27.75 -45.08 -11.92
CA ALA A 741 -28.82 -44.27 -12.50
C ALA A 741 -28.44 -42.81 -12.56
N GLN A 742 -27.38 -42.42 -11.83
CA GLN A 742 -26.90 -41.05 -11.94
C GLN A 742 -26.00 -40.87 -13.14
N LEU A 743 -25.60 -41.97 -13.77
CA LEU A 743 -24.89 -41.94 -15.04
C LEU A 743 -25.79 -41.49 -16.19
N GLU A 744 -27.11 -41.51 -15.98
CA GLU A 744 -28.07 -41.41 -17.07
C GLU A 744 -28.16 -40.00 -17.64
N GLU A 745 -28.15 -38.98 -16.78
CA GLU A 745 -28.22 -37.62 -17.26
C GLU A 745 -26.87 -37.06 -17.68
N LEU A 746 -25.79 -37.84 -17.51
CA LEU A 746 -24.48 -37.48 -17.98
C LEU A 746 -24.25 -38.12 -19.34
N PRO A 747 -23.62 -37.43 -20.31
CA PRO A 747 -23.37 -38.06 -21.61
C PRO A 747 -22.43 -39.24 -21.54
N LYS A 748 -22.65 -40.22 -22.42
CA LYS A 748 -21.76 -41.36 -22.45
C LYS A 748 -20.47 -41.00 -23.17
N GLU A 749 -20.49 -39.94 -23.97
CA GLU A 749 -19.26 -39.42 -24.56
C GLU A 749 -18.34 -38.82 -23.49
N VAL A 750 -18.92 -38.39 -22.38
CA VAL A 750 -18.12 -38.16 -21.20
C VAL A 750 -17.60 -39.49 -20.66
N LEU A 751 -18.41 -40.55 -20.76
CA LEU A 751 -18.16 -41.79 -20.06
C LEU A 751 -17.50 -42.86 -20.92
N GLU A 752 -17.11 -42.54 -22.15
CA GLU A 752 -16.37 -43.54 -22.92
C GLU A 752 -14.96 -43.75 -22.39
N GLY A 753 -14.25 -42.68 -22.07
CA GLY A 753 -12.93 -42.81 -21.48
C GLY A 753 -13.06 -43.19 -20.03
N LEU A 754 -14.00 -42.55 -19.34
CA LEU A 754 -14.26 -42.81 -17.93
C LEU A 754 -14.86 -44.20 -17.80
N GLU A 755 -14.02 -45.20 -17.56
CA GLU A 755 -14.55 -46.52 -17.28
C GLU A 755 -15.00 -46.51 -15.83
N ILE A 756 -16.13 -47.13 -15.56
CA ILE A 756 -16.80 -46.98 -14.27
C ILE A 756 -16.79 -48.31 -13.56
N LYS A 757 -16.50 -48.28 -12.26
CA LYS A 757 -16.46 -49.47 -11.44
C LYS A 757 -17.55 -49.29 -10.37
N LEU A 758 -18.77 -49.64 -10.74
CA LEU A 758 -19.95 -49.35 -9.93
C LEU A 758 -20.07 -50.35 -8.78
N VAL A 759 -19.34 -50.08 -7.70
CA VAL A 759 -19.37 -50.92 -6.51
C VAL A 759 -19.48 -50.02 -5.28
N GLU A 760 -20.12 -50.51 -4.23
CA GLU A 760 -20.17 -49.77 -2.98
C GLU A 760 -19.80 -50.62 -1.78
N ASP A 761 -19.01 -51.68 -2.01
CA ASP A 761 -18.31 -52.39 -0.95
C ASP A 761 -16.98 -51.71 -0.69
N VAL A 762 -16.54 -51.77 0.56
CA VAL A 762 -15.34 -51.04 0.92
C VAL A 762 -14.09 -51.87 0.65
N GLY A 763 -14.13 -53.19 0.86
CA GLY A 763 -13.00 -54.02 0.44
C GLY A 763 -12.79 -54.03 -1.07
N GLU A 764 -13.87 -53.90 -1.82
CA GLU A 764 -13.75 -53.81 -3.27
C GLU A 764 -13.12 -52.50 -3.69
N VAL A 765 -13.38 -51.40 -2.98
CA VAL A 765 -12.73 -50.14 -3.36
C VAL A 765 -11.31 -50.10 -2.79
N LEU A 766 -11.01 -50.94 -1.79
CA LEU A 766 -9.61 -51.19 -1.42
C LEU A 766 -8.88 -51.86 -2.56
N GLU A 767 -9.56 -52.75 -3.26
CA GLU A 767 -8.94 -53.45 -4.37
C GLU A 767 -8.77 -52.56 -5.61
N TYR A 768 -9.85 -51.87 -6.02
CA TYR A 768 -9.84 -51.18 -7.31
C TYR A 768 -8.90 -49.99 -7.41
N LEU A 769 -8.51 -49.37 -6.30
CA LEU A 769 -7.54 -48.31 -6.43
C LEU A 769 -6.12 -48.85 -6.52
N LEU A 770 -5.68 -49.57 -5.49
CA LEU A 770 -4.27 -49.91 -5.32
C LEU A 770 -3.77 -50.80 -6.44
N LEU A 771 -2.51 -50.60 -6.83
CA LEU A 771 -1.97 -51.39 -7.94
C LEU A 771 -1.77 -52.85 -7.55
N PRO A 772 -1.37 -53.19 -6.33
CA PRO A 772 -1.79 -54.50 -5.80
C PRO A 772 -3.07 -54.36 -5.00
N GLU A 773 -4.10 -55.12 -5.42
CA GLU A 773 -5.45 -54.94 -4.89
C GLU A 773 -5.59 -55.27 -3.40
N PRO A 774 -4.90 -56.27 -2.83
CA PRO A 774 -4.91 -56.21 -1.36
C PRO A 774 -4.00 -55.11 -0.82
N LEU B 243 -15.33 44.67 -15.59
CA LEU B 243 -14.02 45.11 -16.03
C LEU B 243 -13.74 44.55 -17.41
N SER B 244 -12.92 45.27 -18.18
CA SER B 244 -12.53 44.80 -19.50
C SER B 244 -11.69 43.54 -19.43
N ASP B 245 -11.03 43.30 -18.30
CA ASP B 245 -10.45 41.99 -18.01
C ASP B 245 -11.50 40.90 -18.03
N LEU B 246 -12.67 41.17 -17.46
CA LEU B 246 -13.73 40.17 -17.47
C LEU B 246 -14.37 40.06 -18.85
N GLU B 247 -14.39 41.17 -19.59
CA GLU B 247 -14.80 41.13 -20.99
C GLU B 247 -13.87 40.25 -21.80
N ALA B 248 -12.57 40.32 -21.51
CA ALA B 248 -11.61 39.46 -22.15
C ALA B 248 -11.77 38.01 -21.71
N LEU B 249 -12.21 37.78 -20.47
CA LEU B 249 -12.54 36.42 -20.04
C LEU B 249 -13.68 35.86 -20.88
N ARG B 250 -14.67 36.70 -21.17
CA ARG B 250 -15.77 36.29 -22.05
C ARG B 250 -15.26 35.98 -23.45
N LYS B 251 -14.29 36.76 -23.93
CA LYS B 251 -13.67 36.45 -25.22
C LYS B 251 -12.96 35.10 -25.17
N LYS B 252 -12.12 34.90 -24.16
CA LYS B 252 -11.32 33.69 -24.04
C LYS B 252 -12.14 32.47 -23.68
N ILE B 253 -13.40 32.63 -23.30
CA ILE B 253 -14.30 31.48 -23.24
C ILE B 253 -15.02 31.32 -24.56
N GLU B 254 -15.75 32.36 -24.97
CA GLU B 254 -16.69 32.27 -26.07
C GLU B 254 -16.03 32.44 -27.42
N GLU B 255 -14.70 32.30 -27.48
CA GLU B 255 -14.00 32.07 -28.74
C GLU B 255 -13.21 30.78 -28.67
N VAL B 256 -13.20 30.09 -27.53
CA VAL B 256 -12.82 28.69 -27.42
C VAL B 256 -14.05 27.87 -27.74
N GLY B 257 -13.87 26.82 -28.55
CA GLY B 257 -14.98 25.94 -28.88
C GLY B 257 -15.53 25.28 -27.64
N MET B 258 -16.84 25.40 -27.46
CA MET B 258 -17.49 24.93 -26.25
C MET B 258 -18.76 24.20 -26.63
N PRO B 259 -19.27 23.33 -25.77
CA PRO B 259 -20.70 23.05 -25.80
C PRO B 259 -21.45 24.33 -25.50
N GLU B 260 -22.65 24.47 -26.06
CA GLU B 260 -23.46 25.63 -25.72
C GLU B 260 -24.00 25.55 -24.30
N ALA B 261 -23.88 24.38 -23.65
CA ALA B 261 -24.04 24.30 -22.21
C ALA B 261 -23.04 25.18 -21.49
N VAL B 262 -21.78 25.19 -21.97
CA VAL B 262 -20.78 26.10 -21.41
C VAL B 262 -21.16 27.54 -21.68
N LYS B 263 -21.62 27.82 -22.91
CA LYS B 263 -22.06 29.17 -23.29
C LYS B 263 -23.17 29.65 -22.38
N THR B 264 -24.13 28.78 -22.12
CA THR B 264 -25.28 29.12 -21.30
C THR B 264 -24.87 29.34 -19.85
N LYS B 265 -24.10 28.41 -19.28
CA LYS B 265 -23.73 28.52 -17.88
C LYS B 265 -22.79 29.70 -17.65
N ALA B 266 -21.96 30.03 -18.64
CA ALA B 266 -21.04 31.15 -18.53
C ALA B 266 -21.75 32.48 -18.70
N LEU B 267 -22.76 32.53 -19.58
CA LEU B 267 -23.56 33.74 -19.67
C LEU B 267 -24.42 33.93 -18.44
N LYS B 268 -24.77 32.84 -17.76
CA LYS B 268 -25.45 33.03 -16.47
C LYS B 268 -24.47 33.48 -15.41
N GLU B 269 -23.21 33.06 -15.51
CA GLU B 269 -22.17 33.64 -14.66
C GLU B 269 -22.05 35.12 -14.94
N LEU B 270 -22.15 35.50 -16.21
CA LEU B 270 -22.18 36.91 -16.59
C LEU B 270 -23.44 37.59 -16.08
N ASP B 271 -24.52 36.82 -15.90
CA ASP B 271 -25.69 37.33 -15.23
C ASP B 271 -25.50 37.38 -13.73
N ARG B 272 -24.48 36.72 -13.20
CA ARG B 272 -24.06 36.90 -11.83
C ARG B 272 -22.82 37.78 -11.74
N LEU B 273 -22.22 38.08 -12.88
CA LEU B 273 -21.20 39.11 -12.98
C LEU B 273 -21.79 40.26 -13.77
N GLU B 274 -23.08 40.52 -13.55
CA GLU B 274 -23.65 41.77 -14.01
C GLU B 274 -24.10 42.58 -12.80
N ARG B 275 -24.27 41.89 -11.68
CA ARG B 275 -24.70 42.55 -10.46
C ARG B 275 -23.68 42.48 -9.34
N MET B 276 -22.93 41.39 -9.23
CA MET B 276 -21.85 41.27 -8.27
C MET B 276 -20.55 41.59 -9.00
N GLN B 277 -20.17 42.86 -8.95
CA GLN B 277 -18.93 43.27 -9.60
C GLN B 277 -17.76 43.36 -8.62
N GLN B 278 -17.83 44.23 -7.64
CA GLN B 278 -17.06 44.08 -6.42
C GLN B 278 -17.94 43.48 -5.34
N GLY B 279 -19.06 42.87 -5.72
CA GLY B 279 -20.03 42.45 -4.75
C GLY B 279 -19.66 41.16 -4.05
N SER B 280 -20.71 40.49 -3.54
CA SER B 280 -20.69 39.24 -2.77
C SER B 280 -19.91 38.17 -3.52
N PRO B 281 -19.32 37.14 -2.84
CA PRO B 281 -18.48 36.14 -3.54
C PRO B 281 -19.13 35.35 -4.69
N GLU B 282 -20.44 35.56 -4.89
CA GLU B 282 -21.06 35.40 -6.20
C GLU B 282 -20.33 36.18 -7.29
N ALA B 283 -19.73 37.31 -6.95
CA ALA B 283 -18.70 37.86 -7.82
C ALA B 283 -17.54 36.88 -7.95
N THR B 284 -17.03 36.43 -6.82
CA THR B 284 -15.70 35.84 -6.76
C THR B 284 -15.70 34.43 -7.32
N VAL B 285 -16.70 33.63 -6.95
CA VAL B 285 -16.76 32.27 -7.46
C VAL B 285 -17.08 32.27 -8.95
N ALA B 286 -17.81 33.29 -9.42
CA ALA B 286 -18.17 33.32 -10.83
C ALA B 286 -17.00 33.80 -11.68
N ARG B 287 -16.20 34.73 -11.16
CA ARG B 287 -15.05 35.16 -11.93
C ARG B 287 -13.98 34.08 -11.94
N THR B 288 -13.82 33.34 -10.83
CA THR B 288 -12.93 32.17 -10.88
C THR B 288 -13.52 31.06 -11.73
N TYR B 289 -14.84 31.01 -11.82
CA TYR B 289 -15.51 30.02 -12.64
C TYR B 289 -15.23 30.26 -14.11
N LEU B 290 -15.39 31.51 -14.53
CA LEU B 290 -15.05 31.89 -15.90
C LEU B 290 -13.57 31.81 -16.16
N ASP B 291 -12.75 31.97 -15.12
CA ASP B 291 -11.33 31.68 -15.27
C ASP B 291 -11.09 30.22 -15.60
N TRP B 292 -11.73 29.32 -14.86
CA TRP B 292 -11.67 27.89 -15.19
C TRP B 292 -12.19 27.61 -16.59
N LEU B 293 -13.22 28.33 -17.01
CA LEU B 293 -13.75 28.14 -18.35
C LEU B 293 -12.84 28.68 -19.44
N THR B 294 -12.10 29.76 -19.16
CA THR B 294 -11.06 30.21 -20.08
C THR B 294 -9.95 29.19 -20.18
N GLU B 295 -9.53 28.66 -19.03
CA GLU B 295 -8.21 28.07 -18.91
C GLU B 295 -8.19 26.58 -19.18
N VAL B 296 -9.28 25.89 -18.88
CA VAL B 296 -9.31 24.46 -19.23
C VAL B 296 -9.42 24.33 -20.73
N PRO B 297 -8.49 23.63 -21.38
CA PRO B 297 -8.48 23.55 -22.83
C PRO B 297 -9.66 22.79 -23.38
N TRP B 298 -10.14 23.29 -24.50
CA TRP B 298 -11.06 22.55 -25.34
C TRP B 298 -10.47 22.59 -26.74
N SER B 299 -10.83 21.57 -27.53
CA SER B 299 -10.69 21.59 -28.99
C SER B 299 -9.22 21.68 -29.42
N LYS B 300 -8.38 20.82 -28.86
CA LYS B 300 -6.95 20.84 -29.14
C LYS B 300 -6.47 19.48 -29.62
N ALA B 301 -5.15 19.36 -29.79
CA ALA B 301 -4.56 18.17 -30.38
C ALA B 301 -3.10 18.08 -29.95
N ASP B 302 -2.51 16.93 -30.25
CA ASP B 302 -1.14 16.54 -29.93
C ASP B 302 -0.85 15.27 -30.70
N PRO B 303 0.26 15.18 -31.45
CA PRO B 303 0.52 13.96 -32.23
C PRO B 303 0.80 12.73 -31.36
N GLU B 304 0.61 11.56 -31.96
CA GLU B 304 0.61 10.28 -31.28
C GLU B 304 1.84 9.47 -31.64
N VAL B 305 1.89 8.27 -31.09
CA VAL B 305 2.89 7.29 -31.49
C VAL B 305 2.52 6.73 -32.85
N LEU B 306 3.53 6.52 -33.69
CA LEU B 306 3.32 5.84 -34.96
C LEU B 306 4.31 4.72 -35.23
N ASP B 307 5.52 4.77 -34.71
CA ASP B 307 6.56 3.80 -35.03
C ASP B 307 6.79 2.91 -33.82
N ILE B 308 6.28 1.67 -33.90
CA ILE B 308 6.49 0.62 -32.90
C ILE B 308 7.94 0.34 -32.58
N ASN B 309 8.82 0.40 -33.57
CA ASN B 309 10.16 -0.09 -33.30
C ASN B 309 11.12 1.05 -33.03
N HIS B 310 10.82 2.25 -33.52
CA HIS B 310 11.41 3.43 -32.90
C HIS B 310 10.93 3.59 -31.47
N THR B 311 9.70 3.18 -31.18
CA THR B 311 9.29 3.13 -29.80
C THR B 311 10.12 2.11 -29.04
N ARG B 312 10.45 0.96 -29.67
CA ARG B 312 11.35 0.00 -29.04
C ARG B 312 12.72 0.58 -28.80
N GLN B 313 13.22 1.37 -29.76
CA GLN B 313 14.43 2.16 -29.58
C GLN B 313 14.37 3.04 -28.35
N VAL B 314 13.27 3.76 -28.17
CA VAL B 314 13.08 4.53 -26.95
C VAL B 314 12.93 3.62 -25.73
N LEU B 315 12.33 2.46 -25.90
CA LEU B 315 12.17 1.40 -24.90
C LEU B 315 13.45 0.67 -24.61
N ASP B 316 14.53 1.04 -25.27
CA ASP B 316 15.86 0.63 -24.88
C ASP B 316 16.65 1.80 -24.34
N GLU B 317 16.24 3.03 -24.66
CA GLU B 317 16.80 4.25 -24.10
C GLU B 317 16.31 4.50 -22.68
N ASP B 318 15.41 3.65 -22.20
CA ASP B 318 14.82 3.76 -20.87
C ASP B 318 15.75 3.28 -19.79
N HIS B 319 15.18 3.03 -18.59
CA HIS B 319 15.88 2.66 -17.37
C HIS B 319 16.92 1.58 -17.61
N TYR B 320 16.53 0.53 -18.32
CA TYR B 320 17.44 -0.33 -19.07
C TYR B 320 16.56 -1.03 -20.08
N GLY B 321 17.11 -1.93 -20.90
CA GLY B 321 16.33 -2.58 -21.94
C GLY B 321 15.24 -3.51 -21.43
N LEU B 322 15.63 -4.58 -20.73
CA LEU B 322 14.83 -5.32 -19.75
C LEU B 322 13.72 -6.18 -20.32
N LYS B 323 13.37 -5.98 -21.60
CA LYS B 323 12.89 -6.99 -22.53
C LYS B 323 11.71 -7.87 -22.09
N ASP B 324 11.03 -7.50 -21.04
CA ASP B 324 9.99 -8.36 -20.49
C ASP B 324 8.64 -7.67 -20.47
N VAL B 325 8.64 -6.35 -20.32
CA VAL B 325 7.39 -5.62 -20.21
C VAL B 325 7.14 -4.76 -21.44
N LYS B 326 8.20 -4.30 -22.11
CA LYS B 326 8.04 -3.55 -23.35
C LYS B 326 7.39 -4.41 -24.42
N GLU B 327 7.58 -5.73 -24.31
CA GLU B 327 6.69 -6.74 -24.84
C GLU B 327 5.23 -6.30 -24.73
N ARG B 328 4.75 -6.14 -23.50
CA ARG B 328 3.35 -5.84 -23.26
C ARG B 328 3.01 -4.45 -23.76
N ILE B 329 3.99 -3.57 -23.71
CA ILE B 329 3.80 -2.18 -24.12
C ILE B 329 3.49 -2.12 -25.61
N LEU B 330 4.32 -2.77 -26.41
CA LEU B 330 4.10 -2.84 -27.85
C LEU B 330 2.81 -3.57 -28.16
N GLU B 331 2.46 -4.57 -27.34
CA GLU B 331 1.18 -5.24 -27.51
C GLU B 331 0.04 -4.26 -27.33
N TYR B 332 0.12 -3.46 -26.28
CA TYR B 332 -0.89 -2.45 -25.98
C TYR B 332 -0.96 -1.43 -27.09
N LEU B 333 0.20 -1.06 -27.62
CA LEU B 333 0.31 -0.19 -28.77
C LEU B 333 -0.43 -0.69 -29.98
N ALA B 334 -0.07 -1.89 -30.44
CA ALA B 334 -0.66 -2.43 -31.66
C ALA B 334 -2.13 -2.70 -31.49
N VAL B 335 -2.51 -3.11 -30.27
CA VAL B 335 -3.91 -3.24 -29.90
C VAL B 335 -4.64 -1.93 -30.14
N ARG B 336 -4.07 -0.83 -29.65
CA ARG B 336 -4.73 0.45 -29.84
C ARG B 336 -4.72 0.88 -31.30
N GLN B 337 -3.64 0.61 -32.01
CA GLN B 337 -3.49 1.10 -33.38
C GLN B 337 -4.42 0.38 -34.32
N LEU B 338 -4.75 -0.87 -34.03
CA LEU B 338 -5.74 -1.53 -34.86
C LEU B 338 -7.15 -1.05 -34.59
N THR B 339 -7.44 -0.62 -33.37
CA THR B 339 -8.70 0.05 -33.12
C THR B 339 -8.55 1.56 -33.15
N GLN B 340 -7.40 2.07 -33.57
CA GLN B 340 -7.43 3.39 -34.14
C GLN B 340 -8.24 3.33 -35.43
N GLY B 341 -9.04 4.36 -35.63
CA GLY B 341 -10.26 4.22 -36.40
C GLY B 341 -11.38 4.34 -35.41
N LEU B 342 -10.98 4.35 -34.12
CA LEU B 342 -11.83 4.68 -32.97
C LEU B 342 -13.04 3.74 -32.89
N ASP B 343 -12.76 2.49 -32.56
CA ASP B 343 -13.81 1.50 -32.56
C ASP B 343 -14.28 1.26 -31.12
N VAL B 344 -15.32 0.43 -30.98
CA VAL B 344 -15.74 -0.06 -29.67
C VAL B 344 -14.74 -1.08 -29.12
N ARG B 345 -13.83 -1.54 -29.98
CA ARG B 345 -12.71 -2.39 -29.61
C ARG B 345 -11.70 -1.65 -28.75
N ASN B 346 -11.76 -0.32 -28.72
CA ASN B 346 -10.98 0.48 -27.78
C ASN B 346 -11.34 0.18 -26.32
N LYS B 347 -12.51 -0.42 -26.05
CA LYS B 347 -12.86 -0.81 -24.70
C LYS B 347 -11.95 -1.92 -24.19
N ALA B 348 -11.11 -1.57 -23.21
CA ALA B 348 -10.06 -2.46 -22.70
C ALA B 348 -9.49 -1.94 -21.39
N PRO B 349 -8.87 -2.81 -20.59
CA PRO B 349 -8.02 -2.34 -19.49
C PRO B 349 -6.85 -1.50 -19.95
N ILE B 350 -6.31 -0.67 -19.06
CA ILE B 350 -5.17 0.15 -19.43
C ILE B 350 -3.86 -0.38 -18.88
N LEU B 351 -3.85 -1.60 -18.34
CA LEU B 351 -2.64 -2.34 -17.98
C LEU B 351 -1.75 -1.65 -16.96
N VAL B 352 -2.23 -1.59 -15.72
CA VAL B 352 -1.50 -1.02 -14.60
C VAL B 352 -0.12 -1.64 -14.44
N LEU B 353 0.85 -0.81 -14.09
CA LEU B 353 2.23 -1.23 -13.92
C LEU B 353 2.45 -1.42 -12.44
N VAL B 354 2.16 -2.61 -11.96
CA VAL B 354 2.22 -2.92 -10.55
C VAL B 354 3.58 -3.48 -10.21
N GLY B 355 4.30 -2.83 -9.30
CA GLY B 355 5.57 -3.36 -8.88
C GLY B 355 6.38 -2.55 -7.89
N PRO B 356 7.51 -3.12 -7.47
CA PRO B 356 8.27 -2.58 -6.34
C PRO B 356 8.96 -1.28 -6.68
N PRO B 357 9.39 -0.51 -5.68
CA PRO B 357 10.06 0.75 -5.97
C PRO B 357 11.43 0.58 -6.60
N GLY B 358 12.00 1.70 -7.03
CA GLY B 358 13.30 1.65 -7.64
C GLY B 358 13.30 1.06 -9.01
N VAL B 359 12.15 1.11 -9.70
CA VAL B 359 12.13 0.65 -11.07
C VAL B 359 12.01 1.82 -12.03
N GLY B 360 12.03 3.05 -11.54
CA GLY B 360 11.93 4.22 -12.39
C GLY B 360 10.57 4.27 -13.03
N LYS B 361 9.56 4.25 -12.17
CA LYS B 361 8.16 4.14 -12.56
C LYS B 361 7.75 5.28 -13.46
N THR B 362 8.19 6.48 -13.10
CA THR B 362 7.97 7.67 -13.89
C THR B 362 8.64 7.59 -15.23
N SER B 363 9.81 6.96 -15.29
CA SER B 363 10.61 6.94 -16.51
C SER B 363 9.95 6.08 -17.57
N LEU B 364 9.11 5.15 -17.14
CA LEU B 364 8.32 4.36 -18.06
C LEU B 364 7.46 5.27 -18.93
N GLY B 365 6.63 6.07 -18.28
CA GLY B 365 5.78 6.98 -19.03
C GLY B 365 6.56 8.13 -19.63
N ARG B 366 7.71 8.47 -19.04
CA ARG B 366 8.56 9.47 -19.65
C ARG B 366 9.08 8.98 -20.98
N SER B 367 9.47 7.71 -21.04
CA SER B 367 9.84 7.08 -22.29
C SER B 367 8.66 7.02 -23.24
N ILE B 368 7.47 6.83 -22.69
CA ILE B 368 6.27 6.81 -23.53
C ILE B 368 6.04 8.16 -24.19
N ALA B 369 6.17 9.22 -23.41
CA ALA B 369 5.94 10.56 -23.94
C ALA B 369 7.02 10.97 -24.91
N ARG B 370 8.24 10.47 -24.70
CA ARG B 370 9.24 10.53 -25.76
C ARG B 370 8.69 9.88 -27.01
N SER B 371 8.18 8.67 -26.87
CA SER B 371 7.72 7.92 -28.03
C SER B 371 6.40 8.45 -28.57
N MET B 372 5.40 8.65 -27.72
CA MET B 372 4.11 9.09 -28.22
C MET B 372 4.11 10.53 -28.66
N ASN B 373 5.12 11.31 -28.28
CA ASN B 373 5.24 12.73 -28.59
C ASN B 373 3.99 13.47 -28.08
N ARG B 374 3.57 13.05 -26.90
CA ARG B 374 2.27 13.34 -26.32
C ARG B 374 2.49 13.72 -24.86
N LYS B 375 1.74 14.73 -24.40
CA LYS B 375 2.12 15.48 -23.20
C LYS B 375 1.97 14.63 -21.94
N PHE B 376 3.09 14.35 -21.31
CA PHE B 376 3.13 13.57 -20.09
C PHE B 376 2.58 14.38 -18.92
N HIS B 377 1.87 13.69 -18.04
CA HIS B 377 1.56 14.30 -16.76
C HIS B 377 1.34 13.21 -15.73
N ARG B 378 1.49 13.61 -14.47
CA ARG B 378 1.20 12.77 -13.32
C ARG B 378 0.32 13.50 -12.32
N ILE B 379 -0.48 12.72 -11.61
CA ILE B 379 -1.02 13.09 -10.32
C ILE B 379 -0.77 11.90 -9.42
N SER B 380 -0.20 12.15 -8.25
CA SER B 380 -0.15 11.18 -7.18
C SER B 380 -1.56 10.78 -6.79
N LEU B 381 -1.80 9.48 -6.68
CA LEU B 381 -3.15 9.00 -6.44
C LEU B 381 -3.24 8.19 -5.15
N GLY B 382 -2.54 8.62 -4.10
CA GLY B 382 -2.54 7.88 -2.86
C GLY B 382 -3.55 8.45 -1.88
N GLY B 383 -4.37 7.58 -1.29
CA GLY B 383 -5.15 7.96 -0.12
C GLY B 383 -6.42 8.71 -0.38
N VAL B 384 -6.86 8.79 -1.64
CA VAL B 384 -8.05 9.57 -2.00
C VAL B 384 -9.28 8.85 -1.50
N ARG B 385 -10.18 9.60 -0.87
CA ARG B 385 -11.27 9.00 -0.12
C ARG B 385 -12.56 9.72 -0.42
N ASP B 386 -12.49 10.76 -1.25
CA ASP B 386 -13.63 11.60 -1.52
C ASP B 386 -13.74 11.89 -3.01
N GLU B 387 -14.97 12.16 -3.44
CA GLU B 387 -15.18 12.89 -4.68
C GLU B 387 -15.24 14.38 -4.40
N ALA B 388 -15.13 14.78 -3.13
CA ALA B 388 -14.73 16.14 -2.81
C ALA B 388 -13.25 16.28 -3.06
N GLU B 389 -12.53 15.15 -3.12
CA GLU B 389 -11.17 15.10 -3.60
C GLU B 389 -11.12 14.89 -5.11
N ILE B 390 -12.24 14.60 -5.75
CA ILE B 390 -12.23 14.34 -7.17
C ILE B 390 -13.02 15.41 -7.90
N ARG B 391 -14.07 15.90 -7.28
CA ARG B 391 -14.90 16.91 -7.93
C ARG B 391 -15.02 18.10 -6.99
N GLY B 392 -15.82 19.06 -7.41
CA GLY B 392 -16.25 20.14 -6.55
C GLY B 392 -17.38 19.71 -5.64
N HIS B 393 -17.95 20.67 -4.94
CA HIS B 393 -19.26 20.47 -4.35
C HIS B 393 -20.05 21.76 -4.43
N ARG B 394 -19.50 22.73 -5.15
CA ARG B 394 -20.10 24.06 -5.24
C ARG B 394 -19.82 24.68 -6.60
N ARG B 395 -20.84 25.32 -7.15
CA ARG B 395 -20.70 26.30 -8.21
C ARG B 395 -20.75 27.72 -7.70
N THR B 396 -21.47 27.93 -6.60
CA THR B 396 -21.62 29.21 -5.92
C THR B 396 -20.67 29.18 -4.73
N TYR B 397 -20.36 30.35 -4.15
CA TYR B 397 -19.67 30.49 -2.87
C TYR B 397 -18.27 29.89 -2.89
N ILE B 398 -17.32 30.61 -3.49
CA ILE B 398 -15.91 30.24 -3.59
C ILE B 398 -15.35 29.76 -2.26
N GLY B 399 -14.63 28.65 -2.31
CA GLY B 399 -14.25 27.90 -1.14
C GLY B 399 -14.29 26.44 -1.49
N ALA B 400 -14.90 26.12 -2.64
CA ALA B 400 -14.81 24.79 -3.20
C ALA B 400 -14.25 24.90 -4.61
N MET B 401 -13.44 23.91 -4.97
CA MET B 401 -12.62 23.94 -6.16
C MET B 401 -12.84 22.65 -6.92
N PRO B 402 -12.40 22.58 -8.17
CA PRO B 402 -12.37 21.28 -8.86
C PRO B 402 -11.39 20.28 -8.24
N GLY B 403 -11.31 19.11 -8.84
CA GLY B 403 -10.40 18.09 -8.37
C GLY B 403 -9.00 18.25 -8.92
N LYS B 404 -8.11 17.33 -8.53
CA LYS B 404 -6.73 17.33 -9.02
C LYS B 404 -6.69 17.10 -10.52
N LEU B 405 -7.64 16.32 -11.00
CA LEU B 405 -7.70 15.92 -12.40
C LEU B 405 -7.99 17.13 -13.27
N ILE B 406 -8.86 18.01 -12.78
CA ILE B 406 -9.25 19.15 -13.57
C ILE B 406 -8.19 20.23 -13.50
N HIS B 407 -7.46 20.31 -12.39
CA HIS B 407 -6.31 21.20 -12.32
C HIS B 407 -5.19 20.72 -13.24
N ALA B 408 -5.06 19.41 -13.36
CA ALA B 408 -4.19 18.82 -14.36
C ALA B 408 -4.64 19.12 -15.77
N MET B 409 -5.94 19.21 -16.00
CA MET B 409 -6.40 19.70 -17.28
C MET B 409 -6.09 21.16 -17.49
N LYS B 410 -6.30 21.99 -16.47
CA LYS B 410 -5.95 23.39 -16.56
C LYS B 410 -4.44 23.57 -16.61
N GLN B 411 -3.70 22.57 -16.12
CA GLN B 411 -2.26 22.54 -16.31
C GLN B 411 -1.89 22.47 -17.78
N VAL B 412 -2.47 21.53 -18.54
CA VAL B 412 -2.16 21.45 -19.97
C VAL B 412 -2.99 22.42 -20.79
N GLY B 413 -2.62 22.55 -22.07
CA GLY B 413 -3.43 23.25 -23.05
C GLY B 413 -3.85 22.33 -24.16
N VAL B 414 -4.03 21.03 -23.87
CA VAL B 414 -4.48 20.05 -24.86
C VAL B 414 -5.65 19.26 -24.30
N ILE B 415 -6.42 18.67 -25.19
CA ILE B 415 -7.44 17.71 -24.82
C ILE B 415 -6.97 16.29 -25.11
N ASN B 416 -5.68 16.11 -25.35
CA ASN B 416 -5.07 14.80 -25.44
C ASN B 416 -3.67 14.84 -24.85
N PRO B 417 -3.54 14.49 -23.59
CA PRO B 417 -2.22 14.22 -23.03
C PRO B 417 -1.87 12.75 -22.91
N VAL B 418 -0.63 12.47 -22.54
CA VAL B 418 -0.23 11.24 -21.86
C VAL B 418 -0.61 11.41 -20.41
N ILE B 419 -1.38 10.47 -19.88
CA ILE B 419 -1.67 10.51 -18.46
C ILE B 419 -1.05 9.31 -17.76
N LEU B 420 -0.03 9.57 -16.94
CA LEU B 420 0.48 8.59 -16.00
C LEU B 420 -0.40 8.65 -14.77
N LEU B 421 -1.01 7.51 -14.44
CA LEU B 421 -1.84 7.42 -13.25
C LEU B 421 -1.08 6.66 -12.17
N ASP B 422 -0.66 7.40 -11.16
CA ASP B 422 0.13 6.85 -10.08
C ASP B 422 -0.76 6.02 -9.16
N GLU B 423 -0.11 5.24 -8.30
CA GLU B 423 -0.58 4.97 -6.93
C GLU B 423 -2.01 4.44 -6.83
N ILE B 424 -2.48 3.75 -7.88
CA ILE B 424 -3.88 3.37 -7.95
C ILE B 424 -4.23 2.31 -6.91
N ASP B 425 -3.25 1.55 -6.45
CA ASP B 425 -3.40 0.77 -5.23
C ASP B 425 -3.50 1.61 -3.98
N LYS B 426 -2.96 2.83 -3.99
CA LYS B 426 -2.80 3.61 -2.78
C LYS B 426 -3.95 4.55 -2.50
N MET B 427 -4.95 4.60 -3.37
CA MET B 427 -6.20 5.26 -3.09
C MET B 427 -6.88 4.50 -1.95
N SER B 428 -7.63 5.20 -1.11
CA SER B 428 -8.07 4.58 0.15
C SER B 428 -9.53 4.88 0.41
N SER B 429 -10.34 3.82 0.45
CA SER B 429 -11.77 3.96 0.74
C SER B 429 -11.98 4.10 2.23
N ASP B 430 -12.20 5.34 2.67
CA ASP B 430 -12.12 5.64 4.10
C ASP B 430 -13.39 6.17 4.72
N TRP B 431 -13.91 7.31 4.26
CA TRP B 431 -15.20 7.81 4.68
C TRP B 431 -16.17 7.53 3.54
N ARG B 432 -17.45 7.53 3.86
CA ARG B 432 -18.48 7.37 2.86
C ARG B 432 -18.42 8.51 1.84
N GLY B 433 -18.30 8.12 0.58
CA GLY B 433 -17.97 9.04 -0.49
C GLY B 433 -16.70 8.72 -1.22
N ASP B 434 -16.26 7.46 -1.16
CA ASP B 434 -15.03 7.10 -1.84
C ASP B 434 -15.22 7.03 -3.34
N PRO B 435 -14.32 7.62 -4.11
CA PRO B 435 -14.48 7.62 -5.56
C PRO B 435 -14.03 6.36 -6.28
N ALA B 436 -14.36 5.17 -5.75
CA ALA B 436 -13.97 3.92 -6.39
C ALA B 436 -14.64 3.73 -7.73
N SER B 437 -15.88 4.19 -7.87
CA SER B 437 -16.53 4.11 -9.16
C SER B 437 -16.04 5.21 -10.08
N ALA B 438 -15.51 6.30 -9.52
CA ALA B 438 -14.89 7.30 -10.36
C ALA B 438 -13.59 6.80 -10.97
N MET B 439 -12.99 5.79 -10.33
CA MET B 439 -11.88 5.10 -10.97
C MET B 439 -12.35 4.33 -12.19
N LEU B 440 -13.56 3.79 -12.12
CA LEU B 440 -14.14 3.19 -13.31
C LEU B 440 -14.51 4.24 -14.33
N GLU B 441 -14.90 5.43 -13.86
CA GLU B 441 -15.21 6.55 -14.74
C GLU B 441 -14.00 6.97 -15.54
N VAL B 442 -12.87 7.16 -14.87
CA VAL B 442 -11.63 7.42 -15.59
C VAL B 442 -11.03 6.15 -16.16
N LEU B 443 -11.67 5.01 -15.92
CA LEU B 443 -11.33 3.81 -16.67
C LEU B 443 -12.24 3.65 -17.89
N ASP B 444 -13.54 3.91 -17.75
CA ASP B 444 -14.45 3.62 -18.83
C ASP B 444 -14.55 4.81 -19.77
N PRO B 445 -14.17 4.65 -21.03
CA PRO B 445 -13.84 5.81 -21.87
C PRO B 445 -15.03 6.62 -22.36
N GLU B 446 -16.22 6.05 -22.44
CA GLU B 446 -17.38 6.88 -22.74
C GLU B 446 -18.03 7.38 -21.47
N GLN B 447 -17.67 6.79 -20.34
CA GLN B 447 -18.10 7.29 -19.05
C GLN B 447 -17.29 8.49 -18.60
N ASN B 448 -16.29 8.90 -19.36
CA ASN B 448 -15.63 10.16 -19.10
C ASN B 448 -15.46 11.04 -20.34
N ASN B 449 -15.94 10.60 -21.50
CA ASN B 449 -16.19 11.54 -22.59
C ASN B 449 -17.24 12.55 -22.17
N THR B 450 -18.24 12.10 -21.42
CA THR B 450 -19.17 13.01 -20.77
C THR B 450 -18.79 13.06 -19.31
N PHE B 451 -18.11 14.12 -18.90
CA PHE B 451 -17.55 14.08 -17.55
C PHE B 451 -17.50 15.49 -16.98
N THR B 452 -17.69 15.60 -15.67
CA THR B 452 -17.78 16.90 -15.01
C THR B 452 -17.38 16.79 -13.54
N ASP B 453 -17.36 17.95 -12.89
CA ASP B 453 -17.27 18.05 -11.45
C ASP B 453 -18.58 18.54 -10.88
N HIS B 454 -18.55 18.86 -9.60
CA HIS B 454 -19.58 19.70 -9.03
C HIS B 454 -19.06 21.13 -8.86
N TYR B 455 -17.88 21.44 -9.39
CA TYR B 455 -17.57 22.84 -9.60
C TYR B 455 -17.92 23.19 -11.04
N LEU B 456 -17.17 22.67 -12.01
CA LEU B 456 -17.46 22.98 -13.40
C LEU B 456 -18.44 21.96 -13.97
N ASP B 457 -19.41 22.44 -14.71
CA ASP B 457 -20.65 21.72 -14.92
C ASP B 457 -20.97 21.65 -16.41
N VAL B 458 -20.30 20.72 -17.09
CA VAL B 458 -20.58 20.37 -18.48
C VAL B 458 -19.89 19.03 -18.70
N PRO B 459 -20.44 18.16 -19.54
CA PRO B 459 -19.68 16.97 -19.96
C PRO B 459 -18.39 17.35 -20.68
N TYR B 460 -17.26 16.99 -20.09
CA TYR B 460 -15.96 17.25 -20.67
C TYR B 460 -15.36 15.95 -21.16
N ASP B 461 -14.70 16.02 -22.31
CA ASP B 461 -14.13 14.83 -22.95
C ASP B 461 -12.94 14.32 -22.16
N LEU B 462 -12.98 13.02 -21.83
CA LEU B 462 -11.73 12.34 -21.50
C LEU B 462 -11.53 11.09 -22.36
N SER B 463 -12.42 10.81 -23.29
CA SER B 463 -12.23 9.72 -24.24
C SER B 463 -11.03 9.96 -25.15
N LYS B 464 -10.88 11.17 -25.66
CA LYS B 464 -9.69 11.56 -26.41
C LYS B 464 -8.43 11.49 -25.58
N VAL B 465 -8.53 11.56 -24.26
CA VAL B 465 -7.37 11.52 -23.40
C VAL B 465 -6.94 10.08 -23.20
N PHE B 466 -5.67 9.82 -23.46
CA PHE B 466 -5.09 8.54 -23.08
C PHE B 466 -4.83 8.53 -21.59
N PHE B 467 -5.01 7.36 -20.97
CA PHE B 467 -4.67 7.15 -19.58
C PHE B 467 -3.87 5.86 -19.45
N ILE B 468 -2.96 5.83 -18.48
CA ILE B 468 -2.36 4.56 -18.09
C ILE B 468 -2.00 4.63 -16.60
N THR B 469 -2.30 3.55 -15.92
CA THR B 469 -2.06 3.39 -14.50
C THR B 469 -0.72 2.77 -14.23
N THR B 470 -0.27 2.97 -12.99
CA THR B 470 0.80 2.19 -12.40
C THR B 470 0.55 2.04 -10.91
N ALA B 471 1.16 1.03 -10.30
CA ALA B 471 0.96 0.75 -8.89
C ALA B 471 2.11 -0.07 -8.35
N ASN B 472 1.88 -0.64 -7.17
CA ASN B 472 2.97 -1.36 -6.54
C ASN B 472 2.59 -2.77 -6.09
N THR B 473 1.47 -2.95 -5.40
CA THR B 473 1.18 -4.25 -4.80
C THR B 473 -0.30 -4.59 -5.00
N LEU B 474 -0.54 -5.85 -5.38
CA LEU B 474 -1.82 -6.32 -5.91
C LEU B 474 -2.91 -6.50 -4.86
N GLN B 475 -2.57 -6.92 -3.64
CA GLN B 475 -3.53 -7.44 -2.68
C GLN B 475 -4.51 -6.39 -2.16
N THR B 476 -4.16 -5.12 -2.25
CA THR B 476 -4.99 -4.05 -1.73
C THR B 476 -5.94 -3.49 -2.77
N ILE B 477 -5.82 -3.91 -4.01
CA ILE B 477 -6.63 -3.30 -5.06
C ILE B 477 -8.05 -3.86 -4.96
N PRO B 478 -9.07 -3.01 -5.00
CA PRO B 478 -10.45 -3.51 -4.98
C PRO B 478 -10.76 -4.34 -6.21
N ARG B 479 -11.49 -5.42 -5.98
CA ARG B 479 -11.78 -6.37 -7.05
C ARG B 479 -12.64 -5.80 -8.19
N PRO B 480 -13.66 -4.96 -7.99
CA PRO B 480 -14.25 -4.27 -9.15
C PRO B 480 -13.29 -3.31 -9.83
N LEU B 481 -12.29 -2.82 -9.14
CA LEU B 481 -11.25 -2.09 -9.82
C LEU B 481 -10.24 -3.03 -10.44
N LEU B 482 -10.05 -4.21 -9.85
CA LEU B 482 -9.36 -5.28 -10.55
C LEU B 482 -10.18 -5.76 -11.74
N ASP B 483 -11.50 -5.68 -11.64
CA ASP B 483 -12.35 -5.90 -12.79
C ASP B 483 -12.14 -4.78 -13.80
N ARG B 484 -12.31 -5.11 -15.07
CA ARG B 484 -11.92 -4.29 -16.23
C ARG B 484 -10.47 -3.87 -16.15
N MET B 485 -9.64 -4.76 -15.60
CA MET B 485 -8.25 -4.42 -15.45
C MET B 485 -7.41 -5.68 -15.51
N GLU B 486 -6.33 -5.60 -16.28
CA GLU B 486 -5.31 -6.62 -16.29
C GLU B 486 -3.99 -6.02 -15.82
N VAL B 487 -3.33 -6.72 -14.92
CA VAL B 487 -2.23 -6.21 -14.11
C VAL B 487 -0.92 -6.58 -14.81
N ILE B 488 0.06 -5.69 -14.77
CA ILE B 488 1.38 -5.93 -15.32
C ILE B 488 2.38 -5.97 -14.18
N GLU B 489 2.87 -7.17 -13.87
CA GLU B 489 3.79 -7.41 -12.78
C GLU B 489 5.16 -6.88 -13.16
N ILE B 490 5.85 -6.29 -12.18
CA ILE B 490 7.19 -5.76 -12.39
C ILE B 490 8.18 -6.59 -11.59
N PRO B 491 9.04 -7.37 -12.23
CA PRO B 491 10.18 -7.97 -11.53
C PRO B 491 11.21 -6.91 -11.22
N GLY B 492 12.13 -7.26 -10.31
CA GLY B 492 13.21 -6.39 -9.92
C GLY B 492 14.32 -6.33 -10.95
N TYR B 493 15.51 -5.97 -10.47
CA TYR B 493 16.70 -5.90 -11.30
C TYR B 493 17.76 -6.83 -10.75
N THR B 494 18.81 -7.03 -11.53
CA THR B 494 20.00 -7.63 -10.96
C THR B 494 21.05 -6.55 -10.80
N ASN B 495 22.07 -6.90 -10.04
CA ASN B 495 22.96 -5.91 -9.49
C ASN B 495 23.89 -5.37 -10.56
N MET B 496 24.37 -6.24 -11.44
CA MET B 496 25.18 -5.77 -12.55
C MET B 496 24.34 -5.14 -13.63
N GLU B 497 23.07 -5.53 -13.72
CA GLU B 497 22.16 -4.75 -14.54
C GLU B 497 21.99 -3.37 -13.97
N LYS B 498 21.88 -3.26 -12.65
CA LYS B 498 21.87 -1.95 -12.01
C LYS B 498 23.17 -1.24 -12.24
N GLN B 499 24.27 -1.98 -12.33
CA GLN B 499 25.55 -1.37 -12.59
C GLN B 499 25.58 -0.78 -13.98
N ALA B 500 24.96 -1.48 -14.93
CA ALA B 500 24.82 -0.94 -16.27
C ALA B 500 23.93 0.29 -16.24
N ILE B 501 22.86 0.23 -15.46
CA ILE B 501 21.93 1.34 -15.28
C ILE B 501 22.68 2.56 -14.73
N ALA B 502 23.61 2.31 -13.83
CA ALA B 502 24.48 3.38 -13.38
C ALA B 502 25.38 3.87 -14.48
N ARG B 503 26.26 3.00 -14.97
CA ARG B 503 27.40 3.40 -15.78
C ARG B 503 27.00 3.93 -17.13
N GLN B 504 25.83 3.54 -17.62
CA GLN B 504 25.37 4.17 -18.83
C GLN B 504 24.54 5.41 -18.52
N TYR B 505 23.71 5.35 -17.48
CA TYR B 505 22.80 6.46 -17.27
C TYR B 505 23.10 7.33 -16.07
N LEU B 506 23.17 6.77 -14.87
CA LEU B 506 22.83 7.48 -13.65
C LEU B 506 23.83 8.55 -13.25
N TRP B 507 25.03 8.17 -12.96
CA TRP B 507 26.11 9.09 -12.65
C TRP B 507 26.44 10.10 -13.76
N PRO B 508 26.29 9.78 -15.06
CA PRO B 508 26.23 10.88 -16.04
C PRO B 508 25.16 11.89 -15.73
N LYS B 509 23.99 11.41 -15.33
CA LYS B 509 22.94 12.33 -14.96
C LYS B 509 23.18 12.93 -13.59
N GLN B 510 23.98 12.27 -12.74
CA GLN B 510 24.36 12.93 -11.49
C GLN B 510 25.34 14.06 -11.78
N VAL B 511 26.15 13.90 -12.81
CA VAL B 511 27.04 14.95 -13.26
C VAL B 511 26.26 16.07 -13.95
N ARG B 512 25.16 15.72 -14.62
CA ARG B 512 24.26 16.72 -15.18
C ARG B 512 23.76 17.68 -14.11
N GLU B 513 23.32 17.14 -12.99
CA GLU B 513 22.77 18.03 -12.00
C GLU B 513 23.84 18.66 -11.14
N SER B 514 25.04 18.09 -11.11
CA SER B 514 26.10 18.65 -10.29
C SER B 514 26.75 19.84 -10.98
N GLY B 515 26.53 19.99 -12.29
CA GLY B 515 27.22 21.03 -13.01
C GLY B 515 28.70 20.80 -13.12
N MET B 516 29.10 19.56 -13.40
CA MET B 516 30.48 19.12 -13.36
C MET B 516 30.85 18.38 -14.63
N GLU B 517 30.33 18.84 -15.76
CA GLU B 517 30.30 18.03 -16.96
C GLU B 517 31.68 17.90 -17.56
N GLY B 518 32.25 16.70 -17.43
CA GLY B 518 33.61 16.44 -17.83
C GLY B 518 34.62 16.61 -16.72
N ARG B 519 34.22 16.39 -15.48
CA ARG B 519 35.16 16.66 -14.40
C ARG B 519 35.24 15.57 -13.36
N ILE B 520 34.47 14.50 -13.52
CA ILE B 520 34.39 13.49 -12.48
C ILE B 520 34.64 12.13 -13.11
N GLU B 521 35.42 11.28 -12.42
CA GLU B 521 35.50 9.89 -12.86
C GLU B 521 35.29 8.93 -11.70
N VAL B 522 34.38 7.98 -11.93
CA VAL B 522 33.95 6.97 -10.96
C VAL B 522 34.17 5.60 -11.57
N THR B 523 34.73 4.67 -10.78
CA THR B 523 34.98 3.32 -11.25
C THR B 523 33.75 2.43 -11.10
N ASP B 524 33.84 1.24 -11.68
CA ASP B 524 32.69 0.34 -11.78
C ASP B 524 32.53 -0.51 -10.53
N ALA B 525 33.64 -1.09 -10.07
CA ALA B 525 33.62 -1.89 -8.85
C ALA B 525 33.37 -1.02 -7.63
N ALA B 526 33.59 0.30 -7.76
CA ALA B 526 33.03 1.24 -6.82
C ALA B 526 31.53 1.06 -6.70
N ILE B 527 30.84 0.97 -7.83
CA ILE B 527 29.39 0.86 -7.79
C ILE B 527 28.98 -0.51 -7.30
N LEU B 528 29.80 -1.52 -7.62
CA LEU B 528 29.66 -2.84 -7.00
C LEU B 528 29.70 -2.76 -5.48
N ARG B 529 30.72 -2.09 -4.95
CA ARG B 529 30.87 -1.96 -3.51
C ARG B 529 29.76 -1.10 -2.92
N VAL B 530 29.26 -0.15 -3.71
CA VAL B 530 28.13 0.70 -3.31
C VAL B 530 26.91 -0.14 -3.08
N ILE B 531 26.54 -0.96 -4.06
CA ILE B 531 25.35 -1.78 -3.95
C ILE B 531 25.53 -2.83 -2.87
N SER B 532 26.69 -3.46 -2.86
CA SER B 532 26.92 -4.61 -2.00
C SER B 532 27.07 -4.26 -0.53
N GLU B 533 27.19 -2.98 -0.19
CA GLU B 533 27.49 -2.62 1.19
C GLU B 533 26.59 -1.55 1.77
N TYR B 534 25.75 -0.88 0.98
CA TYR B 534 25.19 0.34 1.54
C TYR B 534 23.69 0.46 1.65
N THR B 535 22.95 0.12 0.61
CA THR B 535 21.52 -0.02 0.75
C THR B 535 21.13 -1.39 0.25
N ARG B 536 20.34 -2.10 1.05
CA ARG B 536 19.78 -3.34 0.58
C ARG B 536 18.42 -3.13 -0.06
N GLU B 537 18.14 -1.94 -0.57
CA GLU B 537 16.83 -1.64 -1.11
C GLU B 537 16.61 -2.31 -2.46
N ALA B 538 15.40 -2.79 -2.67
CA ALA B 538 15.03 -3.29 -3.98
C ALA B 538 14.86 -2.12 -4.94
N GLY B 539 15.65 -2.11 -5.98
CA GLY B 539 15.61 -1.03 -6.90
C GLY B 539 16.85 -0.16 -6.85
N VAL B 540 16.65 1.12 -7.17
CA VAL B 540 17.75 1.98 -7.58
C VAL B 540 17.89 3.20 -6.69
N ARG B 541 16.86 3.47 -5.89
CA ARG B 541 16.62 4.83 -5.37
C ARG B 541 17.69 5.26 -4.37
N GLY B 542 17.93 4.45 -3.33
CA GLY B 542 18.96 4.80 -2.36
C GLY B 542 20.34 4.75 -2.96
N LEU B 543 20.55 3.84 -3.91
CA LEU B 543 21.77 3.82 -4.69
C LEU B 543 21.92 5.09 -5.52
N GLU B 544 20.84 5.51 -6.20
CA GLU B 544 20.81 6.78 -6.92
C GLU B 544 21.14 7.95 -6.01
N ARG B 545 20.61 7.93 -4.80
CA ARG B 545 20.83 9.05 -3.90
C ARG B 545 22.26 9.05 -3.39
N GLU B 546 22.84 7.87 -3.16
CA GLU B 546 24.25 7.81 -2.78
C GLU B 546 25.14 8.29 -3.91
N LEU B 547 24.73 8.00 -5.16
CA LEU B 547 25.40 8.55 -6.33
C LEU B 547 25.35 10.07 -6.35
N GLY B 548 24.18 10.64 -6.10
CA GLY B 548 24.07 12.09 -6.01
C GLY B 548 24.88 12.66 -4.86
N LYS B 549 24.91 11.93 -3.73
CA LYS B 549 25.69 12.31 -2.57
C LYS B 549 27.16 12.44 -2.90
N ILE B 550 27.70 11.43 -3.55
CA ILE B 550 29.12 11.46 -3.84
C ILE B 550 29.41 12.42 -4.99
N ALA B 551 28.45 12.64 -5.89
CA ALA B 551 28.62 13.68 -6.90
C ALA B 551 28.70 15.07 -6.27
N ARG B 552 27.90 15.28 -5.25
CA ARG B 552 27.97 16.52 -4.49
C ARG B 552 29.26 16.61 -3.70
N LYS B 553 29.74 15.46 -3.19
CA LYS B 553 31.04 15.42 -2.54
C LYS B 553 32.12 15.88 -3.49
N GLY B 554 32.08 15.36 -4.72
CA GLY B 554 33.06 15.74 -5.70
C GLY B 554 32.93 17.20 -6.11
N ALA B 555 31.70 17.72 -6.08
CA ALA B 555 31.49 19.14 -6.29
C ALA B 555 32.21 19.96 -5.21
N LYS B 556 32.12 19.49 -3.97
CA LYS B 556 32.81 20.14 -2.86
C LYS B 556 34.32 20.11 -3.04
N PHE B 557 34.86 18.91 -3.21
CA PHE B 557 36.31 18.77 -3.26
C PHE B 557 36.90 19.37 -4.52
N TRP B 558 36.16 19.35 -5.63
CA TRP B 558 36.56 20.12 -6.79
C TRP B 558 36.54 21.59 -6.48
N LEU B 559 35.59 22.02 -5.67
CA LEU B 559 35.52 23.42 -5.30
C LEU B 559 36.50 23.77 -4.19
N GLU B 560 37.38 22.84 -3.82
CA GLU B 560 38.58 23.13 -3.07
C GLU B 560 39.74 23.51 -3.98
N GLY B 561 39.46 23.92 -5.20
CA GLY B 561 40.49 24.17 -6.18
C GLY B 561 40.49 23.13 -7.28
N ALA B 562 40.79 23.58 -8.49
CA ALA B 562 40.81 22.72 -9.66
C ALA B 562 42.23 22.25 -9.94
N TRP B 563 42.55 21.06 -9.47
CA TRP B 563 43.84 20.45 -9.75
C TRP B 563 43.82 19.57 -10.97
N GLU B 564 42.66 19.40 -11.59
CA GLU B 564 42.46 18.52 -12.71
C GLU B 564 41.30 19.07 -13.54
N GLY B 565 41.33 18.78 -14.83
CA GLY B 565 40.11 18.88 -15.60
C GLY B 565 39.14 17.76 -15.25
N LEU B 566 39.66 16.63 -14.77
CA LEU B 566 38.89 15.42 -14.51
C LEU B 566 39.27 14.86 -13.15
N ARG B 567 38.35 14.96 -12.18
CA ARG B 567 38.54 14.24 -10.94
C ARG B 567 38.31 12.75 -11.20
N THR B 568 38.95 11.91 -10.40
CA THR B 568 38.89 10.48 -10.64
C THR B 568 38.86 9.75 -9.31
N ILE B 569 37.96 8.79 -9.19
CA ILE B 569 37.59 8.18 -7.91
C ILE B 569 37.45 6.67 -8.07
N ASP B 570 38.14 5.92 -7.19
CA ASP B 570 38.09 4.47 -7.13
C ASP B 570 37.01 4.01 -6.14
N ALA B 571 37.10 2.75 -5.73
CA ALA B 571 36.21 2.21 -4.71
C ALA B 571 36.63 2.56 -3.30
N SER B 572 37.89 2.95 -3.10
CA SER B 572 38.46 2.97 -1.77
C SER B 572 38.10 4.22 -0.99
N ASP B 573 37.60 5.24 -1.67
CA ASP B 573 37.30 6.52 -1.03
C ASP B 573 35.81 6.78 -0.92
N ILE B 574 35.00 5.97 -1.58
CA ILE B 574 33.58 5.91 -1.26
C ILE B 574 33.30 5.65 0.21
N PRO B 575 34.13 4.90 0.97
CA PRO B 575 34.01 4.97 2.43
C PRO B 575 34.18 6.36 3.00
N THR B 576 35.06 7.20 2.43
CA THR B 576 35.06 8.59 2.85
C THR B 576 33.89 9.33 2.23
N TYR B 577 33.28 8.74 1.22
CA TYR B 577 32.23 9.43 0.52
C TYR B 577 30.86 8.88 0.86
N LEU B 578 30.80 7.85 1.71
CA LEU B 578 29.54 7.41 2.27
C LEU B 578 29.60 7.18 3.77
N GLY B 579 30.76 6.90 4.32
CA GLY B 579 30.86 6.58 5.73
C GLY B 579 31.33 5.17 5.94
N ILE B 580 31.18 4.70 7.18
CA ILE B 580 31.46 3.30 7.51
C ILE B 580 30.45 2.43 6.76
N PRO B 581 30.90 1.32 6.14
CA PRO B 581 30.02 0.46 5.35
C PRO B 581 28.81 -0.06 6.11
N ARG B 582 27.62 0.22 5.57
CA ARG B 582 26.36 -0.21 6.12
C ARG B 582 26.20 -1.72 6.14
N TYR B 583 26.81 -2.41 5.19
CA TYR B 583 26.67 -3.86 5.07
C TYR B 583 28.04 -4.40 4.67
N ARG B 584 28.07 -5.63 4.16
CA ARG B 584 29.27 -6.15 3.52
C ARG B 584 28.80 -6.91 2.29
N PRO B 585 29.67 -7.12 1.25
CA PRO B 585 29.22 -7.86 0.06
C PRO B 585 28.88 -9.31 0.38
N ASP B 586 28.27 -9.99 -0.61
CA ASP B 586 27.27 -11.05 -0.46
C ASP B 586 27.49 -11.97 0.73
N LYS B 587 26.52 -12.02 1.63
CA LYS B 587 26.82 -12.48 2.97
C LYS B 587 26.79 -14.00 3.06
N ALA B 588 27.99 -14.57 3.06
CA ALA B 588 28.21 -16.00 3.23
C ALA B 588 28.96 -16.21 4.53
N GLU B 589 28.85 -15.23 5.42
CA GLU B 589 29.66 -15.18 6.62
C GLU B 589 28.83 -14.88 7.86
N THR B 590 27.61 -15.42 7.91
CA THR B 590 26.75 -15.10 9.05
C THR B 590 26.65 -16.23 10.06
N GLU B 591 27.70 -17.05 10.21
CA GLU B 591 27.93 -17.88 11.40
C GLU B 591 26.83 -18.90 11.65
N PRO B 592 26.92 -20.07 11.00
CA PRO B 592 25.80 -21.05 10.94
C PRO B 592 25.16 -21.39 12.29
N GLN B 593 23.85 -21.64 12.25
CA GLN B 593 22.95 -21.32 13.35
C GLN B 593 22.24 -22.56 13.87
N VAL B 594 22.28 -22.76 15.18
CA VAL B 594 21.80 -24.03 15.74
C VAL B 594 20.31 -24.04 16.05
N GLY B 595 19.56 -23.00 15.68
CA GLY B 595 18.12 -23.06 15.84
C GLY B 595 17.32 -22.26 14.83
N THR B 596 17.94 -21.86 13.72
CA THR B 596 17.48 -20.71 12.97
C THR B 596 17.60 -20.94 11.47
N ALA B 597 16.63 -20.46 10.70
CA ALA B 597 16.67 -20.58 9.25
C ALA B 597 16.21 -19.31 8.54
N GLN B 598 16.41 -19.29 7.22
CA GLN B 598 16.36 -18.08 6.39
C GLN B 598 15.50 -18.32 5.15
N GLY B 599 14.29 -17.76 5.13
CA GLY B 599 13.40 -18.00 4.01
C GLY B 599 13.35 -16.86 3.01
N LEU B 600 13.00 -17.19 1.76
CA LEU B 600 12.82 -16.16 0.74
C LEU B 600 11.41 -15.62 0.74
N ALA B 601 11.28 -14.36 0.35
CA ALA B 601 10.00 -13.68 0.34
C ALA B 601 10.06 -12.55 -0.67
N TRP B 602 8.91 -12.24 -1.28
CA TRP B 602 8.82 -11.04 -2.11
C TRP B 602 7.41 -10.48 -2.15
N THR B 603 7.19 -9.40 -1.43
CA THR B 603 6.03 -8.59 -1.75
C THR B 603 6.46 -7.77 -2.95
N PRO B 604 5.55 -7.23 -3.72
CA PRO B 604 5.98 -6.29 -4.77
C PRO B 604 6.16 -4.87 -4.25
N VAL B 605 6.84 -4.76 -3.11
CA VAL B 605 7.55 -3.55 -2.74
C VAL B 605 8.99 -3.98 -2.50
N GLY B 606 9.22 -5.30 -2.44
CA GLY B 606 10.55 -5.84 -2.29
C GLY B 606 10.54 -7.21 -1.65
N GLY B 607 11.71 -7.85 -1.71
CA GLY B 607 11.90 -9.20 -1.20
C GLY B 607 13.00 -9.31 -0.16
N THR B 608 13.06 -10.46 0.51
CA THR B 608 13.89 -10.61 1.69
C THR B 608 14.09 -12.07 2.06
N LEU B 609 14.90 -12.27 3.08
CA LEU B 609 14.88 -13.46 3.90
C LEU B 609 14.02 -13.25 5.13
N LEU B 610 13.62 -14.36 5.73
CA LEU B 610 12.78 -14.39 6.90
C LEU B 610 13.48 -15.24 7.93
N THR B 611 13.77 -14.64 9.06
CA THR B 611 14.63 -15.20 10.09
C THR B 611 13.75 -15.94 11.09
N ILE B 612 13.86 -17.26 11.07
CA ILE B 612 12.83 -18.11 11.64
C ILE B 612 13.43 -18.99 12.72
N GLU B 613 12.82 -18.97 13.89
CA GLU B 613 13.38 -19.61 15.08
C GLU B 613 12.32 -20.36 15.86
N VAL B 614 12.65 -21.56 16.30
CA VAL B 614 11.75 -22.30 17.17
C VAL B 614 12.42 -22.51 18.51
N ALA B 615 11.81 -21.97 19.54
CA ALA B 615 12.15 -22.32 20.90
C ALA B 615 11.71 -23.75 21.14
N ALA B 616 12.69 -24.61 21.38
CA ALA B 616 12.44 -25.98 21.78
C ALA B 616 12.57 -25.99 23.30
N VAL B 617 11.51 -25.58 23.98
CA VAL B 617 11.53 -25.47 25.43
C VAL B 617 10.87 -26.71 26.00
N PRO B 618 11.58 -27.52 26.79
CA PRO B 618 10.99 -28.78 27.25
C PRO B 618 9.86 -28.54 28.24
N GLY B 619 8.64 -28.67 27.72
CA GLY B 619 7.43 -28.44 28.48
C GLY B 619 6.56 -29.68 28.49
N SER B 620 5.36 -29.58 27.94
CA SER B 620 4.49 -30.73 27.81
C SER B 620 4.60 -31.41 26.45
N GLY B 621 5.06 -30.69 25.44
CA GLY B 621 5.07 -31.19 24.09
C GLY B 621 3.90 -30.60 23.36
N LYS B 622 4.12 -29.46 22.69
CA LYS B 622 3.06 -28.79 21.94
C LYS B 622 3.60 -27.66 21.08
N LEU B 623 2.78 -27.20 20.15
CA LEU B 623 3.16 -26.24 19.13
C LEU B 623 2.84 -24.82 19.57
N SER B 624 3.66 -23.87 19.10
CA SER B 624 3.31 -22.47 19.22
C SER B 624 3.78 -21.73 17.98
N LEU B 625 2.88 -20.90 17.44
CA LEU B 625 3.14 -20.10 16.26
C LEU B 625 3.50 -18.68 16.67
N THR B 626 4.74 -18.47 17.08
CA THR B 626 5.11 -17.16 17.57
C THR B 626 5.47 -16.28 16.39
N GLY B 627 5.50 -14.98 16.61
CA GLY B 627 5.46 -14.05 15.50
C GLY B 627 4.06 -13.67 15.11
N GLN B 628 3.06 -14.02 15.93
CA GLN B 628 1.66 -13.61 15.80
C GLN B 628 1.09 -14.08 14.45
N LEU B 629 0.97 -15.39 14.32
CA LEU B 629 0.85 -16.02 13.01
C LEU B 629 -0.59 -16.37 12.65
N GLY B 630 -0.80 -16.59 11.36
CA GLY B 630 -2.00 -17.22 10.87
C GLY B 630 -1.88 -18.72 10.93
N GLU B 631 -3.01 -19.40 10.75
CA GLU B 631 -2.98 -20.84 10.81
C GLU B 631 -2.47 -21.48 9.54
N VAL B 632 -2.20 -20.69 8.49
CA VAL B 632 -1.42 -21.19 7.35
C VAL B 632 -0.04 -21.61 7.81
N MET B 633 0.52 -20.85 8.75
CA MET B 633 1.75 -21.24 9.42
C MET B 633 1.57 -22.53 10.20
N LYS B 634 0.41 -22.69 10.84
CA LYS B 634 0.15 -23.89 11.62
C LYS B 634 0.11 -25.12 10.72
N GLU B 635 -0.62 -25.02 9.62
CA GLU B 635 -0.69 -26.09 8.62
C GLU B 635 0.69 -26.41 8.07
N SER B 636 1.43 -25.37 7.68
CA SER B 636 2.74 -25.53 7.07
C SER B 636 3.71 -26.22 8.02
N ALA B 637 3.87 -25.64 9.20
CA ALA B 637 4.87 -26.13 10.13
C ALA B 637 4.45 -27.45 10.73
N GLN B 638 3.16 -27.66 10.91
CA GLN B 638 2.72 -28.91 11.48
C GLN B 638 2.87 -30.04 10.48
N ALA B 639 2.68 -29.77 9.19
CA ALA B 639 2.85 -30.82 8.20
C ALA B 639 4.32 -31.13 7.99
N ALA B 640 5.14 -30.08 7.88
CA ALA B 640 6.57 -30.28 7.79
C ALA B 640 7.09 -30.96 9.03
N LEU B 641 6.63 -30.50 10.19
CA LEU B 641 6.84 -31.10 11.49
C LEU B 641 6.43 -32.55 11.52
N THR B 642 5.33 -32.89 10.87
CA THR B 642 4.86 -34.26 10.88
C THR B 642 5.78 -35.13 10.03
N TYR B 643 6.32 -34.55 8.95
CA TYR B 643 7.33 -35.28 8.20
C TYR B 643 8.62 -35.41 9.01
N LEU B 644 8.88 -34.45 9.87
CA LEU B 644 9.99 -34.59 10.81
C LEU B 644 9.70 -35.70 11.82
N ARG B 645 8.44 -35.84 12.20
CA ARG B 645 8.00 -36.93 13.06
C ARG B 645 8.10 -38.27 12.34
N ALA B 646 8.11 -38.24 10.99
CA ALA B 646 8.25 -39.49 10.24
C ALA B 646 9.64 -40.09 10.39
N HIS B 647 10.61 -39.32 10.81
CA HIS B 647 11.94 -39.82 11.03
C HIS B 647 12.43 -39.33 12.39
N THR B 648 12.01 -40.00 13.45
CA THR B 648 12.43 -39.61 14.79
C THR B 648 13.67 -40.38 15.24
N GLN B 649 14.38 -40.97 14.29
CA GLN B 649 15.76 -41.34 14.55
C GLN B 649 16.58 -41.09 13.30
N ASP B 650 15.89 -40.95 12.16
CA ASP B 650 16.59 -40.96 10.88
C ASP B 650 17.16 -39.61 10.53
N TYR B 651 17.11 -38.65 11.44
CA TYR B 651 17.94 -37.45 11.36
C TYR B 651 18.66 -37.18 12.67
N GLY B 652 19.10 -38.25 13.34
CA GLY B 652 19.95 -38.14 14.51
C GLY B 652 19.28 -37.57 15.75
N LEU B 653 18.02 -37.88 15.96
CA LEU B 653 17.29 -37.25 17.05
C LEU B 653 16.57 -38.30 17.88
N PRO B 654 16.18 -38.04 19.13
CA PRO B 654 15.46 -39.06 19.90
C PRO B 654 14.00 -39.17 19.46
N GLU B 655 13.26 -39.95 20.24
CA GLU B 655 11.97 -40.42 19.76
C GLU B 655 10.91 -39.33 19.84
N ASP B 656 10.64 -38.80 21.03
CA ASP B 656 9.56 -37.83 21.18
C ASP B 656 10.13 -36.44 21.44
N PHE B 657 9.53 -35.47 20.76
CA PHE B 657 9.87 -34.07 20.95
C PHE B 657 8.59 -33.26 20.95
N TYR B 658 7.56 -33.84 20.38
CA TYR B 658 6.23 -33.26 20.35
C TYR B 658 5.37 -33.84 21.44
N ASN B 659 5.79 -34.95 22.03
CA ASN B 659 5.19 -35.50 23.23
C ASN B 659 5.88 -34.99 24.46
N LYS B 660 7.01 -34.31 24.31
CA LYS B 660 7.86 -33.96 25.43
C LYS B 660 8.17 -32.48 25.53
N VAL B 661 8.38 -31.79 24.43
CA VAL B 661 8.96 -30.46 24.43
C VAL B 661 7.99 -29.50 23.75
N ASP B 662 7.63 -28.44 24.45
CA ASP B 662 6.78 -27.44 23.82
C ASP B 662 7.59 -26.66 22.79
N LEU B 663 6.95 -26.40 21.66
CA LEU B 663 7.61 -25.96 20.45
C LEU B 663 7.06 -24.60 20.08
N HIS B 664 7.93 -23.65 19.80
CA HIS B 664 7.53 -22.25 19.69
C HIS B 664 8.15 -21.68 18.43
N VAL B 665 7.34 -21.51 17.41
CA VAL B 665 7.83 -21.33 16.06
C VAL B 665 7.62 -19.88 15.65
N HIS B 666 8.70 -19.20 15.27
CA HIS B 666 8.68 -17.77 15.03
C HIS B 666 9.04 -17.44 13.59
N VAL B 667 8.14 -16.65 12.99
CA VAL B 667 8.26 -15.97 11.71
C VAL B 667 8.44 -14.49 12.01
N PRO B 668 9.37 -13.79 11.34
CA PRO B 668 9.54 -12.36 11.59
C PRO B 668 8.37 -11.50 11.14
N ASP B 669 7.43 -12.04 10.39
CA ASP B 669 6.27 -11.29 9.95
C ASP B 669 5.04 -12.00 10.50
N GLY B 670 3.88 -11.35 10.40
CA GLY B 670 2.66 -11.92 10.92
C GLY B 670 2.07 -13.02 10.07
N ALA B 671 2.07 -12.86 8.76
CA ALA B 671 1.45 -13.85 7.87
C ALA B 671 2.35 -14.13 6.67
N THR B 672 1.89 -15.02 5.79
CA THR B 672 2.70 -15.47 4.67
C THR B 672 2.84 -14.38 3.61
N PRO B 673 4.04 -14.20 3.05
CA PRO B 673 4.23 -13.17 2.03
C PRO B 673 3.60 -13.52 0.69
N LYS B 674 3.88 -14.72 0.19
CA LYS B 674 3.24 -15.24 -1.01
C LYS B 674 2.23 -16.25 -0.53
N ASP B 675 0.96 -15.85 -0.64
CA ASP B 675 -0.08 -16.11 0.34
C ASP B 675 -0.29 -17.59 0.59
N GLY B 676 -0.14 -17.98 1.86
CA GLY B 676 -0.13 -19.37 2.22
C GLY B 676 1.26 -19.96 2.20
N PRO B 677 1.35 -21.28 2.38
CA PRO B 677 2.65 -21.95 2.54
C PRO B 677 3.54 -21.86 1.32
N SER B 678 4.64 -21.12 1.43
CA SER B 678 5.56 -20.99 0.32
C SER B 678 6.99 -21.05 0.80
N ALA B 679 7.18 -21.25 2.11
CA ALA B 679 8.52 -21.40 2.68
C ALA B 679 8.55 -22.42 3.81
N GLY B 680 7.79 -23.52 3.67
CA GLY B 680 7.65 -24.48 4.74
C GLY B 680 8.91 -25.25 5.07
N ILE B 681 9.75 -25.43 4.05
CA ILE B 681 11.00 -26.13 4.26
C ILE B 681 11.95 -25.32 5.12
N THR B 682 11.85 -24.00 5.07
CA THR B 682 12.63 -23.14 5.95
C THR B 682 12.20 -23.35 7.39
N MET B 683 10.89 -23.47 7.59
CA MET B 683 10.35 -23.71 8.90
C MET B 683 10.85 -25.02 9.47
N ALA B 684 10.75 -26.08 8.67
CA ALA B 684 11.26 -27.38 9.09
C ALA B 684 12.77 -27.34 9.25
N THR B 685 13.44 -26.49 8.48
CA THR B 685 14.89 -26.35 8.57
C THR B 685 15.28 -25.82 9.92
N ALA B 686 14.59 -24.77 10.36
CA ALA B 686 14.83 -24.24 11.69
C ALA B 686 14.44 -25.24 12.76
N ILE B 687 13.41 -26.06 12.48
CA ILE B 687 13.02 -27.10 13.41
C ILE B 687 14.15 -28.11 13.57
N ALA B 688 14.74 -28.53 12.46
CA ALA B 688 15.80 -29.52 12.51
C ALA B 688 17.04 -28.97 13.17
N SER B 689 17.30 -27.67 12.95
CA SER B 689 18.38 -27.00 13.66
C SER B 689 18.13 -27.03 15.15
N ALA B 690 16.96 -26.53 15.57
CA ALA B 690 16.68 -26.34 16.99
C ALA B 690 16.48 -27.66 17.72
N LEU B 691 16.08 -28.72 17.01
CA LEU B 691 16.05 -30.05 17.61
C LEU B 691 17.43 -30.67 17.68
N SER B 692 18.25 -30.45 16.67
CA SER B 692 19.61 -30.93 16.68
C SER B 692 20.52 -30.15 17.61
N ARG B 693 20.30 -28.83 17.72
CA ARG B 693 21.28 -27.84 18.19
C ARG B 693 22.55 -27.90 17.34
N ARG B 694 22.38 -28.17 16.06
CA ARG B 694 23.45 -28.20 15.09
C ARG B 694 23.32 -27.00 14.17
N PRO B 695 24.44 -26.38 13.82
CA PRO B 695 24.38 -25.14 13.04
C PRO B 695 23.86 -25.35 11.62
N ALA B 696 23.11 -24.34 11.17
CA ALA B 696 22.42 -24.39 9.88
C ALA B 696 23.11 -23.50 8.87
N ARG B 697 23.27 -24.03 7.66
CA ARG B 697 24.12 -23.42 6.65
C ARG B 697 23.57 -22.10 6.14
N MET B 698 24.33 -21.06 6.43
CA MET B 698 24.15 -19.75 5.82
C MET B 698 24.46 -19.79 4.33
N ASP B 699 24.04 -18.74 3.62
CA ASP B 699 24.25 -18.43 2.19
C ASP B 699 23.46 -19.36 1.28
N ILE B 700 22.88 -20.42 1.82
CA ILE B 700 22.14 -21.39 1.03
C ILE B 700 20.71 -21.25 1.50
N ALA B 701 19.94 -20.40 0.84
CA ALA B 701 18.59 -20.15 1.32
C ALA B 701 17.64 -21.24 0.84
N MET B 702 16.42 -21.19 1.34
CA MET B 702 15.42 -22.18 1.00
C MET B 702 14.04 -21.60 1.26
N THR B 703 13.07 -22.08 0.48
CA THR B 703 11.64 -21.72 0.50
C THR B 703 10.91 -22.73 -0.37
N GLY B 704 9.63 -22.96 -0.06
CA GLY B 704 8.87 -23.88 -0.86
C GLY B 704 7.78 -24.55 -0.05
N GLU B 705 7.21 -25.58 -0.66
CA GLU B 705 5.99 -26.23 -0.20
C GLU B 705 6.27 -27.70 0.09
N VAL B 706 5.52 -28.23 1.04
CA VAL B 706 5.87 -29.48 1.69
C VAL B 706 4.79 -30.53 1.43
N SER B 707 5.08 -31.75 1.83
CA SER B 707 4.10 -32.81 1.95
C SER B 707 4.23 -33.43 3.34
N LEU B 708 3.28 -34.30 3.68
CA LEU B 708 3.47 -35.18 4.82
C LEU B 708 4.59 -36.18 4.56
N ARG B 709 4.74 -36.61 3.32
CA ARG B 709 5.76 -37.56 2.94
C ARG B 709 7.08 -36.90 2.58
N GLY B 710 7.21 -35.59 2.83
CA GLY B 710 8.47 -34.91 2.61
C GLY B 710 8.79 -34.68 1.16
N LYS B 711 7.80 -34.24 0.39
CA LYS B 711 7.98 -34.04 -1.03
C LYS B 711 7.64 -32.61 -1.39
N VAL B 712 8.52 -32.05 -2.22
CA VAL B 712 8.46 -30.66 -2.66
C VAL B 712 7.20 -30.49 -3.48
N MET B 713 6.38 -29.53 -3.08
CA MET B 713 5.32 -29.07 -3.93
C MET B 713 5.75 -27.73 -4.50
N PRO B 714 5.33 -27.41 -5.72
CA PRO B 714 5.94 -26.28 -6.42
C PRO B 714 5.34 -24.95 -6.01
N ILE B 715 6.20 -24.02 -5.64
CA ILE B 715 5.81 -22.62 -5.62
C ILE B 715 5.86 -22.11 -7.05
N GLY B 716 5.13 -21.04 -7.30
CA GLY B 716 5.26 -20.29 -8.52
C GLY B 716 5.84 -18.92 -8.24
N GLY B 717 6.07 -18.16 -9.32
CA GLY B 717 6.67 -16.85 -9.22
C GLY B 717 8.08 -16.92 -8.67
N VAL B 718 8.76 -18.01 -9.03
CA VAL B 718 10.03 -18.35 -8.41
C VAL B 718 11.12 -17.42 -8.91
N LYS B 719 10.88 -16.78 -10.06
CA LYS B 719 11.70 -15.68 -10.56
C LYS B 719 11.86 -14.59 -9.52
N GLU B 720 10.80 -14.29 -8.78
CA GLU B 720 10.88 -13.24 -7.78
C GLU B 720 11.52 -13.74 -6.49
N LYS B 721 11.45 -15.06 -6.24
CA LYS B 721 12.27 -15.63 -5.18
C LYS B 721 13.75 -15.50 -5.51
N LEU B 722 14.10 -15.67 -6.78
CA LEU B 722 15.49 -15.47 -7.19
C LEU B 722 15.86 -14.00 -7.19
N LEU B 723 14.89 -13.13 -7.46
CA LEU B 723 15.10 -11.70 -7.27
C LEU B 723 15.41 -11.38 -5.82
N ALA B 724 14.69 -12.03 -4.90
CA ALA B 724 14.98 -11.87 -3.48
C ALA B 724 16.36 -12.40 -3.13
N ALA B 725 16.76 -13.50 -3.76
CA ALA B 725 18.10 -14.05 -3.53
C ALA B 725 19.20 -13.14 -4.04
N HIS B 726 19.05 -12.61 -5.25
CA HIS B 726 20.10 -11.82 -5.86
C HIS B 726 20.17 -10.41 -5.33
N GLN B 727 19.03 -9.85 -4.92
CA GLN B 727 19.06 -8.56 -4.25
C GLN B 727 19.54 -8.72 -2.82
N ALA B 728 19.45 -9.94 -2.28
CA ALA B 728 20.24 -10.29 -1.11
C ALA B 728 21.61 -10.83 -1.48
N GLY B 729 21.87 -11.00 -2.78
CA GLY B 729 23.14 -11.49 -3.23
C GLY B 729 23.36 -12.97 -3.02
N ILE B 730 22.30 -13.73 -2.76
CA ILE B 730 22.43 -15.16 -2.56
C ILE B 730 22.60 -15.83 -3.92
N HIS B 731 23.67 -16.60 -4.06
CA HIS B 731 23.93 -17.31 -5.30
C HIS B 731 23.93 -18.80 -5.05
N LYS B 732 23.36 -19.22 -3.94
CA LYS B 732 23.28 -20.63 -3.57
C LYS B 732 21.84 -20.88 -3.19
N ILE B 733 21.05 -21.39 -4.13
CA ILE B 733 19.60 -21.38 -4.00
C ILE B 733 19.07 -22.80 -4.14
N VAL B 734 18.27 -23.23 -3.17
CA VAL B 734 17.69 -24.57 -3.13
C VAL B 734 16.34 -24.49 -3.84
N LEU B 735 16.30 -24.93 -5.09
CA LEU B 735 15.16 -24.76 -5.97
C LEU B 735 14.47 -26.08 -6.29
N PRO B 736 13.17 -26.07 -6.59
CA PRO B 736 12.46 -27.32 -6.86
C PRO B 736 12.90 -27.98 -8.15
N LYS B 737 13.03 -29.30 -8.06
CA LYS B 737 13.13 -30.12 -9.27
C LYS B 737 11.80 -30.12 -10.00
N ASP B 738 10.72 -29.79 -9.30
CA ASP B 738 9.47 -29.45 -9.94
C ASP B 738 9.60 -28.28 -10.90
N ASN B 739 10.09 -27.13 -10.45
CA ASN B 739 10.07 -25.93 -11.27
C ASN B 739 11.36 -25.74 -12.05
N GLU B 740 12.06 -26.83 -12.36
CA GLU B 740 13.25 -26.68 -13.18
C GLU B 740 12.90 -26.38 -14.63
N ALA B 741 11.74 -26.84 -15.11
CA ALA B 741 11.26 -26.36 -16.39
C ALA B 741 10.87 -24.90 -16.28
N GLN B 742 10.30 -24.52 -15.13
CA GLN B 742 10.02 -23.13 -14.87
C GLN B 742 11.29 -22.33 -14.71
N LEU B 743 12.34 -22.95 -14.17
CA LEU B 743 13.66 -22.34 -14.07
C LEU B 743 14.24 -21.97 -15.42
N GLU B 744 13.86 -22.69 -16.48
CA GLU B 744 14.37 -22.43 -17.82
C GLU B 744 13.84 -21.13 -18.40
N GLU B 745 12.80 -20.57 -17.81
CA GLU B 745 12.11 -19.42 -18.39
C GLU B 745 12.75 -18.09 -18.08
N LEU B 746 14.01 -18.05 -17.82
CA LEU B 746 14.57 -16.82 -17.29
C LEU B 746 15.63 -16.24 -18.22
N PRO B 747 15.99 -14.97 -18.06
CA PRO B 747 17.28 -14.51 -18.59
C PRO B 747 18.41 -15.11 -17.75
N LYS B 748 19.52 -15.46 -18.41
CA LYS B 748 20.67 -16.02 -17.72
C LYS B 748 21.44 -14.97 -16.92
N GLU B 749 21.13 -13.70 -17.11
CA GLU B 749 21.62 -12.66 -16.23
C GLU B 749 21.00 -12.75 -14.85
N VAL B 750 19.80 -13.32 -14.75
CA VAL B 750 19.22 -13.66 -13.46
C VAL B 750 20.01 -14.83 -12.91
N LEU B 751 20.32 -15.78 -13.79
CA LEU B 751 20.91 -17.06 -13.41
C LEU B 751 22.42 -17.06 -13.44
N GLU B 752 23.06 -15.91 -13.22
CA GLU B 752 24.52 -15.85 -13.25
C GLU B 752 25.10 -16.59 -12.05
N GLY B 753 25.71 -17.75 -12.31
CA GLY B 753 26.48 -18.48 -11.34
C GLY B 753 25.74 -18.95 -10.11
N LEU B 754 24.41 -19.02 -10.16
CA LEU B 754 23.60 -19.39 -9.01
C LEU B 754 23.79 -20.88 -8.75
N GLU B 755 24.02 -21.24 -7.50
CA GLU B 755 24.07 -22.65 -7.13
C GLU B 755 22.63 -23.06 -6.97
N ILE B 756 22.09 -23.68 -8.01
CA ILE B 756 20.75 -24.23 -7.94
C ILE B 756 20.86 -25.67 -7.47
N LYS B 757 20.32 -25.93 -6.29
CA LYS B 757 20.18 -27.27 -5.74
C LYS B 757 18.78 -27.75 -6.11
N LEU B 758 18.68 -28.45 -7.24
CA LEU B 758 17.40 -28.98 -7.68
C LEU B 758 16.94 -30.09 -6.76
N VAL B 759 15.92 -29.80 -5.95
CA VAL B 759 15.43 -30.69 -4.91
C VAL B 759 14.00 -31.07 -5.22
N GLU B 760 13.62 -32.24 -4.74
CA GLU B 760 12.23 -32.61 -4.87
C GLU B 760 11.83 -33.32 -3.58
N ASP B 761 12.79 -33.45 -2.67
CA ASP B 761 12.56 -34.01 -1.35
C ASP B 761 13.25 -33.19 -0.28
N VAL B 762 13.15 -33.68 0.97
CA VAL B 762 13.44 -32.85 2.12
C VAL B 762 14.77 -33.22 2.77
N GLY B 763 15.05 -34.51 2.92
CA GLY B 763 16.33 -34.92 3.51
C GLY B 763 17.52 -34.51 2.66
N GLU B 764 17.29 -34.35 1.35
CA GLU B 764 18.17 -33.58 0.48
C GLU B 764 18.56 -32.27 1.12
N VAL B 765 17.57 -31.45 1.48
CA VAL B 765 17.91 -30.15 2.01
C VAL B 765 18.39 -30.25 3.45
N LEU B 766 18.02 -31.30 4.17
CA LEU B 766 18.59 -31.57 5.47
C LEU B 766 20.06 -31.86 5.41
N GLU B 767 20.50 -32.50 4.33
CA GLU B 767 21.92 -32.61 4.03
C GLU B 767 22.49 -31.32 3.48
N TYR B 768 21.65 -30.44 2.95
CA TYR B 768 22.16 -29.24 2.30
C TYR B 768 22.32 -28.08 3.26
N LEU B 769 21.54 -28.06 4.34
CA LEU B 769 21.31 -26.77 4.97
C LEU B 769 21.73 -26.69 6.42
N LEU B 770 22.05 -27.80 7.07
CA LEU B 770 22.75 -27.72 8.34
C LEU B 770 24.22 -27.94 8.15
N LEU B 771 25.03 -27.40 9.06
CA LEU B 771 26.47 -27.35 8.83
C LEU B 771 27.12 -28.73 8.91
N PRO B 772 26.75 -29.62 9.84
CA PRO B 772 26.93 -31.04 9.55
C PRO B 772 25.61 -31.58 9.01
N GLU B 773 25.66 -32.83 8.56
CA GLU B 773 24.41 -33.52 8.23
C GLU B 773 23.51 -33.71 9.44
N PRO B 774 24.02 -33.98 10.67
CA PRO B 774 23.06 -33.82 11.77
C PRO B 774 22.73 -32.37 12.06
N LEU C 243 -5.50 67.15 0.57
CA LEU C 243 -5.25 65.74 0.31
C LEU C 243 -4.55 65.56 -1.04
N SER C 244 -3.23 65.38 -0.99
CA SER C 244 -2.42 65.18 -2.19
C SER C 244 -2.05 63.72 -2.40
N ASP C 245 -2.98 62.78 -2.10
CA ASP C 245 -2.70 61.35 -2.28
C ASP C 245 -2.45 61.01 -3.74
N LEU C 246 -3.16 61.66 -4.67
CA LEU C 246 -3.07 61.27 -6.08
C LEU C 246 -1.73 61.67 -6.68
N GLU C 247 -1.25 62.87 -6.35
CA GLU C 247 0.06 63.33 -6.78
C GLU C 247 1.16 62.43 -6.22
N ALA C 248 1.02 62.07 -4.94
CA ALA C 248 1.99 61.22 -4.28
C ALA C 248 2.03 59.82 -4.87
N LEU C 249 0.87 59.21 -5.10
CA LEU C 249 0.81 57.86 -5.65
C LEU C 249 1.28 57.82 -7.10
N ARG C 250 0.99 58.89 -7.87
CA ARG C 250 1.55 59.01 -9.21
C ARG C 250 3.06 59.02 -9.18
N LYS C 251 3.65 59.84 -8.32
CA LYS C 251 5.10 59.91 -8.23
C LYS C 251 5.69 58.62 -7.67
N LYS C 252 4.92 57.90 -6.84
CA LYS C 252 5.32 56.58 -6.37
C LYS C 252 5.44 55.62 -7.54
N ILE C 253 4.44 55.58 -8.42
CA ILE C 253 4.48 54.72 -9.58
C ILE C 253 5.59 55.14 -10.54
N GLU C 254 5.76 56.45 -10.74
CA GLU C 254 6.78 56.99 -11.62
C GLU C 254 8.18 56.68 -11.13
N GLU C 255 8.36 56.59 -9.82
CA GLU C 255 9.71 56.74 -9.28
C GLU C 255 10.20 55.47 -8.59
N VAL C 256 9.31 54.63 -8.09
CA VAL C 256 9.68 53.27 -7.75
C VAL C 256 9.86 52.53 -9.06
N GLY C 257 10.87 51.65 -9.12
CA GLY C 257 11.07 50.83 -10.30
C GLY C 257 9.94 49.82 -10.46
N MET C 258 9.44 49.71 -11.69
CA MET C 258 8.42 48.77 -12.10
C MET C 258 8.64 48.34 -13.54
N PRO C 259 8.43 47.06 -13.85
CA PRO C 259 8.34 46.64 -15.26
C PRO C 259 7.04 47.06 -15.94
N GLU C 260 6.83 46.56 -17.17
CA GLU C 260 5.78 47.12 -18.03
C GLU C 260 4.38 46.66 -17.64
N ALA C 261 4.19 45.35 -17.41
CA ALA C 261 2.90 44.85 -16.94
C ALA C 261 2.58 45.38 -15.54
N VAL C 262 3.63 45.64 -14.76
CA VAL C 262 3.43 46.22 -13.44
C VAL C 262 3.13 47.71 -13.56
N LYS C 263 3.70 48.37 -14.57
CA LYS C 263 3.30 49.75 -14.86
C LYS C 263 1.84 49.81 -15.28
N THR C 264 1.39 48.78 -16.00
CA THR C 264 0.00 48.72 -16.44
C THR C 264 -0.94 48.40 -15.26
N LYS C 265 -0.51 47.53 -14.33
CA LYS C 265 -1.35 47.24 -13.17
C LYS C 265 -1.42 48.46 -12.25
N ALA C 266 -0.38 49.28 -12.24
CA ALA C 266 -0.43 50.53 -11.50
C ALA C 266 -1.34 51.53 -12.20
N LEU C 267 -1.39 51.49 -13.54
CA LEU C 267 -2.36 52.32 -14.26
C LEU C 267 -3.78 51.87 -13.99
N LYS C 268 -3.98 50.56 -13.79
CA LYS C 268 -5.26 50.07 -13.32
C LYS C 268 -5.60 50.57 -11.93
N GLU C 269 -4.61 50.66 -11.04
CA GLU C 269 -4.89 51.20 -9.72
C GLU C 269 -5.22 52.69 -9.79
N LEU C 270 -4.53 53.40 -10.69
CA LEU C 270 -4.86 54.79 -11.02
C LEU C 270 -6.29 54.92 -11.54
N ASP C 271 -6.77 53.91 -12.24
CA ASP C 271 -8.17 53.92 -12.67
C ASP C 271 -9.13 53.75 -11.48
N ARG C 272 -8.74 52.99 -10.45
CA ARG C 272 -9.50 52.92 -9.20
C ARG C 272 -9.16 54.06 -8.24
N LEU C 273 -8.24 54.94 -8.62
CA LEU C 273 -8.00 56.20 -7.93
C LEU C 273 -8.96 57.26 -8.47
N GLU C 274 -8.58 58.52 -8.29
CA GLU C 274 -9.17 59.68 -8.97
C GLU C 274 -10.60 59.95 -8.46
N ARG C 275 -10.75 59.86 -7.14
CA ARG C 275 -11.96 60.29 -6.46
C ARG C 275 -11.54 61.17 -5.29
N MET C 276 -12.46 62.04 -4.86
CA MET C 276 -12.13 63.17 -4.00
C MET C 276 -12.38 62.88 -2.52
N GLN C 277 -12.14 61.66 -2.06
CA GLN C 277 -12.34 61.35 -0.66
C GLN C 277 -11.49 60.17 -0.26
N GLN C 278 -11.30 60.02 1.05
CA GLN C 278 -10.76 58.81 1.63
C GLN C 278 -11.89 58.01 2.27
N GLY C 279 -11.59 56.77 2.62
CA GLY C 279 -12.64 55.79 2.75
C GLY C 279 -12.86 55.29 1.34
N SER C 280 -14.11 54.90 1.00
CA SER C 280 -14.53 54.51 -0.36
C SER C 280 -13.68 53.36 -0.86
N PRO C 281 -13.94 52.13 -0.42
CA PRO C 281 -12.91 51.06 -0.45
C PRO C 281 -12.45 50.63 -1.84
N GLU C 282 -12.93 51.23 -2.92
CA GLU C 282 -12.17 51.16 -4.15
C GLU C 282 -10.87 51.95 -4.03
N ALA C 283 -10.98 53.21 -3.62
CA ALA C 283 -9.81 54.06 -3.40
C ALA C 283 -8.92 53.53 -2.30
N THR C 284 -9.51 52.94 -1.25
CA THR C 284 -8.73 52.42 -0.14
C THR C 284 -7.93 51.19 -0.56
N VAL C 285 -8.57 50.20 -1.19
CA VAL C 285 -7.88 48.99 -1.61
C VAL C 285 -6.86 49.31 -2.71
N ALA C 286 -7.17 50.27 -3.59
CA ALA C 286 -6.22 50.65 -4.63
C ALA C 286 -5.03 51.40 -4.06
N ARG C 287 -5.27 52.32 -3.13
CA ARG C 287 -4.19 53.11 -2.56
C ARG C 287 -3.29 52.24 -1.69
N THR C 288 -3.88 51.38 -0.85
CA THR C 288 -3.09 50.39 -0.11
C THR C 288 -2.42 49.40 -1.04
N TYR C 289 -3.02 49.11 -2.18
CA TYR C 289 -2.42 48.21 -3.15
C TYR C 289 -1.16 48.82 -3.72
N LEU C 290 -1.21 50.12 -4.02
CA LEU C 290 -0.02 50.83 -4.45
C LEU C 290 1.01 50.93 -3.33
N ASP C 291 0.53 51.01 -2.08
CA ASP C 291 1.44 51.01 -0.94
C ASP C 291 2.18 49.68 -0.84
N TRP C 292 1.49 48.58 -1.10
CA TRP C 292 2.15 47.28 -1.18
C TRP C 292 3.08 47.22 -2.39
N LEU C 293 2.63 47.74 -3.53
CA LEU C 293 3.31 47.60 -4.80
C LEU C 293 4.61 48.36 -4.86
N THR C 294 4.62 49.60 -4.39
CA THR C 294 5.81 50.43 -4.40
C THR C 294 6.83 49.99 -3.35
N GLU C 295 6.41 49.22 -2.36
CA GLU C 295 7.31 48.80 -1.30
C GLU C 295 7.85 47.41 -1.48
N VAL C 296 7.12 46.50 -2.12
CA VAL C 296 7.69 45.30 -2.70
C VAL C 296 8.60 45.76 -3.85
N PRO C 297 9.89 45.48 -3.80
CA PRO C 297 10.81 46.02 -4.79
C PRO C 297 10.62 45.34 -6.14
N TRP C 298 11.31 45.85 -7.14
CA TRP C 298 11.18 45.33 -8.50
C TRP C 298 12.53 45.50 -9.18
N SER C 299 13.20 44.37 -9.46
CA SER C 299 14.54 44.35 -10.07
C SER C 299 15.54 45.11 -9.21
N LYS C 300 15.35 45.04 -7.90
CA LYS C 300 16.22 45.68 -6.93
C LYS C 300 16.85 44.56 -6.12
N ALA C 301 18.18 44.53 -6.05
CA ALA C 301 18.86 43.40 -5.46
C ALA C 301 20.16 43.87 -4.84
N ASP C 302 20.95 42.92 -4.37
CA ASP C 302 22.29 43.19 -3.88
C ASP C 302 23.26 42.07 -4.26
N PRO C 303 24.48 42.42 -4.63
CA PRO C 303 25.44 41.39 -5.06
C PRO C 303 25.89 40.54 -3.89
N GLU C 304 26.39 39.36 -4.21
CA GLU C 304 26.67 38.36 -3.20
C GLU C 304 28.14 37.99 -3.24
N VAL C 305 28.82 38.15 -2.09
CA VAL C 305 30.11 37.51 -1.93
C VAL C 305 29.86 36.04 -1.68
N LEU C 306 30.55 35.20 -2.44
CA LEU C 306 30.19 33.80 -2.51
C LEU C 306 31.30 32.88 -2.02
N ASP C 307 32.24 33.38 -1.23
CA ASP C 307 33.29 32.52 -0.69
C ASP C 307 32.69 31.52 0.27
N ILE C 308 32.67 30.26 -0.17
CA ILE C 308 32.29 29.13 0.66
C ILE C 308 33.18 29.00 1.87
N ASN C 309 34.42 29.43 1.77
CA ASN C 309 35.35 29.32 2.86
C ASN C 309 35.15 30.42 3.88
N HIS C 310 34.91 31.63 3.41
CA HIS C 310 34.44 32.68 4.30
C HIS C 310 33.08 32.34 4.89
N THR C 311 32.22 31.75 4.07
CA THR C 311 31.00 31.16 4.59
C THR C 311 31.34 30.10 5.61
N ARG C 312 32.35 29.27 5.33
CA ARG C 312 32.83 28.34 6.33
C ARG C 312 33.50 29.07 7.48
N GLN C 313 34.05 30.25 7.22
CA GLN C 313 34.47 31.06 8.36
C GLN C 313 33.29 31.62 9.11
N VAL C 314 32.22 32.01 8.42
CA VAL C 314 30.99 32.34 9.09
C VAL C 314 30.35 31.11 9.73
N LEU C 315 30.64 29.90 9.21
CA LEU C 315 30.25 28.68 9.93
C LEU C 315 30.88 28.55 11.28
N ASP C 316 32.07 29.12 11.47
CA ASP C 316 32.77 29.06 12.74
C ASP C 316 32.12 29.92 13.80
N GLU C 317 31.08 30.66 13.43
CA GLU C 317 30.39 31.58 14.30
C GLU C 317 29.12 30.89 14.74
N ASP C 318 28.28 31.66 15.44
CA ASP C 318 26.84 31.54 15.71
C ASP C 318 26.46 30.36 16.59
N HIS C 319 27.38 29.42 16.76
CA HIS C 319 27.28 28.23 17.56
C HIS C 319 28.69 27.69 17.74
N TYR C 320 28.96 27.15 18.92
CA TYR C 320 30.13 26.30 19.05
C TYR C 320 29.96 25.07 18.20
N GLY C 321 28.86 24.34 18.40
CA GLY C 321 28.45 23.32 17.46
C GLY C 321 29.29 22.06 17.49
N LEU C 322 28.89 21.09 16.68
CA LEU C 322 29.79 20.04 16.23
C LEU C 322 30.10 20.15 14.74
N LYS C 323 29.46 21.09 14.03
CA LYS C 323 29.77 21.46 12.66
C LYS C 323 29.59 20.30 11.68
N ASP C 324 28.66 19.42 12.02
CA ASP C 324 28.52 18.14 11.34
C ASP C 324 27.78 18.26 10.03
N VAL C 325 26.56 18.76 10.07
CA VAL C 325 25.82 18.97 8.83
C VAL C 325 25.99 20.37 8.33
N LYS C 326 26.79 21.17 9.03
CA LYS C 326 27.30 22.38 8.41
C LYS C 326 28.11 22.03 7.18
N GLU C 327 28.76 20.86 7.21
CA GLU C 327 29.33 20.26 6.01
C GLU C 327 28.26 20.04 4.94
N ARG C 328 27.04 19.67 5.33
CA ARG C 328 26.02 19.39 4.33
C ARG C 328 25.48 20.68 3.75
N ILE C 329 25.47 21.71 4.56
CA ILE C 329 25.20 23.04 4.07
C ILE C 329 26.24 23.44 3.05
N LEU C 330 27.51 23.17 3.36
CA LEU C 330 28.60 23.40 2.42
C LEU C 330 28.42 22.60 1.14
N GLU C 331 27.83 21.41 1.24
CA GLU C 331 27.54 20.62 0.06
C GLU C 331 26.58 21.34 -0.86
N TYR C 332 25.43 21.72 -0.32
CA TYR C 332 24.43 22.39 -1.15
C TYR C 332 24.93 23.73 -1.64
N LEU C 333 25.74 24.38 -0.86
CA LEU C 333 26.26 25.64 -1.36
C LEU C 333 27.38 25.43 -2.36
N ALA C 334 28.04 24.29 -2.32
CA ALA C 334 28.98 23.97 -3.39
C ALA C 334 28.23 23.73 -4.68
N VAL C 335 27.05 23.13 -4.55
CA VAL C 335 26.16 23.01 -5.69
C VAL C 335 25.77 24.38 -6.20
N ARG C 336 25.44 25.28 -5.28
CA ARG C 336 25.11 26.64 -5.63
C ARG C 336 26.25 27.37 -6.31
N GLN C 337 27.46 27.22 -5.82
CA GLN C 337 28.59 27.89 -6.40
C GLN C 337 29.05 27.23 -7.68
N LEU C 338 28.62 26.01 -7.95
CA LEU C 338 28.76 25.50 -9.31
C LEU C 338 27.60 25.96 -10.17
N THR C 339 26.41 25.54 -9.81
CA THR C 339 25.23 25.78 -10.65
C THR C 339 24.81 27.24 -10.55
N GLN C 340 25.49 28.05 -11.36
CA GLN C 340 25.40 29.50 -11.28
C GLN C 340 24.77 30.02 -12.56
N GLY C 341 23.51 30.40 -12.48
CA GLY C 341 22.83 30.94 -13.63
C GLY C 341 22.52 29.94 -14.72
N LEU C 342 22.50 28.66 -14.38
CA LEU C 342 22.18 27.60 -15.34
C LEU C 342 20.92 26.89 -14.88
N ASP C 343 20.00 26.68 -15.82
CA ASP C 343 18.95 25.68 -15.64
C ASP C 343 19.38 24.33 -16.18
N VAL C 344 20.69 24.15 -16.36
CA VAL C 344 21.28 22.83 -16.32
C VAL C 344 20.90 22.14 -15.01
N ARG C 345 21.05 22.84 -13.89
CA ARG C 345 20.45 22.42 -12.63
C ARG C 345 19.03 22.97 -12.60
N ASN C 346 18.07 22.07 -12.42
CA ASN C 346 16.69 22.52 -12.30
C ASN C 346 16.06 21.73 -11.18
N LYS C 347 15.25 22.42 -10.38
CA LYS C 347 14.55 21.90 -9.20
C LYS C 347 15.57 21.44 -8.17
N ALA C 348 16.30 22.38 -7.60
CA ALA C 348 17.32 22.17 -6.58
C ALA C 348 16.68 22.06 -5.21
N PRO C 349 16.95 20.98 -4.50
CA PRO C 349 16.46 20.87 -3.12
C PRO C 349 17.28 21.71 -2.15
N ILE C 350 16.56 22.37 -1.25
CA ILE C 350 17.07 23.56 -0.57
C ILE C 350 17.17 23.40 0.94
N LEU C 351 17.52 22.21 1.44
CA LEU C 351 17.98 21.97 2.82
C LEU C 351 16.96 22.35 3.90
N VAL C 352 15.82 21.66 3.97
CA VAL C 352 14.83 21.95 5.00
C VAL C 352 15.38 21.52 6.35
N LEU C 353 15.02 22.26 7.40
CA LEU C 353 15.62 22.09 8.73
C LEU C 353 14.62 21.39 9.63
N VAL C 354 15.04 20.29 10.26
CA VAL C 354 14.27 19.62 11.29
C VAL C 354 15.19 19.31 12.46
N GLY C 355 14.80 19.73 13.66
CA GLY C 355 15.56 19.37 14.82
C GLY C 355 14.81 19.52 16.10
N PRO C 356 15.51 19.65 17.22
CA PRO C 356 14.87 20.08 18.43
C PRO C 356 14.53 21.55 18.34
N PRO C 357 13.46 21.96 18.96
CA PRO C 357 13.12 23.38 18.95
C PRO C 357 14.09 24.16 19.81
N GLY C 358 14.15 25.47 19.58
CA GLY C 358 14.91 26.32 20.47
C GLY C 358 16.39 26.24 20.32
N VAL C 359 16.89 25.43 19.39
CA VAL C 359 18.25 25.53 19.00
C VAL C 359 18.31 26.66 17.97
N GLY C 360 19.50 27.16 17.72
CA GLY C 360 19.57 28.29 16.83
C GLY C 360 19.44 27.83 15.40
N LYS C 361 18.30 28.14 14.81
CA LYS C 361 18.12 27.94 13.38
C LYS C 361 18.34 29.24 12.65
N THR C 362 17.79 30.30 13.22
CA THR C 362 17.92 31.65 12.70
C THR C 362 19.37 32.11 12.69
N SER C 363 20.15 31.63 13.66
CA SER C 363 21.59 31.79 13.65
C SER C 363 22.18 31.27 12.35
N LEU C 364 21.74 30.10 11.93
CA LEU C 364 22.26 29.51 10.71
C LEU C 364 21.80 30.30 9.51
N GLY C 365 20.55 30.77 9.56
CA GLY C 365 20.02 31.53 8.43
C GLY C 365 20.74 32.84 8.24
N ARG C 366 20.98 33.55 9.33
CA ARG C 366 21.72 34.79 9.24
C ARG C 366 23.18 34.53 8.95
N SER C 367 23.69 33.37 9.36
CA SER C 367 25.04 32.95 8.98
C SER C 367 25.15 32.84 7.48
N ILE C 368 24.14 32.26 6.85
CA ILE C 368 24.12 32.18 5.40
C ILE C 368 24.01 33.56 4.78
N ALA C 369 23.07 34.36 5.30
CA ALA C 369 22.74 35.64 4.70
C ALA C 369 23.90 36.61 4.76
N ARG C 370 24.51 36.75 5.93
CA ARG C 370 25.73 37.52 6.06
C ARG C 370 26.84 36.92 5.23
N SER C 371 26.94 35.59 5.23
CA SER C 371 28.03 34.95 4.49
C SER C 371 27.78 35.00 3.00
N MET C 372 26.61 35.42 2.59
CA MET C 372 26.37 35.70 1.19
C MET C 372 26.04 37.15 0.91
N ASN C 373 26.17 38.03 1.91
CA ASN C 373 25.67 39.42 1.85
C ASN C 373 24.22 39.46 1.42
N ARG C 374 23.44 38.52 1.92
CA ARG C 374 22.04 38.42 1.58
C ARG C 374 21.20 38.88 2.76
N LYS C 375 19.90 38.99 2.52
CA LYS C 375 18.98 39.61 3.48
C LYS C 375 18.21 38.51 4.19
N PHE C 376 18.39 38.45 5.50
CA PHE C 376 17.64 37.52 6.31
C PHE C 376 16.25 38.08 6.58
N HIS C 377 15.26 37.19 6.61
CA HIS C 377 13.91 37.57 7.01
C HIS C 377 13.19 36.31 7.46
N ARG C 378 12.27 36.45 8.40
CA ARG C 378 11.41 35.33 8.70
C ARG C 378 9.95 35.67 8.48
N ILE C 379 9.25 34.73 7.86
CA ILE C 379 7.79 34.77 7.79
C ILE C 379 7.28 33.40 8.24
N SER C 380 6.49 33.38 9.30
CA SER C 380 6.10 32.14 9.95
C SER C 380 4.92 31.52 9.24
N LEU C 381 5.16 30.39 8.58
CA LEU C 381 4.19 29.87 7.63
C LEU C 381 3.68 28.49 8.03
N GLY C 382 3.64 28.16 9.31
CA GLY C 382 2.92 27.00 9.76
C GLY C 382 1.65 27.35 10.51
N GLY C 383 0.88 26.32 10.86
CA GLY C 383 -0.44 26.57 11.41
C GLY C 383 -1.43 27.08 10.40
N VAL C 384 -1.17 26.85 9.12
CA VAL C 384 -1.88 27.46 8.02
C VAL C 384 -2.78 26.42 7.37
N ARG C 385 -4.02 26.79 7.08
CA ARG C 385 -4.93 25.90 6.38
C ARG C 385 -5.51 26.53 5.13
N ASP C 386 -4.82 27.53 4.57
CA ASP C 386 -5.47 28.46 3.67
C ASP C 386 -4.45 29.13 2.76
N GLU C 387 -4.72 29.11 1.46
CA GLU C 387 -3.96 29.97 0.58
C GLU C 387 -4.51 31.38 0.52
N ALA C 388 -5.64 31.67 1.15
CA ALA C 388 -5.93 33.09 1.34
C ALA C 388 -5.00 33.69 2.38
N GLU C 389 -4.45 32.84 3.26
CA GLU C 389 -3.31 33.27 4.06
C GLU C 389 -2.06 33.34 3.19
N ILE C 390 -1.79 32.30 2.41
CA ILE C 390 -0.52 32.20 1.73
C ILE C 390 -0.48 33.11 0.51
N ARG C 391 -1.52 33.07 -0.30
CA ARG C 391 -1.69 34.06 -1.35
C ARG C 391 -2.62 35.14 -0.82
N GLY C 392 -3.17 35.93 -1.70
CA GLY C 392 -3.84 37.13 -1.30
C GLY C 392 -5.27 36.90 -0.83
N HIS C 393 -5.77 37.91 -0.13
CA HIS C 393 -7.18 38.07 0.15
C HIS C 393 -7.68 39.18 -0.76
N ARG C 394 -8.96 39.14 -1.08
CA ARG C 394 -9.38 39.58 -2.40
C ARG C 394 -9.63 41.08 -2.43
N ARG C 395 -9.17 41.71 -3.52
CA ARG C 395 -9.50 43.10 -3.84
C ARG C 395 -10.99 43.34 -3.85
N THR C 396 -11.75 42.41 -4.44
CA THR C 396 -13.21 42.45 -4.44
C THR C 396 -13.80 42.25 -3.05
N TYR C 397 -13.01 41.77 -2.09
CA TYR C 397 -13.44 41.70 -0.71
C TYR C 397 -12.97 42.95 0.04
N ILE C 398 -13.76 43.34 1.03
CA ILE C 398 -13.29 44.24 2.07
C ILE C 398 -12.38 43.44 2.99
N GLY C 399 -11.20 43.98 3.27
CA GLY C 399 -10.13 43.24 3.91
C GLY C 399 -9.17 42.60 2.94
N ALA C 400 -8.89 43.26 1.81
CA ALA C 400 -7.95 42.74 0.82
C ALA C 400 -6.54 42.66 1.39
N MET C 401 -6.11 41.44 1.69
CA MET C 401 -4.79 41.17 2.22
C MET C 401 -3.97 40.56 1.11
N PRO C 402 -2.68 40.83 1.06
CA PRO C 402 -1.80 39.96 0.28
C PRO C 402 -1.40 38.73 1.08
N GLY C 403 -0.52 37.94 0.49
CA GLY C 403 0.03 36.82 1.19
C GLY C 403 1.08 37.23 2.20
N LYS C 404 1.37 36.31 3.13
CA LYS C 404 2.39 36.56 4.15
C LYS C 404 3.77 36.67 3.52
N LEU C 405 3.96 35.97 2.41
CA LEU C 405 5.03 36.26 1.46
C LEU C 405 5.17 37.73 1.15
N ILE C 406 4.09 38.40 0.76
CA ILE C 406 4.21 39.79 0.35
C ILE C 406 4.38 40.72 1.55
N HIS C 407 3.89 40.32 2.72
CA HIS C 407 4.33 40.92 3.97
C HIS C 407 5.85 40.89 4.09
N ALA C 408 6.45 39.73 3.80
CA ALA C 408 7.92 39.62 3.86
C ALA C 408 8.60 40.44 2.76
N MET C 409 8.00 40.47 1.58
CA MET C 409 8.63 41.11 0.43
C MET C 409 8.53 42.61 0.46
N LYS C 410 7.43 43.13 0.99
CA LYS C 410 7.37 44.52 1.40
C LYS C 410 8.45 44.83 2.42
N GLN C 411 8.70 43.89 3.33
CA GLN C 411 9.76 44.03 4.30
C GLN C 411 11.13 43.67 3.76
N VAL C 412 11.29 43.45 2.46
CA VAL C 412 12.62 43.31 1.91
C VAL C 412 12.78 44.38 0.82
N GLY C 413 14.02 44.80 0.62
CA GLY C 413 14.32 45.75 -0.42
C GLY C 413 15.04 45.12 -1.58
N VAL C 414 15.44 43.86 -1.43
CA VAL C 414 16.19 43.19 -2.46
C VAL C 414 15.36 42.07 -3.06
N ILE C 415 15.59 41.79 -4.34
CA ILE C 415 15.04 40.59 -4.95
C ILE C 415 15.99 39.42 -4.82
N ASN C 416 17.06 39.59 -4.06
CA ASN C 416 17.80 38.41 -3.64
C ASN C 416 17.98 38.26 -2.13
N PRO C 417 16.92 38.08 -1.34
CA PRO C 417 17.15 37.75 0.07
C PRO C 417 17.19 36.25 0.33
N VAL C 418 17.29 35.91 1.60
CA VAL C 418 17.13 34.54 2.08
C VAL C 418 16.02 34.55 3.12
N ILE C 419 15.00 33.73 2.91
CA ILE C 419 13.80 33.77 3.72
C ILE C 419 13.68 32.46 4.49
N LEU C 420 13.63 32.56 5.81
CA LEU C 420 13.54 31.39 6.66
C LEU C 420 12.07 31.02 6.83
N LEU C 421 11.75 29.75 6.61
CA LEU C 421 10.35 29.31 6.48
C LEU C 421 10.00 28.40 7.66
N ASP C 422 8.90 28.73 8.32
CA ASP C 422 8.66 28.22 9.67
C ASP C 422 7.56 27.17 9.72
N GLU C 423 7.75 26.20 10.62
CA GLU C 423 6.74 25.25 11.09
C GLU C 423 6.16 24.44 9.93
N ILE C 424 7.08 23.98 9.08
CA ILE C 424 6.65 23.54 7.76
C ILE C 424 6.08 22.13 7.78
N ASP C 425 6.27 21.39 8.87
CA ASP C 425 5.53 20.16 9.08
C ASP C 425 4.24 20.40 9.85
N LYS C 426 3.86 21.66 10.04
CA LYS C 426 2.72 22.03 10.87
C LYS C 426 1.72 22.91 10.15
N MET C 427 1.32 22.56 8.94
CA MET C 427 0.16 23.17 8.31
C MET C 427 -0.96 22.15 8.20
N SER C 428 -2.14 22.65 7.84
CA SER C 428 -3.32 21.82 7.68
C SER C 428 -4.07 22.33 6.44
N SER C 429 -5.29 21.83 6.25
CA SER C 429 -6.25 22.38 5.30
C SER C 429 -7.62 21.83 5.66
N ASP C 430 -8.51 22.69 6.12
CA ASP C 430 -9.88 22.27 6.41
C ASP C 430 -10.88 23.21 5.76
N TRP C 431 -10.43 24.42 5.44
CA TRP C 431 -11.30 25.42 4.84
C TRP C 431 -10.51 26.25 3.85
N ARG C 432 -11.08 26.36 2.64
CA ARG C 432 -10.66 27.25 1.57
C ARG C 432 -9.21 26.98 1.16
N GLY C 433 -8.93 25.76 0.70
CA GLY C 433 -7.68 25.49 0.01
C GLY C 433 -6.60 24.81 0.84
N ASP C 434 -5.64 24.25 0.10
CA ASP C 434 -4.44 23.64 0.67
C ASP C 434 -3.32 24.66 0.49
N PRO C 435 -2.71 25.15 1.57
CA PRO C 435 -1.50 25.97 1.44
C PRO C 435 -0.31 25.25 0.83
N ALA C 436 -0.23 23.92 0.94
CA ALA C 436 0.92 23.14 0.50
C ALA C 436 1.16 23.24 -0.99
N SER C 437 0.10 23.52 -1.76
CA SER C 437 0.26 23.69 -3.18
C SER C 437 0.89 25.02 -3.53
N ALA C 438 0.52 26.09 -2.82
CA ALA C 438 1.22 27.36 -2.98
C ALA C 438 2.67 27.24 -2.51
N MET C 439 2.90 26.43 -1.48
CA MET C 439 4.25 26.12 -1.04
C MET C 439 5.00 25.33 -2.10
N LEU C 440 4.29 24.56 -2.90
CA LEU C 440 4.96 23.84 -3.98
C LEU C 440 5.26 24.77 -5.15
N GLU C 441 4.40 25.77 -5.39
CA GLU C 441 4.64 26.71 -6.48
C GLU C 441 5.80 27.65 -6.17
N VAL C 442 5.86 28.18 -4.95
CA VAL C 442 7.07 28.90 -4.54
C VAL C 442 8.25 27.95 -4.52
N LEU C 443 8.00 26.72 -4.05
CA LEU C 443 9.01 25.68 -4.07
C LEU C 443 9.39 25.31 -5.49
N ASP C 444 8.46 25.45 -6.43
CA ASP C 444 8.85 25.37 -7.84
C ASP C 444 9.70 26.58 -8.19
N PRO C 445 10.96 26.40 -8.56
CA PRO C 445 11.80 27.56 -8.86
C PRO C 445 11.68 28.03 -10.30
N GLU C 446 10.48 28.00 -10.86
CA GLU C 446 10.21 28.63 -12.14
C GLU C 446 8.93 29.43 -11.99
N GLN C 447 8.03 28.84 -11.25
CA GLN C 447 6.69 29.38 -11.07
C GLN C 447 6.58 30.20 -9.81
N ASN C 448 7.60 30.14 -8.95
CA ASN C 448 7.74 31.17 -7.92
C ASN C 448 7.94 32.54 -8.55
N ASN C 449 8.66 32.60 -9.68
CA ASN C 449 8.71 33.80 -10.48
C ASN C 449 7.36 34.18 -11.06
N THR C 450 6.43 33.24 -11.15
CA THR C 450 5.06 33.54 -11.49
C THR C 450 4.13 33.07 -10.37
N PHE C 451 4.58 33.18 -9.13
CA PHE C 451 3.72 32.90 -7.99
C PHE C 451 2.79 34.08 -7.79
N THR C 452 1.51 33.88 -8.07
CA THR C 452 0.56 34.98 -8.08
C THR C 452 -0.41 34.83 -6.92
N ASP C 453 -0.84 35.94 -6.37
CA ASP C 453 -1.75 35.94 -5.24
C ASP C 453 -3.15 36.31 -5.70
N HIS C 454 -4.09 36.20 -4.77
CA HIS C 454 -5.46 36.61 -5.03
C HIS C 454 -5.68 38.05 -4.59
N TYR C 455 -4.62 38.69 -4.14
CA TYR C 455 -4.56 40.13 -3.97
C TYR C 455 -4.06 40.77 -5.25
N LEU C 456 -3.19 40.06 -5.97
CA LEU C 456 -2.32 40.71 -6.91
C LEU C 456 -2.89 40.73 -8.32
N ASP C 457 -2.13 41.34 -9.24
CA ASP C 457 -2.52 41.50 -10.61
C ASP C 457 -1.48 41.01 -11.61
N VAL C 458 -0.19 41.25 -11.35
CA VAL C 458 0.90 40.81 -12.22
C VAL C 458 1.86 40.01 -11.36
N PRO C 459 2.30 38.82 -11.80
CA PRO C 459 3.08 37.93 -10.93
C PRO C 459 4.47 38.45 -10.62
N TYR C 460 5.02 37.99 -9.50
CA TYR C 460 6.25 38.54 -8.94
C TYR C 460 7.41 37.56 -9.06
N ASP C 461 8.59 38.09 -9.39
CA ASP C 461 9.78 37.28 -9.54
C ASP C 461 10.34 36.82 -8.21
N LEU C 462 10.54 35.51 -8.10
CA LEU C 462 11.23 34.98 -6.93
C LEU C 462 12.50 34.28 -7.39
N SER C 463 13.21 34.94 -8.31
CA SER C 463 14.35 34.33 -8.98
C SER C 463 15.51 34.14 -8.02
N LYS C 464 16.02 35.25 -7.51
CA LYS C 464 17.29 35.26 -6.81
C LYS C 464 17.09 35.21 -5.31
N VAL C 465 15.85 35.11 -4.85
CA VAL C 465 15.55 34.86 -3.45
C VAL C 465 15.96 33.43 -3.17
N PHE C 466 16.76 33.22 -2.13
CA PHE C 466 16.95 31.85 -1.67
C PHE C 466 15.88 31.56 -0.62
N PHE C 467 15.42 30.32 -0.64
CA PHE C 467 14.36 29.90 0.24
C PHE C 467 14.90 28.84 1.19
N ILE C 468 14.67 29.04 2.48
CA ILE C 468 15.22 28.11 3.47
C ILE C 468 14.16 27.83 4.52
N THR C 469 14.08 26.57 4.94
CA THR C 469 12.84 26.06 5.49
C THR C 469 13.11 25.24 6.74
N THR C 470 12.22 25.35 7.72
CA THR C 470 12.51 24.84 9.05
C THR C 470 11.28 24.16 9.64
N ALA C 471 11.50 22.98 10.20
CA ALA C 471 10.50 22.26 10.97
C ALA C 471 11.21 21.63 12.17
N ASN C 472 10.50 20.79 12.90
CA ASN C 472 11.12 20.13 14.04
C ASN C 472 10.75 18.66 14.21
N THR C 473 9.72 18.17 13.55
CA THR C 473 9.45 16.75 13.54
C THR C 473 9.62 16.28 12.11
N LEU C 474 9.44 14.98 11.88
CA LEU C 474 9.99 14.40 10.67
C LEU C 474 9.01 13.62 9.81
N GLN C 475 8.02 12.95 10.39
CA GLN C 475 7.17 12.06 9.60
C GLN C 475 5.94 12.78 9.08
N THR C 476 5.75 14.03 9.49
CA THR C 476 4.58 14.81 9.09
C THR C 476 4.91 15.73 7.93
N ILE C 477 5.65 15.25 6.95
CA ILE C 477 6.02 16.02 5.77
C ILE C 477 5.02 15.76 4.66
N PRO C 478 4.50 16.79 3.99
CA PRO C 478 3.79 16.55 2.73
C PRO C 478 4.75 16.03 1.68
N ARG C 479 4.48 14.81 1.22
CA ARG C 479 5.29 14.18 0.18
C ARG C 479 5.31 14.85 -1.20
N PRO C 480 4.34 15.69 -1.62
CA PRO C 480 4.69 16.57 -2.74
C PRO C 480 5.72 17.61 -2.38
N LEU C 481 5.66 18.13 -1.15
CA LEU C 481 6.67 19.07 -0.72
C LEU C 481 7.99 18.38 -0.39
N LEU C 482 8.00 17.04 -0.33
CA LEU C 482 9.23 16.28 -0.19
C LEU C 482 10.16 16.51 -1.37
N ASP C 483 9.59 16.70 -2.55
CA ASP C 483 10.36 17.18 -3.68
C ASP C 483 10.97 18.53 -3.37
N ARG C 484 12.22 18.71 -3.82
CA ARG C 484 12.99 19.94 -3.71
C ARG C 484 13.18 20.37 -2.25
N MET C 485 13.39 19.38 -1.39
CA MET C 485 13.83 19.66 -0.04
C MET C 485 14.90 18.67 0.33
N GLU C 486 15.66 19.00 1.37
CA GLU C 486 16.71 18.14 1.90
C GLU C 486 16.69 18.14 3.42
N VAL C 487 16.55 16.95 3.98
CA VAL C 487 16.39 16.75 5.42
C VAL C 487 17.66 17.12 6.16
N ILE C 488 17.59 18.14 7.00
CA ILE C 488 18.73 18.58 7.76
C ILE C 488 18.38 18.38 9.23
N GLU C 489 18.83 17.26 9.77
CA GLU C 489 18.59 16.86 11.15
C GLU C 489 19.50 17.69 12.03
N ILE C 490 18.95 18.28 13.06
CA ILE C 490 19.75 18.97 14.06
C ILE C 490 20.00 18.02 15.21
N PRO C 491 21.23 17.67 15.51
CA PRO C 491 21.52 17.11 16.83
C PRO C 491 21.27 18.14 17.92
N GLY C 492 20.53 17.75 18.94
CA GLY C 492 20.38 18.60 20.11
C GLY C 492 21.71 18.78 20.82
N TYR C 493 21.88 19.91 21.47
CA TYR C 493 23.15 20.18 22.09
C TYR C 493 23.22 19.47 23.44
N THR C 494 24.41 19.03 23.79
CA THR C 494 24.61 18.48 25.12
C THR C 494 25.06 19.57 26.06
N ASN C 495 25.34 19.21 27.30
CA ASN C 495 25.44 20.17 28.40
C ASN C 495 26.63 21.10 28.25
N MET C 496 27.81 20.52 28.07
CA MET C 496 29.00 21.32 27.89
C MET C 496 28.98 22.05 26.56
N GLU C 497 28.39 21.42 25.54
CA GLU C 497 28.13 22.11 24.29
C GLU C 497 27.23 23.31 24.50
N LYS C 498 26.17 23.13 25.30
CA LYS C 498 25.29 24.23 25.66
C LYS C 498 26.01 25.32 26.42
N GLN C 499 26.90 24.97 27.34
CA GLN C 499 27.58 26.00 28.10
C GLN C 499 28.62 26.71 27.25
N ALA C 500 29.17 25.99 26.28
CA ALA C 500 30.04 26.60 25.30
C ALA C 500 29.30 27.61 24.46
N ILE C 501 28.12 27.22 23.97
CA ILE C 501 27.30 28.15 23.20
C ILE C 501 26.83 29.30 24.08
N ALA C 502 26.64 29.03 25.36
CA ALA C 502 26.18 30.06 26.28
C ALA C 502 27.25 31.09 26.55
N ARG C 503 28.42 30.65 26.97
CA ARG C 503 29.44 31.57 27.39
C ARG C 503 30.14 32.19 26.20
N GLN C 504 30.26 31.42 25.12
CA GLN C 504 30.82 31.96 23.89
C GLN C 504 29.87 32.93 23.23
N TYR C 505 28.57 32.68 23.31
CA TYR C 505 27.64 33.53 22.58
C TYR C 505 26.57 34.12 23.47
N LEU C 506 25.90 33.29 24.26
CA LEU C 506 24.61 33.69 24.81
C LEU C 506 24.76 34.54 26.05
N TRP C 507 25.55 34.09 27.02
CA TRP C 507 25.72 34.82 28.27
C TRP C 507 26.30 36.24 28.13
N PRO C 508 27.23 36.54 27.20
CA PRO C 508 27.54 37.97 26.99
C PRO C 508 26.36 38.78 26.49
N LYS C 509 25.52 38.18 25.65
CA LYS C 509 24.27 38.84 25.29
C LYS C 509 23.40 39.04 26.51
N GLN C 510 23.35 38.06 27.41
CA GLN C 510 22.57 38.18 28.62
C GLN C 510 23.10 39.26 29.55
N VAL C 511 24.42 39.40 29.59
CA VAL C 511 25.06 40.46 30.33
C VAL C 511 24.64 41.82 29.79
N ARG C 512 24.63 41.93 28.46
CA ARG C 512 24.14 43.14 27.81
C ARG C 512 22.64 43.35 28.00
N GLU C 513 21.88 42.27 28.18
CA GLU C 513 20.45 42.40 28.41
C GLU C 513 20.15 42.78 29.84
N SER C 514 21.04 42.41 30.76
CA SER C 514 21.07 43.03 32.07
C SER C 514 21.65 44.42 32.02
N GLY C 515 22.28 44.79 30.92
CA GLY C 515 22.99 46.04 30.82
C GLY C 515 24.30 46.06 31.56
N MET C 516 24.76 44.94 32.10
CA MET C 516 26.02 44.91 32.80
C MET C 516 27.17 45.05 31.81
N GLU C 517 28.30 45.48 32.33
CA GLU C 517 29.57 45.41 31.62
C GLU C 517 30.23 44.07 31.84
N GLY C 518 29.57 43.21 32.60
CA GLY C 518 30.11 42.00 33.17
C GLY C 518 30.39 42.31 34.62
N ARG C 519 29.39 42.02 35.44
CA ARG C 519 29.49 42.25 36.87
C ARG C 519 29.19 40.99 37.64
N ILE C 520 28.20 40.24 37.19
CA ILE C 520 28.01 38.90 37.69
C ILE C 520 29.05 38.02 37.01
N GLU C 521 29.56 37.06 37.76
CA GLU C 521 30.63 36.23 37.26
C GLU C 521 30.16 34.79 37.36
N VAL C 522 29.60 34.30 36.26
CA VAL C 522 28.83 33.08 36.27
C VAL C 522 29.78 31.90 36.14
N THR C 523 29.94 31.16 37.23
CA THR C 523 30.63 29.88 37.18
C THR C 523 29.79 28.89 36.40
N ASP C 524 30.45 27.82 35.97
CA ASP C 524 29.84 27.02 34.93
C ASP C 524 29.24 25.74 35.47
N ALA C 525 29.67 25.29 36.66
CA ALA C 525 28.93 24.24 37.35
C ALA C 525 27.62 24.79 37.90
N ALA C 526 27.58 26.09 38.14
CA ALA C 526 26.30 26.76 38.31
C ALA C 526 25.43 26.59 37.10
N ILE C 527 25.99 26.73 35.90
CA ILE C 527 25.22 26.53 34.68
C ILE C 527 24.80 25.08 34.56
N LEU C 528 25.66 24.18 35.03
CA LEU C 528 25.32 22.77 35.10
C LEU C 528 24.14 22.54 36.02
N ARG C 529 24.10 23.28 37.13
CA ARG C 529 22.98 23.21 38.02
C ARG C 529 21.72 23.79 37.38
N VAL C 530 21.88 24.86 36.58
CA VAL C 530 20.79 25.48 35.85
C VAL C 530 20.17 24.50 34.88
N ILE C 531 21.02 23.73 34.22
CA ILE C 531 20.56 22.63 33.40
C ILE C 531 19.86 21.58 34.25
N SER C 532 20.37 21.36 35.46
CA SER C 532 19.96 20.19 36.24
C SER C 532 18.58 20.31 36.83
N GLU C 533 18.12 21.51 37.18
CA GLU C 533 16.92 21.61 37.99
C GLU C 533 15.99 22.74 37.53
N TYR C 534 16.19 23.30 36.34
CA TYR C 534 15.28 24.37 35.92
C TYR C 534 14.84 24.33 34.46
N THR C 535 15.50 23.55 33.62
CA THR C 535 15.09 23.52 32.22
C THR C 535 15.23 22.11 31.70
N ARG C 536 14.20 21.62 31.02
CA ARG C 536 14.31 20.41 30.21
C ARG C 536 13.99 20.75 28.77
N GLU C 537 15.03 20.69 27.93
CA GLU C 537 14.96 20.99 26.51
C GLU C 537 16.26 20.51 25.88
N ALA C 538 16.29 20.44 24.54
CA ALA C 538 17.57 20.40 23.84
C ALA C 538 17.88 21.74 23.21
N GLY C 539 16.99 22.70 23.36
CA GLY C 539 17.20 24.03 22.85
C GLY C 539 17.82 24.96 23.87
N VAL C 540 17.67 26.26 23.67
CA VAL C 540 18.33 27.25 24.51
C VAL C 540 17.33 28.01 25.37
N ARG C 541 16.04 27.71 25.22
CA ARG C 541 14.98 28.67 25.54
C ARG C 541 14.85 28.88 27.04
N GLY C 542 14.54 27.84 27.79
CA GLY C 542 14.35 27.99 29.22
C GLY C 542 15.66 28.24 29.93
N LEU C 543 16.75 27.72 29.36
CA LEU C 543 18.08 28.03 29.86
C LEU C 543 18.37 29.51 29.73
N GLU C 544 18.07 30.09 28.57
CA GLU C 544 18.29 31.52 28.43
C GLU C 544 17.24 32.31 29.18
N ARG C 545 16.11 31.69 29.49
CA ARG C 545 15.11 32.32 30.34
C ARG C 545 15.64 32.49 31.75
N GLU C 546 16.28 31.44 32.27
CA GLU C 546 16.93 31.57 33.58
C GLU C 546 18.11 32.52 33.51
N LEU C 547 18.77 32.57 32.34
CA LEU C 547 19.84 33.55 32.12
C LEU C 547 19.33 34.97 32.24
N GLY C 548 18.27 35.29 31.51
CA GLY C 548 17.67 36.62 31.60
C GLY C 548 17.06 36.86 32.96
N LYS C 549 16.67 35.78 33.65
CA LYS C 549 16.15 35.89 35.00
C LYS C 549 17.20 36.42 35.95
N ILE C 550 18.37 35.79 35.96
CA ILE C 550 19.49 36.27 36.78
C ILE C 550 19.94 37.63 36.29
N ALA C 551 19.87 37.85 34.97
CA ALA C 551 20.26 39.12 34.37
C ALA C 551 19.43 40.27 34.92
N ARG C 552 18.11 40.12 34.87
CA ARG C 552 17.21 41.15 35.38
C ARG C 552 17.35 41.31 36.87
N LYS C 553 17.52 40.19 37.58
CA LYS C 553 17.53 40.26 39.03
C LYS C 553 18.79 40.95 39.55
N GLY C 554 19.94 40.58 39.01
CA GLY C 554 21.17 41.24 39.40
C GLY C 554 21.29 42.63 38.82
N ALA C 555 20.63 42.88 37.69
CA ALA C 555 20.62 44.24 37.16
C ALA C 555 19.84 45.15 38.07
N LYS C 556 18.69 44.67 38.57
CA LYS C 556 17.94 45.39 39.60
C LYS C 556 18.77 45.56 40.86
N PHE C 557 19.51 44.52 41.23
CA PHE C 557 20.38 44.60 42.39
C PHE C 557 21.45 45.67 42.22
N TRP C 558 21.97 45.77 41.01
CA TRP C 558 22.92 46.79 40.67
C TRP C 558 22.30 48.18 40.65
N LEU C 559 21.01 48.26 40.30
CA LEU C 559 20.26 49.50 40.48
C LEU C 559 20.09 49.82 41.94
N GLU C 560 20.09 48.81 42.78
CA GLU C 560 19.89 48.93 44.21
C GLU C 560 21.21 49.06 44.95
N GLY C 561 22.18 49.74 44.33
CA GLY C 561 23.49 49.90 44.90
C GLY C 561 24.44 49.16 43.99
N ALA C 562 25.66 49.66 43.90
CA ALA C 562 26.70 49.01 43.12
C ALA C 562 27.87 48.71 44.05
N TRP C 563 28.35 47.47 44.01
CA TRP C 563 29.37 47.03 44.95
C TRP C 563 30.55 46.37 44.25
N GLU C 564 30.27 45.63 43.19
CA GLU C 564 31.30 44.83 42.55
C GLU C 564 31.04 44.72 41.06
N GLY C 565 32.12 44.58 40.31
CA GLY C 565 32.02 44.04 38.97
C GLY C 565 32.45 42.60 39.02
N LEU C 566 32.51 42.06 40.25
CA LEU C 566 32.90 40.69 40.54
C LEU C 566 31.81 40.11 41.44
N ARG C 567 30.71 39.70 40.83
CA ARG C 567 29.58 39.20 41.61
C ARG C 567 29.49 37.75 41.21
N THR C 568 30.31 36.94 41.86
CA THR C 568 30.63 35.65 41.30
C THR C 568 29.52 34.65 41.57
N ILE C 569 28.86 34.21 40.52
CA ILE C 569 27.65 33.40 40.60
C ILE C 569 28.04 31.95 40.79
N ASP C 570 27.50 31.32 41.83
CA ASP C 570 27.86 29.94 42.11
C ASP C 570 26.66 29.02 41.95
N ALA C 571 26.80 27.77 42.37
CA ALA C 571 25.64 26.90 42.43
C ALA C 571 24.65 27.37 43.49
N SER C 572 25.16 28.00 44.54
CA SER C 572 24.37 28.18 45.74
C SER C 572 23.38 29.34 45.60
N ASP C 573 23.75 30.41 44.92
CA ASP C 573 22.88 31.56 44.88
C ASP C 573 21.72 31.38 43.92
N ILE C 574 21.79 30.36 43.08
CA ILE C 574 20.83 30.06 42.02
C ILE C 574 19.36 30.06 42.48
N PRO C 575 18.95 29.43 43.59
CA PRO C 575 17.54 29.55 43.98
C PRO C 575 17.15 30.93 44.48
N THR C 576 18.11 31.75 44.92
CA THR C 576 17.77 33.14 45.16
C THR C 576 17.50 33.83 43.83
N TYR C 577 18.13 33.37 42.77
CA TYR C 577 17.85 33.91 41.46
C TYR C 577 16.75 33.14 40.74
N LEU C 578 16.71 31.82 40.85
CA LEU C 578 15.82 31.06 39.99
C LEU C 578 14.61 30.52 40.74
N GLY C 579 14.59 30.60 42.07
CA GLY C 579 13.39 30.23 42.77
C GLY C 579 13.42 28.79 43.26
N ILE C 580 12.24 28.17 43.32
CA ILE C 580 12.16 26.77 43.75
C ILE C 580 12.66 25.86 42.65
N PRO C 581 13.52 24.84 42.95
CA PRO C 581 14.09 23.99 41.88
C PRO C 581 13.07 23.15 41.15
N ARG C 582 12.97 23.36 39.83
CA ARG C 582 11.95 22.72 39.01
C ARG C 582 12.17 21.24 38.84
N TYR C 583 13.39 20.76 38.93
CA TYR C 583 13.61 19.33 38.76
C TYR C 583 14.43 18.83 39.92
N ARG C 584 14.55 17.52 39.99
CA ARG C 584 15.41 16.89 40.97
C ARG C 584 16.87 17.10 40.56
N PRO C 585 17.81 16.92 41.50
CA PRO C 585 19.20 16.77 41.08
C PRO C 585 19.47 15.45 40.40
N ASP C 586 18.70 14.41 40.72
CA ASP C 586 18.99 13.06 40.27
C ASP C 586 17.74 12.45 39.66
N LYS C 587 17.91 11.67 38.61
CA LYS C 587 16.85 10.84 38.05
C LYS C 587 17.29 9.40 37.83
N ALA C 588 18.60 9.16 37.72
CA ALA C 588 19.13 7.80 37.75
C ALA C 588 19.00 7.18 39.11
N GLU C 589 18.97 7.99 40.17
CA GLU C 589 18.67 7.55 41.53
C GLU C 589 17.27 6.97 41.59
N THR C 590 17.17 5.69 41.94
CA THR C 590 15.86 5.07 42.10
C THR C 590 15.79 4.20 43.34
N GLU C 591 16.92 4.07 44.07
CA GLU C 591 17.13 3.10 45.14
C GLU C 591 16.76 1.72 44.62
N PRO C 592 17.60 1.10 43.77
CA PRO C 592 17.29 -0.02 42.86
C PRO C 592 16.47 -1.16 43.47
N GLN C 593 15.32 -1.44 42.84
CA GLN C 593 14.42 -2.49 43.28
C GLN C 593 13.88 -3.28 42.10
N VAL C 594 12.88 -4.11 42.39
CA VAL C 594 12.62 -5.28 41.54
C VAL C 594 11.92 -4.89 40.25
N GLY C 595 10.69 -4.41 40.35
CA GLY C 595 9.88 -4.16 39.18
C GLY C 595 10.29 -2.90 38.44
N THR C 596 11.50 -2.93 37.90
CA THR C 596 12.17 -1.73 37.46
C THR C 596 12.76 -1.97 36.09
N ALA C 597 12.58 -0.99 35.22
CA ALA C 597 13.32 -0.93 33.98
C ALA C 597 13.87 0.47 33.81
N GLN C 598 14.91 0.58 33.00
CA GLN C 598 15.59 1.86 32.77
C GLN C 598 16.08 1.87 31.33
N GLY C 599 15.26 2.36 30.41
CA GLY C 599 15.58 2.25 29.00
C GLY C 599 15.58 3.56 28.24
N LEU C 600 16.13 3.52 27.03
CA LEU C 600 16.34 4.71 26.21
C LEU C 600 15.33 4.78 25.09
N ALA C 601 14.74 5.95 24.89
CA ALA C 601 13.92 6.23 23.72
C ALA C 601 13.89 7.74 23.52
N TRP C 602 13.24 8.19 22.44
CA TRP C 602 13.16 9.62 22.16
C TRP C 602 12.06 9.87 21.15
N THR C 603 11.50 11.06 21.21
CA THR C 603 10.52 11.73 20.37
C THR C 603 11.23 12.86 19.63
N PRO C 604 10.69 13.35 18.47
CA PRO C 604 11.45 14.33 17.65
C PRO C 604 11.68 15.69 18.27
N VAL C 605 11.24 15.92 19.51
CA VAL C 605 11.55 17.13 20.26
C VAL C 605 12.06 16.81 21.66
N GLY C 606 12.32 15.54 21.98
CA GLY C 606 12.81 15.19 23.30
C GLY C 606 12.92 13.72 23.66
N GLY C 607 13.95 13.35 24.41
CA GLY C 607 14.16 11.97 24.79
C GLY C 607 13.24 11.54 25.91
N THR C 608 13.37 10.26 26.28
CA THR C 608 12.60 9.66 27.36
C THR C 608 13.26 8.37 27.80
N LEU C 609 12.88 7.92 29.00
CA LEU C 609 13.40 6.68 29.56
C LEU C 609 12.24 5.74 29.77
N LEU C 610 12.55 4.46 29.97
CA LEU C 610 11.59 3.39 29.80
C LEU C 610 11.60 2.48 31.02
N THR C 611 10.51 2.52 31.77
CA THR C 611 10.38 1.76 33.00
C THR C 611 9.24 0.78 32.85
N ILE C 612 9.32 -0.35 33.56
CA ILE C 612 8.39 -1.45 33.38
C ILE C 612 8.03 -2.02 34.74
N GLU C 613 6.73 -2.12 35.01
CA GLU C 613 6.22 -2.95 36.08
C GLU C 613 5.90 -4.34 35.55
N VAL C 614 6.39 -5.36 36.24
CA VAL C 614 6.05 -6.74 35.96
C VAL C 614 5.51 -7.36 37.25
N ALA C 615 4.20 -7.53 37.32
CA ALA C 615 3.60 -8.22 38.43
C ALA C 615 3.68 -9.72 38.14
N ALA C 616 4.31 -10.46 39.04
CA ALA C 616 4.50 -11.90 38.90
C ALA C 616 3.74 -12.59 40.03
N VAL C 617 2.47 -12.91 39.77
CA VAL C 617 1.62 -13.44 40.84
C VAL C 617 1.54 -14.95 40.74
N PRO C 618 1.53 -15.68 41.86
CA PRO C 618 1.27 -17.11 41.80
C PRO C 618 -0.13 -17.39 41.30
N GLY C 619 -0.22 -18.36 40.42
CA GLY C 619 -1.41 -18.52 39.60
C GLY C 619 -1.25 -19.59 38.54
N SER C 620 -1.52 -19.27 37.29
CA SER C 620 -1.46 -20.28 36.24
C SER C 620 -0.53 -19.95 35.08
N GLY C 621 0.08 -18.77 35.04
CA GLY C 621 1.06 -18.53 34.00
C GLY C 621 0.41 -17.93 32.79
N LYS C 622 0.55 -16.61 32.58
CA LYS C 622 -0.07 -15.97 31.43
C LYS C 622 0.64 -14.65 31.20
N LEU C 623 0.28 -13.98 30.11
CA LEU C 623 0.85 -12.71 29.72
C LEU C 623 -0.21 -11.63 29.64
N SER C 624 0.07 -10.48 30.23
CA SER C 624 -0.85 -9.34 30.22
C SER C 624 -0.15 -8.10 29.70
N LEU C 625 -0.82 -7.37 28.82
CA LEU C 625 -0.26 -6.24 28.09
C LEU C 625 -0.99 -4.97 28.48
N THR C 626 -0.35 -4.13 29.29
CA THR C 626 -0.97 -2.94 29.82
C THR C 626 -0.02 -1.75 29.78
N GLY C 627 -0.59 -0.58 29.58
CA GLY C 627 0.20 0.62 29.39
C GLY C 627 0.18 0.98 27.93
N GLN C 628 -0.92 0.59 27.27
CA GLN C 628 -1.17 0.71 25.84
C GLN C 628 -0.07 0.02 25.06
N LEU C 629 0.13 -1.27 25.30
CA LEU C 629 1.26 -1.95 24.71
C LEU C 629 0.96 -2.40 23.30
N GLY C 630 1.95 -2.28 22.43
CA GLY C 630 1.83 -2.77 21.07
C GLY C 630 2.00 -4.27 21.00
N GLU C 631 2.01 -4.75 19.77
CA GLU C 631 2.12 -6.18 19.53
C GLU C 631 3.53 -6.61 19.19
N VAL C 632 4.33 -5.71 18.62
CA VAL C 632 5.77 -5.93 18.54
C VAL C 632 6.36 -6.01 19.94
N MET C 633 5.84 -5.16 20.84
CA MET C 633 6.09 -5.25 22.27
C MET C 633 5.76 -6.64 22.81
N LYS C 634 4.58 -7.15 22.43
CA LYS C 634 4.09 -8.43 22.90
C LYS C 634 4.99 -9.56 22.46
N GLU C 635 5.29 -9.61 21.17
CA GLU C 635 6.08 -10.70 20.63
C GLU C 635 7.53 -10.61 21.09
N SER C 636 8.03 -9.39 21.31
CA SER C 636 9.39 -9.22 21.79
C SER C 636 9.51 -9.69 23.22
N ALA C 637 8.58 -9.26 24.06
CA ALA C 637 8.54 -9.70 25.44
C ALA C 637 8.32 -11.19 25.53
N GLN C 638 7.54 -11.74 24.60
CA GLN C 638 7.28 -13.16 24.64
C GLN C 638 8.49 -13.95 24.19
N ALA C 639 9.23 -13.42 23.22
CA ALA C 639 10.44 -14.07 22.76
C ALA C 639 11.49 -14.08 23.86
N ALA C 640 11.59 -12.97 24.59
CA ALA C 640 12.46 -12.93 25.75
C ALA C 640 11.99 -13.87 26.84
N LEU C 641 10.67 -13.95 27.00
CA LEU C 641 10.07 -14.83 28.00
C LEU C 641 10.42 -16.28 27.70
N THR C 642 10.38 -16.64 26.44
CA THR C 642 10.61 -18.03 26.08
C THR C 642 12.10 -18.32 26.00
N TYR C 643 12.91 -17.29 25.75
CA TYR C 643 14.34 -17.38 25.99
C TYR C 643 14.62 -17.78 27.42
N LEU C 644 13.98 -17.12 28.38
CA LEU C 644 14.17 -17.49 29.76
C LEU C 644 13.55 -18.84 30.09
N ARG C 645 12.52 -19.22 29.35
CA ARG C 645 12.01 -20.57 29.47
C ARG C 645 13.03 -21.57 29.00
N ALA C 646 13.85 -21.19 28.03
CA ALA C 646 14.98 -22.02 27.65
C ALA C 646 16.16 -21.80 28.56
N HIS C 647 16.10 -20.81 29.44
CA HIS C 647 17.26 -20.36 30.20
C HIS C 647 16.90 -20.14 31.65
N THR C 648 16.24 -21.14 32.25
CA THR C 648 15.75 -20.97 33.61
C THR C 648 16.87 -21.11 34.62
N GLN C 649 17.35 -22.34 34.82
CA GLN C 649 18.42 -22.63 35.75
C GLN C 649 19.77 -22.13 35.27
N ASP C 650 19.84 -21.72 34.01
CA ASP C 650 20.95 -20.95 33.49
C ASP C 650 21.10 -19.60 34.19
N TYR C 651 20.01 -19.06 34.75
CA TYR C 651 20.12 -17.85 35.56
C TYR C 651 19.41 -18.03 36.89
N GLY C 652 19.43 -19.23 37.45
CA GLY C 652 18.96 -19.48 38.78
C GLY C 652 17.45 -19.46 38.86
N LEU C 653 16.79 -20.02 37.86
CA LEU C 653 15.35 -19.93 37.89
C LEU C 653 14.77 -21.33 37.86
N PRO C 654 13.71 -21.58 38.62
CA PRO C 654 12.94 -22.82 38.45
C PRO C 654 12.34 -22.91 37.05
N GLU C 655 12.12 -24.14 36.63
CA GLU C 655 11.99 -24.46 35.21
C GLU C 655 10.56 -24.35 34.71
N ASP C 656 9.58 -24.53 35.58
CA ASP C 656 8.20 -24.41 35.17
C ASP C 656 7.64 -23.15 35.79
N PHE C 657 7.88 -22.05 35.10
CA PHE C 657 7.56 -20.74 35.63
C PHE C 657 6.63 -20.05 34.66
N TYR C 658 6.42 -20.71 33.54
CA TYR C 658 5.46 -20.30 32.52
C TYR C 658 4.03 -20.71 32.87
N ASN C 659 3.85 -21.48 33.95
CA ASN C 659 2.61 -22.20 34.17
C ASN C 659 2.05 -22.06 35.57
N LYS C 660 2.68 -21.27 36.44
CA LYS C 660 2.16 -21.19 37.80
C LYS C 660 2.18 -19.76 38.33
N VAL C 661 2.63 -18.82 37.51
CA VAL C 661 2.76 -17.41 37.88
C VAL C 661 2.31 -16.57 36.68
N ASP C 662 1.20 -15.87 36.85
CA ASP C 662 0.68 -14.96 35.84
C ASP C 662 1.51 -13.68 35.84
N LEU C 663 1.64 -13.09 34.66
CA LEU C 663 2.58 -12.00 34.43
C LEU C 663 1.85 -10.80 33.86
N HIS C 664 1.66 -9.80 34.70
CA HIS C 664 1.11 -8.49 34.31
C HIS C 664 2.25 -7.61 33.86
N VAL C 665 2.10 -6.98 32.71
CA VAL C 665 3.15 -6.12 32.16
C VAL C 665 2.58 -4.72 32.02
N HIS C 666 2.93 -3.85 32.94
CA HIS C 666 2.54 -2.46 32.85
C HIS C 666 3.73 -1.65 32.36
N VAL C 667 3.65 -1.17 31.13
CA VAL C 667 4.66 -0.21 30.68
C VAL C 667 3.90 1.02 30.23
N PRO C 668 3.81 2.04 31.07
CA PRO C 668 2.98 3.21 30.74
C PRO C 668 3.57 4.09 29.65
N ASP C 669 4.83 3.86 29.31
CA ASP C 669 5.40 4.45 28.12
C ASP C 669 5.46 3.42 27.01
N GLY C 670 4.61 2.40 27.14
CA GLY C 670 4.23 1.65 25.97
C GLY C 670 3.15 2.47 25.29
N ALA C 671 2.49 3.29 26.10
CA ALA C 671 1.62 4.35 25.60
C ALA C 671 2.38 5.46 24.90
N THR C 672 3.70 5.58 25.11
CA THR C 672 4.44 6.36 24.13
C THR C 672 4.45 5.60 22.81
N PRO C 673 4.22 6.31 21.68
CA PRO C 673 3.65 5.65 20.50
C PRO C 673 4.61 4.76 19.73
N LYS C 674 5.91 4.82 19.97
CA LYS C 674 6.81 3.85 19.33
C LYS C 674 6.70 2.54 20.08
N ASP C 675 5.87 1.64 19.56
CA ASP C 675 5.86 0.25 19.99
C ASP C 675 6.76 -0.61 19.13
N GLY C 676 7.79 -0.02 18.54
CA GLY C 676 8.78 -0.74 17.77
C GLY C 676 9.74 -1.50 18.66
N PRO C 677 10.58 -2.33 18.05
CA PRO C 677 11.38 -3.29 18.83
C PRO C 677 12.58 -2.64 19.47
N SER C 678 12.33 -1.66 20.31
CA SER C 678 13.37 -0.78 20.79
C SER C 678 13.92 -1.19 22.13
N ALA C 679 13.16 -1.94 22.92
CA ALA C 679 13.54 -2.19 24.30
C ALA C 679 13.27 -3.63 24.73
N GLY C 680 13.41 -4.58 23.82
CA GLY C 680 13.16 -5.98 24.14
C GLY C 680 14.09 -6.52 25.20
N ILE C 681 15.34 -6.07 25.15
CA ILE C 681 16.29 -6.37 26.22
C ILE C 681 15.84 -5.79 27.54
N THR C 682 15.24 -4.60 27.50
CA THR C 682 14.78 -3.96 28.71
C THR C 682 13.60 -4.72 29.28
N MET C 683 12.73 -5.18 28.38
CA MET C 683 11.64 -6.09 28.73
C MET C 683 12.16 -7.31 29.45
N ALA C 684 13.18 -7.93 28.84
CA ALA C 684 13.76 -9.15 29.38
C ALA C 684 14.34 -8.92 30.76
N THR C 685 14.96 -7.76 30.95
CA THR C 685 15.56 -7.48 32.24
C THR C 685 14.50 -7.28 33.30
N ALA C 686 13.41 -6.59 32.97
CA ALA C 686 12.35 -6.40 33.95
C ALA C 686 11.67 -7.73 34.24
N ILE C 687 11.56 -8.57 33.22
CA ILE C 687 11.06 -9.93 33.37
C ILE C 687 11.94 -10.71 34.33
N ALA C 688 13.23 -10.72 34.08
CA ALA C 688 14.16 -11.48 34.92
C ALA C 688 14.24 -10.89 36.31
N SER C 689 13.98 -9.60 36.42
CA SER C 689 13.98 -8.93 37.70
C SER C 689 12.83 -9.41 38.56
N ALA C 690 11.62 -9.37 38.01
CA ALA C 690 10.46 -9.84 38.74
C ALA C 690 10.45 -11.35 38.90
N LEU C 691 11.11 -12.08 38.00
CA LEU C 691 11.26 -13.52 38.19
C LEU C 691 12.21 -13.79 39.34
N SER C 692 13.32 -13.05 39.40
CA SER C 692 14.24 -13.13 40.50
C SER C 692 13.63 -12.61 41.79
N ARG C 693 12.64 -11.73 41.69
CA ARG C 693 12.12 -10.91 42.80
C ARG C 693 13.28 -10.18 43.48
N ARG C 694 14.18 -9.63 42.66
CA ARG C 694 15.44 -9.08 43.14
C ARG C 694 15.70 -7.76 42.43
N PRO C 695 16.40 -6.83 43.09
CA PRO C 695 16.50 -5.46 42.58
C PRO C 695 17.15 -5.20 41.23
N ALA C 696 16.32 -4.83 40.26
CA ALA C 696 16.75 -4.32 38.96
C ALA C 696 17.46 -3.01 39.22
N ARG C 697 18.69 -2.90 38.74
CA ARG C 697 19.58 -1.87 39.27
C ARG C 697 19.51 -0.58 38.48
N MET C 698 19.88 0.50 39.15
CA MET C 698 19.81 1.84 38.57
C MET C 698 20.99 2.13 37.65
N ASP C 699 20.85 3.23 36.91
CA ASP C 699 21.91 3.91 36.15
C ASP C 699 22.51 2.99 35.09
N ILE C 700 21.72 2.03 34.62
CA ILE C 700 22.12 1.13 33.54
C ILE C 700 21.03 1.20 32.49
N ALA C 701 21.32 1.88 31.40
CA ALA C 701 20.35 2.14 30.34
C ALA C 701 20.62 1.23 29.15
N MET C 702 19.54 0.68 28.59
CA MET C 702 19.65 -0.29 27.51
C MET C 702 18.49 -0.12 26.54
N THR C 703 18.75 -0.47 25.28
CA THR C 703 17.78 -0.37 24.19
C THR C 703 18.23 -1.23 23.01
N GLY C 704 17.30 -1.96 22.41
CA GLY C 704 17.64 -2.77 21.24
C GLY C 704 16.75 -3.98 21.10
N GLU C 705 17.17 -4.89 20.22
CA GLU C 705 16.42 -6.10 19.88
C GLU C 705 17.13 -7.33 20.43
N VAL C 706 16.54 -8.49 20.14
CA VAL C 706 16.99 -9.78 20.67
C VAL C 706 16.92 -10.84 19.60
N SER C 707 17.18 -12.08 20.02
CA SER C 707 16.67 -13.29 19.38
C SER C 707 16.01 -14.17 20.42
N LEU C 708 15.32 -15.20 19.95
CA LEU C 708 14.73 -16.17 20.87
C LEU C 708 15.79 -17.02 21.54
N ARG C 709 16.83 -17.43 20.82
CA ARG C 709 18.04 -17.95 21.44
C ARG C 709 18.86 -16.88 22.15
N GLY C 710 18.58 -15.62 21.89
CA GLY C 710 19.18 -14.54 22.63
C GLY C 710 20.30 -13.83 21.89
N LYS C 711 19.97 -12.71 21.26
CA LYS C 711 20.98 -11.93 20.58
C LYS C 711 20.81 -10.48 20.97
N VAL C 712 21.63 -9.63 20.39
CA VAL C 712 21.47 -8.19 20.49
C VAL C 712 21.53 -7.65 19.06
N MET C 713 20.38 -7.59 18.41
CA MET C 713 20.34 -7.27 16.98
C MET C 713 20.60 -5.79 16.74
N PRO C 714 21.12 -5.46 15.54
CA PRO C 714 21.37 -4.05 15.23
C PRO C 714 20.11 -3.20 15.21
N ILE C 715 20.23 -2.02 15.80
CA ILE C 715 19.13 -1.09 15.97
C ILE C 715 19.62 0.31 15.68
N GLY C 716 18.71 1.15 15.17
CA GLY C 716 19.07 2.47 14.71
C GLY C 716 18.65 3.57 15.67
N GLY C 717 18.97 4.81 15.27
CA GLY C 717 18.64 5.98 16.06
C GLY C 717 19.46 6.08 17.32
N VAL C 718 20.68 5.53 17.27
CA VAL C 718 21.54 5.48 18.45
C VAL C 718 22.06 6.87 18.77
N LYS C 719 22.11 7.73 17.76
CA LYS C 719 22.46 9.15 17.89
C LYS C 719 21.63 9.85 18.95
N GLU C 720 20.32 9.92 18.75
CA GLU C 720 19.48 10.73 19.63
C GLU C 720 19.33 10.06 20.98
N LYS C 721 19.42 8.73 21.01
CA LYS C 721 19.36 7.99 22.25
C LYS C 721 20.59 8.27 23.11
N LEU C 722 21.77 8.30 22.50
CA LEU C 722 22.96 8.65 23.27
C LEU C 722 22.96 10.13 23.66
N LEU C 723 22.39 10.98 22.81
CA LEU C 723 22.16 12.38 23.16
C LEU C 723 21.31 12.50 24.42
N ALA C 724 20.16 11.84 24.45
CA ALA C 724 19.26 11.95 25.58
C ALA C 724 19.81 11.23 26.81
N ALA C 725 20.60 10.18 26.62
CA ALA C 725 21.19 9.48 27.75
C ALA C 725 22.30 10.29 28.41
N HIS C 726 23.08 11.02 27.61
CA HIS C 726 23.90 12.07 28.17
C HIS C 726 23.07 13.13 28.86
N GLN C 727 21.94 13.50 28.27
CA GLN C 727 21.02 14.39 28.93
C GLN C 727 20.35 13.70 30.11
N ALA C 728 20.18 12.38 30.04
CA ALA C 728 19.82 11.63 31.23
C ALA C 728 20.99 11.48 32.18
N GLY C 729 22.21 11.67 31.70
CA GLY C 729 23.37 11.54 32.54
C GLY C 729 23.63 10.12 32.99
N ILE C 730 23.10 9.14 32.27
CA ILE C 730 23.50 7.77 32.50
C ILE C 730 24.93 7.61 32.00
N HIS C 731 25.73 6.85 32.72
CA HIS C 731 27.09 6.58 32.28
C HIS C 731 27.44 5.12 32.36
N LYS C 732 26.43 4.24 32.31
CA LYS C 732 26.64 2.82 32.07
C LYS C 732 25.61 2.42 31.02
N ILE C 733 25.94 2.65 29.76
CA ILE C 733 24.97 2.56 28.67
C ILE C 733 25.19 1.25 27.94
N VAL C 734 24.13 0.47 27.84
CA VAL C 734 24.19 -0.84 27.24
C VAL C 734 23.73 -0.74 25.80
N LEU C 735 24.68 -0.88 24.89
CA LEU C 735 24.44 -0.76 23.46
C LEU C 735 24.77 -2.08 22.78
N PRO C 736 24.29 -2.31 21.56
CA PRO C 736 24.72 -3.48 20.82
C PRO C 736 26.20 -3.47 20.51
N LYS C 737 26.76 -4.67 20.60
CA LYS C 737 28.05 -5.01 20.01
C LYS C 737 27.85 -5.40 18.55
N ASP C 738 26.67 -5.09 18.01
CA ASP C 738 26.40 -5.22 16.60
C ASP C 738 26.12 -3.89 15.94
N ASN C 739 25.79 -2.86 16.72
CA ASN C 739 25.85 -1.50 16.23
C ASN C 739 27.16 -0.83 16.60
N GLU C 740 28.17 -1.62 16.95
CA GLU C 740 29.45 -1.05 17.29
C GLU C 740 30.22 -0.63 16.05
N ALA C 741 29.80 -1.11 14.88
CA ALA C 741 30.25 -0.50 13.63
C ALA C 741 29.72 0.91 13.53
N GLN C 742 28.61 1.18 14.19
CA GLN C 742 28.05 2.51 14.22
C GLN C 742 28.49 3.27 15.45
N LEU C 743 29.26 2.62 16.33
CA LEU C 743 29.72 3.29 17.54
C LEU C 743 30.72 4.41 17.26
N GLU C 744 31.65 4.21 16.34
CA GLU C 744 32.67 5.19 16.05
C GLU C 744 32.30 6.06 14.86
N GLU C 745 31.03 6.07 14.49
CA GLU C 745 30.52 6.99 13.49
C GLU C 745 30.12 8.33 14.10
N LEU C 746 30.41 8.54 15.35
CA LEU C 746 29.87 9.66 16.10
C LEU C 746 30.98 10.57 16.60
N PRO C 747 30.68 11.84 16.85
CA PRO C 747 31.67 12.72 17.49
C PRO C 747 31.99 12.26 18.91
N LYS C 748 33.29 12.16 19.18
CA LYS C 748 33.80 11.34 20.28
C LYS C 748 33.59 11.93 21.66
N GLU C 749 33.10 13.17 21.72
CA GLU C 749 32.89 13.83 23.01
C GLU C 749 31.82 13.13 23.81
N VAL C 750 30.79 12.62 23.14
CA VAL C 750 29.70 11.93 23.79
C VAL C 750 30.18 10.63 24.40
N LEU C 751 30.96 9.85 23.65
CA LEU C 751 31.48 8.60 24.18
C LEU C 751 32.52 8.83 25.24
N GLU C 752 33.22 9.96 25.20
CA GLU C 752 34.01 10.33 26.37
C GLU C 752 33.13 10.62 27.57
N GLY C 753 31.99 11.27 27.35
CA GLY C 753 31.08 11.50 28.44
C GLY C 753 30.34 10.26 28.87
N LEU C 754 30.18 9.30 27.98
CA LEU C 754 29.29 8.18 28.24
C LEU C 754 30.03 6.87 28.09
N GLU C 755 30.21 6.16 29.19
CA GLU C 755 30.73 4.80 29.12
C GLU C 755 29.68 3.88 28.47
N ILE C 756 30.13 2.96 27.64
CA ILE C 756 29.25 2.06 26.91
C ILE C 756 29.53 0.63 27.33
N LYS C 757 28.50 -0.05 27.80
CA LYS C 757 28.57 -1.47 28.13
C LYS C 757 28.01 -2.24 26.94
N LEU C 758 28.87 -2.47 25.95
CA LEU C 758 28.44 -3.03 24.68
C LEU C 758 28.04 -4.49 24.85
N VAL C 759 26.91 -4.88 24.27
CA VAL C 759 26.42 -6.25 24.43
C VAL C 759 26.15 -6.87 23.07
N GLU C 760 26.51 -8.15 22.98
CA GLU C 760 26.03 -9.01 21.91
C GLU C 760 25.40 -10.25 22.50
N ASP C 761 25.78 -10.63 23.71
CA ASP C 761 25.11 -11.66 24.50
C ASP C 761 23.98 -11.00 25.27
N VAL C 762 22.93 -11.79 25.51
CA VAL C 762 21.89 -11.42 26.45
C VAL C 762 22.34 -11.66 27.89
N GLY C 763 23.20 -12.65 28.11
CA GLY C 763 23.60 -12.98 29.47
C GLY C 763 24.55 -11.95 30.08
N GLU C 764 25.12 -11.08 29.25
CA GLU C 764 25.98 -10.02 29.77
C GLU C 764 25.18 -9.00 30.57
N VAL C 765 24.03 -8.57 30.05
CA VAL C 765 23.25 -7.55 30.74
C VAL C 765 22.53 -8.16 31.94
N LEU C 766 22.42 -9.49 31.99
CA LEU C 766 21.86 -10.18 33.13
C LEU C 766 22.71 -10.08 34.39
N GLU C 767 24.00 -9.79 34.24
CA GLU C 767 24.82 -9.41 35.39
C GLU C 767 24.57 -7.96 35.81
N TYR C 768 24.26 -7.09 34.84
CA TYR C 768 24.29 -5.65 35.05
C TYR C 768 23.25 -5.21 36.08
N LEU C 769 21.98 -5.45 35.78
CA LEU C 769 20.94 -4.94 36.65
C LEU C 769 20.62 -5.87 37.82
N LEU C 770 21.35 -6.95 38.00
CA LEU C 770 21.20 -7.78 39.18
C LEU C 770 22.57 -8.17 39.70
N LEU C 771 23.03 -7.41 40.67
CA LEU C 771 23.95 -7.99 41.65
C LEU C 771 23.24 -9.17 42.33
N PRO C 772 21.90 -9.12 42.65
CA PRO C 772 21.25 -10.40 42.96
C PRO C 772 20.64 -11.07 41.74
N GLU C 773 21.47 -11.72 40.92
CA GLU C 773 20.92 -12.65 39.94
C GLU C 773 20.15 -13.79 40.63
N PRO C 774 20.60 -14.30 41.79
CA PRO C 774 19.55 -15.05 42.50
C PRO C 774 18.70 -14.13 43.34
#